data_9NE3
# 
_entry.id   9NE3 
# 
_audit_conform.dict_name       mmcif_pdbx.dic 
_audit_conform.dict_version    5.403 
_audit_conform.dict_location   http://mmcif.pdb.org/dictionaries/ascii/mmcif_pdbx.dic 
# 
loop_
_database_2.database_id 
_database_2.database_code 
_database_2.pdbx_database_accession 
_database_2.pdbx_DOI 
PDB   9NE3         pdb_00009ne3 10.2210/pdb9ne3/pdb 
WWPDB D_1000293184 ?            ?                   
# 
_pdbx_audit_revision_history.ordinal             1 
_pdbx_audit_revision_history.data_content_type   'Structure model' 
_pdbx_audit_revision_history.major_revision      1 
_pdbx_audit_revision_history.minor_revision      0 
_pdbx_audit_revision_history.revision_date       2025-04-09 
_pdbx_audit_revision_history.part_number         ? 
# 
_pdbx_audit_revision_details.ordinal             1 
_pdbx_audit_revision_details.revision_ordinal    1 
_pdbx_audit_revision_details.data_content_type   'Structure model' 
_pdbx_audit_revision_details.provider            repository 
_pdbx_audit_revision_details.type                'Initial release' 
_pdbx_audit_revision_details.description         ? 
_pdbx_audit_revision_details.details             ? 
# 
_pdbx_database_status.status_code                     REL 
_pdbx_database_status.status_code_sf                  REL 
_pdbx_database_status.status_code_mr                  ? 
_pdbx_database_status.entry_id                        9NE3 
_pdbx_database_status.recvd_initial_deposition_date   2025-02-19 
_pdbx_database_status.SG_entry                        N 
_pdbx_database_status.deposit_site                    RCSB 
_pdbx_database_status.process_site                    RCSB 
_pdbx_database_status.status_code_cs                  ? 
_pdbx_database_status.status_code_nmr_data            ? 
_pdbx_database_status.methods_development_category    ? 
_pdbx_database_status.pdb_format_compatible           Y 
# 
_pdbx_contact_author.id                 2 
_pdbx_contact_author.email              rs17@nyu.edu 
_pdbx_contact_author.name_first         Ruojie 
_pdbx_contact_author.name_last          Sha 
_pdbx_contact_author.name_mi            ? 
_pdbx_contact_author.role               'principal investigator/group leader' 
_pdbx_contact_author.identifier_ORCID   0000-0002-0807-734X 
# 
loop_
_audit_author.name 
_audit_author.pdbx_ordinal 
_audit_author.identifier_ORCID 
'Horvath, A.'   1 0009-0008-5770-8014 
'Vecchioni, S.' 2 0000-0001-8243-650X 
'Woloszyn, K.'  3 0000-0003-1200-583X 
'Ohayon, Y.P.'  4 0000-0001-7500-4282 
'Sha, R.'       5 0000-0002-0807-734X 
# 
_citation.abstract                  ? 
_citation.abstract_id_CAS           ? 
_citation.book_id_ISBN              ? 
_citation.book_publisher            ? 
_citation.book_publisher_city       ? 
_citation.book_title                ? 
_citation.coordinate_linkage        ? 
_citation.country                   ? 
_citation.database_id_Medline       ? 
_citation.details                   ? 
_citation.id                        primary 
_citation.journal_abbrev            'To Be Published' 
_citation.journal_id_ASTM           ? 
_citation.journal_id_CSD            0353 
_citation.journal_id_ISSN           ? 
_citation.journal_full              ? 
_citation.journal_issue             ? 
_citation.journal_volume            ? 
_citation.language                  ? 
_citation.page_first                ? 
_citation.page_last                 ? 
_citation.title                     'Shifted tensegrity triangles' 
_citation.year                      ? 
_citation.database_id_CSD           ? 
_citation.pdbx_database_id_DOI      ? 
_citation.pdbx_database_id_PubMed   ? 
_citation.pdbx_database_id_patent   ? 
_citation.unpublished_flag          ? 
# 
loop_
_citation_author.citation_id 
_citation_author.name 
_citation_author.ordinal 
_citation_author.identifier_ORCID 
primary 'Horvath, A.'   1 0009-0008-5770-8014 
primary 'Vecchioni, S.' 2 0000-0001-8243-650X 
primary 'Woloszyn, K.'  3 0000-0003-1200-583X 
primary 'Ohayon, Y.P.'  4 0000-0001-7500-4282 
primary 'Sha, R.'       5 0000-0002-0807-734X 
# 
loop_
_entity.id 
_entity.type 
_entity.src_method 
_entity.pdbx_description 
_entity.formula_weight 
_entity.pdbx_number_of_molecules 
_entity.pdbx_ec 
_entity.pdbx_mutation 
_entity.pdbx_fragment 
_entity.details 
1 polymer syn 
;DNA (5'-D(P*AP*CP*GP*GP*AP*CP*AP*GP*AP*GP*TP*GP*CP*A)-3')
;
4338.843 1 ? ? ? ? 
2 polymer syn 
;DNA (5'-D(P*CP*AP*CP*AP*CP*CP*GP*T)-3')
;
2371.582 1 ? ? ? ? 
3 polymer syn 
;DNA (5'-D(P*GP*GP*TP*GP*CP*AP*CP*TP*CP*TP*GP*TP*G)-3')
;
3998.595 1 ? ? ? ? 
4 polymer syn 
;DNA (5'-D(P*CP*CP*CP*TP*GP*TP*G)-3')
;
2089.385 1 ? ? ? ? 
# 
loop_
_entity_poly.entity_id 
_entity_poly.type 
_entity_poly.nstd_linkage 
_entity_poly.nstd_monomer 
_entity_poly.pdbx_seq_one_letter_code 
_entity_poly.pdbx_seq_one_letter_code_can 
_entity_poly.pdbx_strand_id 
_entity_poly.pdbx_target_identifier 
1 polydeoxyribonucleotide no no '(DA)(DC)(DG)(DG)(DA)(DC)(DA)(DG)(DA)(DG)(DT)(DG)(DC)(DA)' ACGGACAGAGTGCA A ? 
2 polydeoxyribonucleotide no no '(DC)(DA)(DC)(DA)(DC)(DC)(DG)(DT)'                         CACACCGT       B ? 
3 polydeoxyribonucleotide no no '(DG)(DG)(DT)(DG)(DC)(DA)(DC)(DT)(DC)(DT)(DG)(DT)(DG)'     GGTGCACTCTGTG  D ? 
4 polydeoxyribonucleotide no no '(DC)(DC)(DC)(DT)(DG)(DT)(DG)'                             CCCTGTG        X ? 
# 
loop_
_entity_poly_seq.entity_id 
_entity_poly_seq.num 
_entity_poly_seq.mon_id 
_entity_poly_seq.hetero 
1 1  DA n 
1 2  DC n 
1 3  DG n 
1 4  DG n 
1 5  DA n 
1 6  DC n 
1 7  DA n 
1 8  DG n 
1 9  DA n 
1 10 DG n 
1 11 DT n 
1 12 DG n 
1 13 DC n 
1 14 DA n 
2 1  DC n 
2 2  DA n 
2 3  DC n 
2 4  DA n 
2 5  DC n 
2 6  DC n 
2 7  DG n 
2 8  DT n 
3 1  DG n 
3 2  DG n 
3 3  DT n 
3 4  DG n 
3 5  DC n 
3 6  DA n 
3 7  DC n 
3 8  DT n 
3 9  DC n 
3 10 DT n 
3 11 DG n 
3 12 DT n 
3 13 DG n 
4 1  DC n 
4 2  DC n 
4 3  DC n 
4 4  DT n 
4 5  DG n 
4 6  DT n 
4 7  DG n 
# 
loop_
_pdbx_entity_src_syn.entity_id 
_pdbx_entity_src_syn.pdbx_src_id 
_pdbx_entity_src_syn.pdbx_alt_source_flag 
_pdbx_entity_src_syn.pdbx_beg_seq_num 
_pdbx_entity_src_syn.pdbx_end_seq_num 
_pdbx_entity_src_syn.organism_scientific 
_pdbx_entity_src_syn.organism_common_name 
_pdbx_entity_src_syn.ncbi_taxonomy_id 
_pdbx_entity_src_syn.details 
1 1 sample 1 14 'synthetic construct' ? 32630 ? 
2 1 sample 1 8  'synthetic construct' ? 32630 ? 
3 1 sample 1 13 'synthetic construct' ? 32630 ? 
4 1 sample 1 7  'synthetic construct' ? 32630 ? 
# 
loop_
_chem_comp.id 
_chem_comp.type 
_chem_comp.mon_nstd_flag 
_chem_comp.name 
_chem_comp.pdbx_synonyms 
_chem_comp.formula 
_chem_comp.formula_weight 
DA 'DNA linking' y "2'-DEOXYADENOSINE-5'-MONOPHOSPHATE" ? 'C10 H14 N5 O6 P' 331.222 
DC 'DNA linking' y "2'-DEOXYCYTIDINE-5'-MONOPHOSPHATE"  ? 'C9 H14 N3 O7 P'  307.197 
DG 'DNA linking' y "2'-DEOXYGUANOSINE-5'-MONOPHOSPHATE" ? 'C10 H14 N5 O7 P' 347.221 
DT 'DNA linking' y "THYMIDINE-5'-MONOPHOSPHATE"         ? 'C10 H15 N2 O8 P' 322.208 
# 
loop_
_pdbx_poly_seq_scheme.asym_id 
_pdbx_poly_seq_scheme.entity_id 
_pdbx_poly_seq_scheme.seq_id 
_pdbx_poly_seq_scheme.mon_id 
_pdbx_poly_seq_scheme.ndb_seq_num 
_pdbx_poly_seq_scheme.pdb_seq_num 
_pdbx_poly_seq_scheme.auth_seq_num 
_pdbx_poly_seq_scheme.pdb_mon_id 
_pdbx_poly_seq_scheme.auth_mon_id 
_pdbx_poly_seq_scheme.pdb_strand_id 
_pdbx_poly_seq_scheme.pdb_ins_code 
_pdbx_poly_seq_scheme.hetero 
A 1 1  DA 1  112 112 DA DA A . n 
A 1 2  DC 2  113 113 DC DC A . n 
A 1 3  DG 3  114 114 DG DG A . n 
A 1 4  DG 4  115 115 DG DG A . n 
A 1 5  DA 5  116 116 DA DA A . n 
A 1 6  DC 6  117 117 DC DC A . n 
A 1 7  DA 7  118 118 DA DA A . n 
A 1 8  DG 8  119 119 DG DG A . n 
A 1 9  DA 9  120 120 DA DA A . n 
A 1 10 DG 10 121 121 DG DG A . n 
A 1 11 DT 11 122 122 DT DT A . n 
A 1 12 DG 12 123 123 DG DG A . n 
A 1 13 DC 13 124 124 DC DC A . n 
A 1 14 DA 14 125 125 DA DA A . n 
B 2 1  DC 1  131 131 DC DC B . n 
B 2 2  DA 2  132 132 DA DA B . n 
B 2 3  DC 3  133 133 DC DC B . n 
B 2 4  DA 4  134 134 DA DA B . n 
B 2 5  DC 5  135 135 DC DC B . n 
B 2 6  DC 6  136 136 DC DC B . n 
B 2 7  DG 7  137 137 DG DG B . n 
B 2 8  DT 8  138 138 DT DT B . n 
C 3 1  DG 1  197 197 DG DG D . n 
C 3 2  DG 2  198 198 DG DG D . n 
C 3 3  DT 3  199 199 DT DT D . n 
C 3 4  DG 4  200 200 DG DG D . n 
C 3 5  DC 5  201 201 DC DC D . n 
C 3 6  DA 6  202 202 DA DA D . n 
C 3 7  DC 7  203 203 DC DC D . n 
C 3 8  DT 8  204 204 DT DT D . n 
C 3 9  DC 9  205 205 DC DC D . n 
C 3 10 DT 10 206 206 DT DT D . n 
C 3 11 DG 11 207 207 DG DG D . n 
C 3 12 DT 12 208 208 DT DT D . n 
C 3 13 DG 13 209 209 DG DG D . n 
D 4 1  DC 1  105 105 DC DC X . n 
D 4 2  DC 2  106 106 DC DC X . n 
D 4 3  DC 3  107 107 DC DC X . n 
D 4 4  DT 4  108 108 DT DT X . n 
D 4 5  DG 5  109 109 DG DG X . n 
D 4 6  DT 6  110 110 DT DT X . n 
D 4 7  DG 7  111 111 DG DG X . n 
# 
loop_
_software.citation_id 
_software.classification 
_software.compiler_name 
_software.compiler_version 
_software.contact_author 
_software.contact_author_email 
_software.date 
_software.description 
_software.dependencies 
_software.hardware 
_software.language 
_software.location 
_software.mods 
_software.name 
_software.os 
_software.os_version 
_software.type 
_software.version 
_software.pdbx_ordinal 
? refinement       ? ? ? ? ? ? ? ? ? ? ? PHENIX    ? ? ? 1.20.1_4487 1 
? 'data reduction' ? ? ? ? ? ? ? ? ? ? ? autoPROC  ? ? ? .           2 
? 'data scaling'   ? ? ? ? ? ? ? ? ? ? ? STARANISO ? ? ? .           3 
? phasing          ? ? ? ? ? ? ? ? ? ? ? PHASER    ? ? ? .           4 
# 
_cell.angle_alpha                  90.000 
_cell.angle_alpha_esd              ? 
_cell.angle_beta                   90.000 
_cell.angle_beta_esd               ? 
_cell.angle_gamma                  120.000 
_cell.angle_gamma_esd              ? 
_cell.entry_id                     9NE3 
_cell.details                      ? 
_cell.formula_units_Z              ? 
_cell.length_a                     133.933 
_cell.length_a_esd                 ? 
_cell.length_b                     133.933 
_cell.length_b_esd                 ? 
_cell.length_c                     49.824 
_cell.length_c_esd                 ? 
_cell.volume                       774006.158 
_cell.volume_esd                   ? 
_cell.Z_PDB                        6 
_cell.reciprocal_angle_alpha       ? 
_cell.reciprocal_angle_beta        ? 
_cell.reciprocal_angle_gamma       ? 
_cell.reciprocal_angle_alpha_esd   ? 
_cell.reciprocal_angle_beta_esd    ? 
_cell.reciprocal_angle_gamma_esd   ? 
_cell.reciprocal_length_a          ? 
_cell.reciprocal_length_b          ? 
_cell.reciprocal_length_c          ? 
_cell.reciprocal_length_a_esd      ? 
_cell.reciprocal_length_b_esd      ? 
_cell.reciprocal_length_c_esd      ? 
_cell.pdbx_unique_axis             ? 
_cell.pdbx_esd_method              ? 
# 
_symmetry.entry_id                         9NE3 
_symmetry.cell_setting                     ? 
_symmetry.Int_Tables_number                173 
_symmetry.space_group_name_Hall            'P 6c' 
_symmetry.space_group_name_H-M             'P 63' 
_symmetry.pdbx_full_space_group_name_H-M   ? 
# 
_exptl.absorpt_coefficient_mu     ? 
_exptl.absorpt_correction_T_max   ? 
_exptl.absorpt_correction_T_min   ? 
_exptl.absorpt_correction_type    ? 
_exptl.absorpt_process_details    ? 
_exptl.entry_id                   9NE3 
_exptl.crystals_number            1 
_exptl.details                    ? 
_exptl.method                     'X-RAY DIFFRACTION' 
_exptl.method_details             ? 
# 
_exptl_crystal.colour                       ? 
_exptl_crystal.density_diffrn               ? 
_exptl_crystal.density_Matthews             ? 
_exptl_crystal.density_method               ? 
_exptl_crystal.density_percent_sol          ? 
_exptl_crystal.description                  ? 
_exptl_crystal.F_000                        ? 
_exptl_crystal.id                           1 
_exptl_crystal.preparation                  ? 
_exptl_crystal.size_max                     ? 
_exptl_crystal.size_mid                     ? 
_exptl_crystal.size_min                     ? 
_exptl_crystal.size_rad                     ? 
_exptl_crystal.colour_lustre                ? 
_exptl_crystal.colour_modifier              ? 
_exptl_crystal.colour_primary               ? 
_exptl_crystal.density_meas                 ? 
_exptl_crystal.density_meas_esd             ? 
_exptl_crystal.density_meas_gt              ? 
_exptl_crystal.density_meas_lt              ? 
_exptl_crystal.density_meas_temp            ? 
_exptl_crystal.density_meas_temp_esd        ? 
_exptl_crystal.density_meas_temp_gt         ? 
_exptl_crystal.density_meas_temp_lt         ? 
_exptl_crystal.pdbx_crystal_image_url       ? 
_exptl_crystal.pdbx_crystal_image_format    ? 
_exptl_crystal.pdbx_mosaicity               ? 
_exptl_crystal.pdbx_mosaicity_esd           ? 
_exptl_crystal.pdbx_mosaic_method           ? 
_exptl_crystal.pdbx_mosaic_block_size       ? 
_exptl_crystal.pdbx_mosaic_block_size_esd   ? 
# 
_exptl_crystal_grow.apparatus       ? 
_exptl_crystal_grow.atmosphere      ? 
_exptl_crystal_grow.crystal_id      1 
_exptl_crystal_grow.details         ? 
_exptl_crystal_grow.method          'VAPOR DIFFUSION, HANGING DROP' 
_exptl_crystal_grow.method_ref      ? 
_exptl_crystal_grow.pH              ? 
_exptl_crystal_grow.pressure        ? 
_exptl_crystal_grow.pressure_esd    ? 
_exptl_crystal_grow.seeding         ? 
_exptl_crystal_grow.seeding_ref     ? 
_exptl_crystal_grow.temp_details    '338-293 at 0.4/hr' 
_exptl_crystal_grow.temp_esd        ? 
_exptl_crystal_grow.time            ? 
_exptl_crystal_grow.pdbx_details    '100 mM MOPS, 1.25 M magnesium sulfate' 
_exptl_crystal_grow.pdbx_pH_range   ? 
_exptl_crystal_grow.temp            293 
# 
_diffrn.ambient_environment              ? 
_diffrn.ambient_temp                     100 
_diffrn.ambient_temp_details             ? 
_diffrn.ambient_temp_esd                 ? 
_diffrn.crystal_id                       1 
_diffrn.crystal_support                  ? 
_diffrn.crystal_treatment                ? 
_diffrn.details                          ? 
_diffrn.id                               1 
_diffrn.ambient_pressure                 ? 
_diffrn.ambient_pressure_esd             ? 
_diffrn.ambient_pressure_gt              ? 
_diffrn.ambient_pressure_lt              ? 
_diffrn.ambient_temp_gt                  ? 
_diffrn.ambient_temp_lt                  ? 
_diffrn.pdbx_serial_crystal_experiment   N 
# 
_diffrn_detector.details                      ? 
_diffrn_detector.detector                     PIXEL 
_diffrn_detector.diffrn_id                    1 
_diffrn_detector.type                         'DECTRIS EIGER X 9M' 
_diffrn_detector.area_resol_mean              ? 
_diffrn_detector.dtime                        ? 
_diffrn_detector.pdbx_frames_total            ? 
_diffrn_detector.pdbx_collection_time_total   ? 
_diffrn_detector.pdbx_collection_date         2023-03-19 
_diffrn_detector.pdbx_frequency               ? 
_diffrn_detector.id                           ? 
_diffrn_detector.number_of_axes               ? 
# 
_diffrn_radiation.collimation                      ? 
_diffrn_radiation.diffrn_id                        1 
_diffrn_radiation.filter_edge                      ? 
_diffrn_radiation.inhomogeneity                    ? 
_diffrn_radiation.monochromator                    ? 
_diffrn_radiation.polarisn_norm                    ? 
_diffrn_radiation.polarisn_ratio                   ? 
_diffrn_radiation.probe                            ? 
_diffrn_radiation.type                             ? 
_diffrn_radiation.xray_symbol                      ? 
_diffrn_radiation.wavelength_id                    1 
_diffrn_radiation.pdbx_monochromatic_or_laue_m_l   M 
_diffrn_radiation.pdbx_wavelength_list             ? 
_diffrn_radiation.pdbx_wavelength                  ? 
_diffrn_radiation.pdbx_diffrn_protocol             'SINGLE WAVELENGTH' 
_diffrn_radiation.pdbx_analyzer                    ? 
_diffrn_radiation.pdbx_scattering_type             x-ray 
# 
_diffrn_radiation_wavelength.id           1 
_diffrn_radiation_wavelength.wavelength   0.991870 
_diffrn_radiation_wavelength.wt           1.0 
# 
_diffrn_source.current                     ? 
_diffrn_source.details                     ? 
_diffrn_source.diffrn_id                   1 
_diffrn_source.power                       ? 
_diffrn_source.size                        ? 
_diffrn_source.source                      SYNCHROTRON 
_diffrn_source.target                      ? 
_diffrn_source.type                        'APS BEAMLINE 17-ID' 
_diffrn_source.voltage                     ? 
_diffrn_source.take-off_angle              ? 
_diffrn_source.pdbx_wavelength_list        0.991870 
_diffrn_source.pdbx_wavelength             ? 
_diffrn_source.pdbx_synchrotron_beamline   17-ID 
_diffrn_source.pdbx_synchrotron_site       APS 
# 
_reflns.B_iso_Wilson_estimate                          342.53 
_reflns.entry_id                                       9NE3 
_reflns.data_reduction_details                         ? 
_reflns.data_reduction_method                          ? 
_reflns.d_resolution_high                              6.89 
_reflns.d_resolution_low                               19.70 
_reflns.details                                        ? 
_reflns.limit_h_max                                    ? 
_reflns.limit_h_min                                    ? 
_reflns.limit_k_max                                    ? 
_reflns.limit_k_min                                    ? 
_reflns.limit_l_max                                    ? 
_reflns.limit_l_min                                    ? 
_reflns.number_all                                     ? 
_reflns.number_obs                                     774 
_reflns.observed_criterion                             ? 
_reflns.observed_criterion_F_max                       ? 
_reflns.observed_criterion_F_min                       ? 
_reflns.observed_criterion_I_max                       ? 
_reflns.observed_criterion_I_min                       ? 
_reflns.observed_criterion_sigma_F                     ? 
_reflns.observed_criterion_sigma_I                     ? 
_reflns.percent_possible_obs                           90.6 
_reflns.R_free_details                                 ? 
_reflns.Rmerge_F_all                                   ? 
_reflns.Rmerge_F_obs                                   ? 
_reflns.Friedel_coverage                               ? 
_reflns.number_gt                                      ? 
_reflns.threshold_expression                           ? 
_reflns.pdbx_redundancy                                19.5 
_reflns.pdbx_netI_over_av_sigmaI                       ? 
_reflns.pdbx_netI_over_sigmaI                          7.4 
_reflns.pdbx_res_netI_over_av_sigmaI_2                 ? 
_reflns.pdbx_res_netI_over_sigmaI_2                    ? 
_reflns.pdbx_chi_squared                               ? 
_reflns.pdbx_scaling_rejects                           ? 
_reflns.pdbx_d_res_high_opt                            ? 
_reflns.pdbx_d_res_low_opt                             ? 
_reflns.pdbx_d_res_opt_method                          ? 
_reflns.phase_calculation_details                      ? 
_reflns.pdbx_Rrim_I_all                                ? 
_reflns.pdbx_Rpim_I_all                                ? 
_reflns.pdbx_d_opt                                     ? 
_reflns.pdbx_number_measured_all                       ? 
_reflns.pdbx_diffrn_id                                 1 
_reflns.pdbx_ordinal                                   1 
_reflns.pdbx_CC_half                                   .993 
_reflns.pdbx_CC_star                                   ? 
_reflns.pdbx_R_split                                   ? 
_reflns.pdbx_Rmerge_I_obs                              ? 
_reflns.pdbx_Rmerge_I_all                              ? 
_reflns.pdbx_Rsym_value                                ? 
_reflns.pdbx_CC_split_method                           ? 
_reflns.pdbx_aniso_diffraction_limit_axis_1_ortho[1]   ? 
_reflns.pdbx_aniso_diffraction_limit_axis_1_ortho[2]   ? 
_reflns.pdbx_aniso_diffraction_limit_axis_1_ortho[3]   ? 
_reflns.pdbx_aniso_diffraction_limit_axis_2_ortho[1]   ? 
_reflns.pdbx_aniso_diffraction_limit_axis_2_ortho[2]   ? 
_reflns.pdbx_aniso_diffraction_limit_axis_2_ortho[3]   ? 
_reflns.pdbx_aniso_diffraction_limit_axis_3_ortho[1]   ? 
_reflns.pdbx_aniso_diffraction_limit_axis_3_ortho[2]   ? 
_reflns.pdbx_aniso_diffraction_limit_axis_3_ortho[3]   ? 
_reflns.pdbx_aniso_diffraction_limit_1                 ? 
_reflns.pdbx_aniso_diffraction_limit_2                 ? 
_reflns.pdbx_aniso_diffraction_limit_3                 ? 
_reflns.pdbx_aniso_B_tensor_eigenvector_1_ortho[1]     ? 
_reflns.pdbx_aniso_B_tensor_eigenvector_1_ortho[2]     ? 
_reflns.pdbx_aniso_B_tensor_eigenvector_1_ortho[3]     ? 
_reflns.pdbx_aniso_B_tensor_eigenvector_2_ortho[1]     ? 
_reflns.pdbx_aniso_B_tensor_eigenvector_2_ortho[2]     ? 
_reflns.pdbx_aniso_B_tensor_eigenvector_2_ortho[3]     ? 
_reflns.pdbx_aniso_B_tensor_eigenvector_3_ortho[1]     ? 
_reflns.pdbx_aniso_B_tensor_eigenvector_3_ortho[2]     ? 
_reflns.pdbx_aniso_B_tensor_eigenvector_3_ortho[3]     ? 
_reflns.pdbx_aniso_B_tensor_eigenvalue_1               ? 
_reflns.pdbx_aniso_B_tensor_eigenvalue_2               ? 
_reflns.pdbx_aniso_B_tensor_eigenvalue_3               ? 
_reflns.pdbx_orthogonalization_convention              ? 
_reflns.pdbx_percent_possible_ellipsoidal              ? 
_reflns.pdbx_percent_possible_spherical                ? 
_reflns.pdbx_percent_possible_ellipsoidal_anomalous    ? 
_reflns.pdbx_percent_possible_spherical_anomalous      ? 
_reflns.pdbx_redundancy_anomalous                      ? 
_reflns.pdbx_CC_half_anomalous                         ? 
_reflns.pdbx_absDiff_over_sigma_anomalous              ? 
_reflns.pdbx_percent_possible_anomalous                ? 
_reflns.pdbx_observed_signal_threshold                 ? 
_reflns.pdbx_signal_type                               ? 
_reflns.pdbx_signal_details                            ? 
_reflns.pdbx_signal_software_id                        ? 
# 
loop_
_reflns_shell.d_res_high 
_reflns_shell.d_res_low 
_reflns_shell.meanI_over_sigI_all 
_reflns_shell.meanI_over_sigI_obs 
_reflns_shell.number_measured_all 
_reflns_shell.number_measured_obs 
_reflns_shell.number_possible 
_reflns_shell.number_unique_all 
_reflns_shell.number_unique_obs 
_reflns_shell.percent_possible_obs 
_reflns_shell.Rmerge_F_all 
_reflns_shell.Rmerge_F_obs 
_reflns_shell.meanI_over_sigI_gt 
_reflns_shell.meanI_over_uI_all 
_reflns_shell.meanI_over_uI_gt 
_reflns_shell.number_measured_gt 
_reflns_shell.number_unique_gt 
_reflns_shell.percent_possible_gt 
_reflns_shell.Rmerge_F_gt 
_reflns_shell.Rmerge_I_gt 
_reflns_shell.pdbx_redundancy 
_reflns_shell.pdbx_chi_squared 
_reflns_shell.pdbx_netI_over_sigmaI_all 
_reflns_shell.pdbx_netI_over_sigmaI_obs 
_reflns_shell.pdbx_Rrim_I_all 
_reflns_shell.pdbx_Rpim_I_all 
_reflns_shell.pdbx_rejects 
_reflns_shell.pdbx_ordinal 
_reflns_shell.pdbx_diffrn_id 
_reflns_shell.pdbx_CC_half 
_reflns_shell.pdbx_CC_star 
_reflns_shell.pdbx_R_split 
_reflns_shell.percent_possible_all 
_reflns_shell.Rmerge_I_all 
_reflns_shell.Rmerge_I_obs 
_reflns_shell.pdbx_Rsym_value 
_reflns_shell.pdbx_percent_possible_ellipsoidal 
_reflns_shell.pdbx_percent_possible_spherical 
_reflns_shell.pdbx_percent_possible_ellipsoidal_anomalous 
_reflns_shell.pdbx_percent_possible_spherical_anomalous 
_reflns_shell.pdbx_redundancy_anomalous 
_reflns_shell.pdbx_CC_half_anomalous 
_reflns_shell.pdbx_absDiff_over_sigma_anomalous 
_reflns_shell.pdbx_percent_possible_anomalous 
6.895 7.825  ? ? ? ? ? ? 193 ? ? ? ? ? ? ? ? ? ? ? ? ? ? ? ? ? ? 1 1 .096 ? ? ? ? ? ? ? ? ? ? ? ? ? ? 
10.96 19.697 ? ? ? ? ? ? 194 ? ? ? ? ? ? ? ? ? ? ? ? ? ? ? ? ? ? 2 1 .993 ? ? ? ? ? ? ? ? ? ? ? ? ? ? 
# 
_refine.aniso_B[1][1]                            ? 
_refine.aniso_B[1][2]                            ? 
_refine.aniso_B[1][3]                            ? 
_refine.aniso_B[2][2]                            ? 
_refine.aniso_B[2][3]                            ? 
_refine.aniso_B[3][3]                            ? 
_refine.B_iso_max                                ? 
_refine.B_iso_mean                               543.41 
_refine.B_iso_min                                ? 
_refine.correlation_coeff_Fo_to_Fc               ? 
_refine.correlation_coeff_Fo_to_Fc_free          ? 
_refine.details                                  ? 
_refine.diff_density_max                         ? 
_refine.diff_density_max_esd                     ? 
_refine.diff_density_min                         ? 
_refine.diff_density_min_esd                     ? 
_refine.diff_density_rms                         ? 
_refine.diff_density_rms_esd                     ? 
_refine.entry_id                                 9NE3 
_refine.pdbx_refine_id                           'X-RAY DIFFRACTION' 
_refine.ls_abs_structure_details                 ? 
_refine.ls_abs_structure_Flack                   ? 
_refine.ls_abs_structure_Flack_esd               ? 
_refine.ls_abs_structure_Rogers                  ? 
_refine.ls_abs_structure_Rogers_esd              ? 
_refine.ls_d_res_high                            6.89 
_refine.ls_d_res_low                             19.70 
_refine.ls_extinction_coef                       ? 
_refine.ls_extinction_coef_esd                   ? 
_refine.ls_extinction_expression                 ? 
_refine.ls_extinction_method                     ? 
_refine.ls_goodness_of_fit_all                   ? 
_refine.ls_goodness_of_fit_all_esd               ? 
_refine.ls_goodness_of_fit_obs                   ? 
_refine.ls_goodness_of_fit_obs_esd               ? 
_refine.ls_hydrogen_treatment                    ? 
_refine.ls_matrix_type                           ? 
_refine.ls_number_constraints                    ? 
_refine.ls_number_parameters                     ? 
_refine.ls_number_reflns_all                     ? 
_refine.ls_number_reflns_obs                     774 
_refine.ls_number_reflns_R_free                  44 
_refine.ls_number_reflns_R_work                  730 
_refine.ls_number_restraints                     ? 
_refine.ls_percent_reflns_obs                    88.97 
_refine.ls_percent_reflns_R_free                 5.68 
_refine.ls_R_factor_all                          ? 
_refine.ls_R_factor_obs                          0.2076 
_refine.ls_R_factor_R_free                       0.2427 
_refine.ls_R_factor_R_free_error                 ? 
_refine.ls_R_factor_R_free_error_details         ? 
_refine.ls_R_factor_R_work                       0.2036 
_refine.ls_R_Fsqd_factor_obs                     ? 
_refine.ls_R_I_factor_obs                        ? 
_refine.ls_redundancy_reflns_all                 ? 
_refine.ls_redundancy_reflns_obs                 ? 
_refine.ls_restrained_S_all                      ? 
_refine.ls_restrained_S_obs                      ? 
_refine.ls_shift_over_esd_max                    ? 
_refine.ls_shift_over_esd_mean                   ? 
_refine.ls_structure_factor_coef                 ? 
_refine.ls_weighting_details                     ? 
_refine.ls_weighting_scheme                      ? 
_refine.ls_wR_factor_all                         ? 
_refine.ls_wR_factor_obs                         ? 
_refine.ls_wR_factor_R_free                      ? 
_refine.ls_wR_factor_R_work                      ? 
_refine.occupancy_max                            ? 
_refine.occupancy_min                            ? 
_refine.solvent_model_details                    'FLAT BULK SOLVENT MODEL' 
_refine.solvent_model_param_bsol                 ? 
_refine.solvent_model_param_ksol                 ? 
_refine.correlation_coeff_I_to_Fcsqd_work        ? 
_refine.correlation_coeff_I_to_Fcsqd_free        ? 
_refine.pdbx_R_complete                          ? 
_refine.ls_R_factor_gt                           ? 
_refine.ls_goodness_of_fit_gt                    ? 
_refine.ls_goodness_of_fit_ref                   ? 
_refine.ls_shift_over_su_max                     ? 
_refine.ls_shift_over_su_max_lt                  ? 
_refine.ls_shift_over_su_mean                    ? 
_refine.ls_shift_over_su_mean_lt                 ? 
_refine.pdbx_ls_sigma_I                          ? 
_refine.pdbx_ls_sigma_F                          1.34 
_refine.pdbx_ls_sigma_Fsqd                       ? 
_refine.pdbx_data_cutoff_high_absF               ? 
_refine.pdbx_data_cutoff_high_rms_absF           ? 
_refine.pdbx_data_cutoff_low_absF                ? 
_refine.pdbx_isotropic_thermal_model             ? 
_refine.pdbx_ls_cross_valid_method               'FREE R-VALUE' 
_refine.pdbx_method_to_determine_struct          'MOLECULAR REPLACEMENT' 
_refine.pdbx_starting_model                      ? 
_refine.pdbx_stereochemistry_target_values       'GeoStd + Monomer Library + CDL v1.2' 
_refine.pdbx_R_Free_selection_details            ? 
_refine.pdbx_stereochem_target_val_spec_case     ? 
_refine.pdbx_overall_ESU_R                       ? 
_refine.pdbx_overall_ESU_R_Free                  ? 
_refine.pdbx_solvent_vdw_probe_radii             1.1000 
_refine.pdbx_solvent_ion_probe_radii             ? 
_refine.pdbx_solvent_shrinkage_radii             0.9000 
_refine.pdbx_real_space_R                        ? 
_refine.pdbx_density_correlation                 ? 
_refine.pdbx_pd_number_of_powder_patterns        ? 
_refine.pdbx_pd_number_of_points                 ? 
_refine.pdbx_pd_meas_number_of_points            ? 
_refine.pdbx_pd_proc_ls_prof_R_factor            ? 
_refine.pdbx_pd_proc_ls_prof_wR_factor           ? 
_refine.pdbx_pd_Marquardt_correlation_coeff      ? 
_refine.pdbx_pd_Fsqrd_R_factor                   ? 
_refine.pdbx_pd_ls_matrix_band_width             ? 
_refine.pdbx_overall_phase_error                 28.8066 
_refine.pdbx_overall_SU_R_free_Cruickshank_DPI   ? 
_refine.pdbx_overall_SU_R_free_Blow_DPI          ? 
_refine.pdbx_overall_SU_R_Blow_DPI               ? 
_refine.pdbx_TLS_residual_ADP_flag               ? 
_refine.pdbx_diffrn_id                           1 
_refine.overall_SU_B                             ? 
_refine.overall_SU_ML                            0.0000 
_refine.overall_SU_R_Cruickshank_DPI             ? 
_refine.overall_SU_R_free                        ? 
_refine.overall_FOM_free_R_set                   ? 
_refine.overall_FOM_work_R_set                   ? 
_refine.pdbx_average_fsc_overall                 ? 
_refine.pdbx_average_fsc_work                    ? 
_refine.pdbx_average_fsc_free                    ? 
# 
_refine_hist.pdbx_refine_id                   'X-RAY DIFFRACTION' 
_refine_hist.cycle_id                         LAST 
_refine_hist.details                          ? 
_refine_hist.d_res_high                       6.89 
_refine_hist.d_res_low                        19.70 
_refine_hist.number_atoms_solvent             0 
_refine_hist.number_atoms_total               861 
_refine_hist.number_reflns_all                ? 
_refine_hist.number_reflns_obs                ? 
_refine_hist.number_reflns_R_free             ? 
_refine_hist.number_reflns_R_work             ? 
_refine_hist.R_factor_all                     ? 
_refine_hist.R_factor_obs                     ? 
_refine_hist.R_factor_R_free                  ? 
_refine_hist.R_factor_R_work                  ? 
_refine_hist.pdbx_number_residues_total       ? 
_refine_hist.pdbx_B_iso_mean_ligand           ? 
_refine_hist.pdbx_B_iso_mean_solvent          ? 
_refine_hist.pdbx_number_atoms_protein        0 
_refine_hist.pdbx_number_atoms_nucleic_acid   861 
_refine_hist.pdbx_number_atoms_ligand         0 
_refine_hist.pdbx_number_atoms_lipid          ? 
_refine_hist.pdbx_number_atoms_carb           ? 
_refine_hist.pdbx_pseudo_atom_details         ? 
# 
loop_
_refine_ls_restr.pdbx_refine_id 
_refine_ls_restr.criterion 
_refine_ls_restr.dev_ideal 
_refine_ls_restr.dev_ideal_target 
_refine_ls_restr.number 
_refine_ls_restr.rejects 
_refine_ls_restr.type 
_refine_ls_restr.weight 
_refine_ls_restr.pdbx_restraint_function 
'X-RAY DIFFRACTION' ? 0.0055  ? 962  ? f_bond_d           ? ? 
'X-RAY DIFFRACTION' ? 0.7820  ? 1475 ? f_angle_d          ? ? 
'X-RAY DIFFRACTION' ? 0.0406  ? 168  ? f_chiral_restr     ? ? 
'X-RAY DIFFRACTION' ? 0.0047  ? 42   ? f_plane_restr      ? ? 
'X-RAY DIFFRACTION' ? 39.3697 ? 408  ? f_dihedral_angle_d ? ? 
# 
_refine_ls_shell.pdbx_refine_id                      'X-RAY DIFFRACTION' 
_refine_ls_shell.d_res_high                          6.89 
_refine_ls_shell.d_res_low                           19.70 
_refine_ls_shell.number_reflns_all                   ? 
_refine_ls_shell.number_reflns_obs                   ? 
_refine_ls_shell.number_reflns_R_free                44 
_refine_ls_shell.number_reflns_R_work                730 
_refine_ls_shell.percent_reflns_obs                  88.97 
_refine_ls_shell.percent_reflns_R_free               ? 
_refine_ls_shell.R_factor_all                        ? 
_refine_ls_shell.R_factor_obs                        ? 
_refine_ls_shell.R_factor_R_free_error               ? 
_refine_ls_shell.R_factor_R_work                     0.2036 
_refine_ls_shell.redundancy_reflns_all               ? 
_refine_ls_shell.redundancy_reflns_obs               ? 
_refine_ls_shell.wR_factor_all                       ? 
_refine_ls_shell.wR_factor_obs                       ? 
_refine_ls_shell.wR_factor_R_free                    ? 
_refine_ls_shell.wR_factor_R_work                    ? 
_refine_ls_shell.pdbx_R_complete                     ? 
_refine_ls_shell.correlation_coeff_Fo_to_Fc          ? 
_refine_ls_shell.correlation_coeff_Fo_to_Fc_free     ? 
_refine_ls_shell.correlation_coeff_I_to_Fcsqd_work   ? 
_refine_ls_shell.correlation_coeff_I_to_Fcsqd_free   ? 
_refine_ls_shell.pdbx_total_number_of_bins_used      ? 
_refine_ls_shell.pdbx_phase_error                    ? 
_refine_ls_shell.pdbx_fsc_work                       ? 
_refine_ls_shell.pdbx_fsc_free                       ? 
_refine_ls_shell.R_factor_R_free                     0.2427 
# 
_struct.entry_id                     9NE3 
_struct.title                        
;[1,8,10,P-2] Shifted tensegrity triangle with an (arm,center,arm) distribution of (1,8,10) base pairs, 1 nt sticky ends, and 5' phosphates
;
_struct.pdbx_model_details           ? 
_struct.pdbx_formula_weight          ? 
_struct.pdbx_formula_weight_method   ? 
_struct.pdbx_model_type_details      ? 
_struct.pdbx_CASP_flag               N 
# 
_struct_keywords.entry_id        9NE3 
_struct_keywords.text            'tensegrity triangle, DNA' 
_struct_keywords.pdbx_keywords   DNA 
# 
loop_
_struct_asym.id 
_struct_asym.pdbx_blank_PDB_chainid_flag 
_struct_asym.pdbx_modified 
_struct_asym.entity_id 
_struct_asym.details 
A N N 1 ? 
B N N 2 ? 
C N N 3 ? 
D N N 4 ? 
# 
loop_
_struct_ref.id 
_struct_ref.db_name 
_struct_ref.db_code 
_struct_ref.pdbx_db_accession 
_struct_ref.pdbx_db_isoform 
_struct_ref.entity_id 
_struct_ref.pdbx_seq_one_letter_code 
_struct_ref.pdbx_align_begin 
1 PDB 9NE3 9NE3 ? 1 ? 1 
2 PDB 9NE3 9NE3 ? 2 ? 1 
3 PDB 9NE3 9NE3 ? 3 ? 1 
4 PDB 9NE3 9NE3 ? 4 ? 1 
# 
loop_
_struct_ref_seq.align_id 
_struct_ref_seq.ref_id 
_struct_ref_seq.pdbx_PDB_id_code 
_struct_ref_seq.pdbx_strand_id 
_struct_ref_seq.seq_align_beg 
_struct_ref_seq.pdbx_seq_align_beg_ins_code 
_struct_ref_seq.seq_align_end 
_struct_ref_seq.pdbx_seq_align_end_ins_code 
_struct_ref_seq.pdbx_db_accession 
_struct_ref_seq.db_align_beg 
_struct_ref_seq.pdbx_db_align_beg_ins_code 
_struct_ref_seq.db_align_end 
_struct_ref_seq.pdbx_db_align_end_ins_code 
_struct_ref_seq.pdbx_auth_seq_align_beg 
_struct_ref_seq.pdbx_auth_seq_align_end 
1 1 9NE3 A 1 ? 14 ? 9NE3 112 ? 125 ? 112 125 
2 2 9NE3 B 1 ? 8  ? 9NE3 131 ? 138 ? 131 138 
3 3 9NE3 D 1 ? 13 ? 9NE3 197 ? 209 ? 197 209 
4 4 9NE3 X 1 ? 7  ? 9NE3 105 ? 111 ? 105 111 
# 
_pdbx_struct_assembly.id                   1 
_pdbx_struct_assembly.details              author_defined_assembly 
_pdbx_struct_assembly.method_details       ? 
_pdbx_struct_assembly.oligomeric_details   dodecameric 
_pdbx_struct_assembly.oligomeric_count     12 
# 
loop_
_pdbx_struct_assembly_gen.assembly_id 
_pdbx_struct_assembly_gen.oper_expression 
_pdbx_struct_assembly_gen.asym_id_list 
1 1 A,B,C,D 
1 2 A,B,C,D 
1 3 A,B,C,D 
# 
_pdbx_struct_assembly_auth_evidence.id                     1 
_pdbx_struct_assembly_auth_evidence.assembly_id            1 
_pdbx_struct_assembly_auth_evidence.experimental_support   'native gel electrophoresis' 
_pdbx_struct_assembly_auth_evidence.details                ? 
# 
loop_
_pdbx_struct_oper_list.id 
_pdbx_struct_oper_list.type 
_pdbx_struct_oper_list.name 
_pdbx_struct_oper_list.symmetry_operation 
_pdbx_struct_oper_list.matrix[1][1] 
_pdbx_struct_oper_list.matrix[1][2] 
_pdbx_struct_oper_list.matrix[1][3] 
_pdbx_struct_oper_list.vector[1] 
_pdbx_struct_oper_list.matrix[2][1] 
_pdbx_struct_oper_list.matrix[2][2] 
_pdbx_struct_oper_list.matrix[2][3] 
_pdbx_struct_oper_list.vector[2] 
_pdbx_struct_oper_list.matrix[3][1] 
_pdbx_struct_oper_list.matrix[3][2] 
_pdbx_struct_oper_list.matrix[3][3] 
_pdbx_struct_oper_list.vector[3] 
1 'identity operation'         1_555 x,y,z       1.0000000000  0.0000000000  0.0000000000  0.0000000000   0.0000000000  1.0000000000  0.0000000000 0.0000000000   0.0000000000  0.0000000000 1.0000000000 0.0000000000   
2 'crystal symmetry operation' 2_545 -y,x-y-1,z  -0.1901034101 -0.9815835228 0.0188276712  -37.1621912422 0.2121010594  -0.0223380308 0.9769924017 -4.5490512278  -0.9585790703 0.1897229562 0.2124414409 -20.7847070531 
3 'crystal symmetry operation' 3_655 -x+y+1,-x,z -0.1901034101 0.2121010594  -0.9585790703 -26.0235858621 -0.9815835228 -0.0223380308 0.1897229562 -32.6360753770 0.0188276712  0.9769924017 0.2124414409 9.5595991166 
# 
loop_
_struct_conn.id 
_struct_conn.conn_type_id 
_struct_conn.pdbx_leaving_atom_flag 
_struct_conn.pdbx_PDB_id 
_struct_conn.ptnr1_label_asym_id 
_struct_conn.ptnr1_label_comp_id 
_struct_conn.ptnr1_label_seq_id 
_struct_conn.ptnr1_label_atom_id 
_struct_conn.pdbx_ptnr1_label_alt_id 
_struct_conn.pdbx_ptnr1_PDB_ins_code 
_struct_conn.pdbx_ptnr1_standard_comp_id 
_struct_conn.ptnr1_symmetry 
_struct_conn.ptnr2_label_asym_id 
_struct_conn.ptnr2_label_comp_id 
_struct_conn.ptnr2_label_seq_id 
_struct_conn.ptnr2_label_atom_id 
_struct_conn.pdbx_ptnr2_label_alt_id 
_struct_conn.pdbx_ptnr2_PDB_ins_code 
_struct_conn.ptnr1_auth_asym_id 
_struct_conn.ptnr1_auth_comp_id 
_struct_conn.ptnr1_auth_seq_id 
_struct_conn.ptnr2_auth_asym_id 
_struct_conn.ptnr2_auth_comp_id 
_struct_conn.ptnr2_auth_seq_id 
_struct_conn.ptnr2_symmetry 
_struct_conn.pdbx_ptnr3_label_atom_id 
_struct_conn.pdbx_ptnr3_label_seq_id 
_struct_conn.pdbx_ptnr3_label_comp_id 
_struct_conn.pdbx_ptnr3_label_asym_id 
_struct_conn.pdbx_ptnr3_label_alt_id 
_struct_conn.pdbx_ptnr3_PDB_ins_code 
_struct_conn.details 
_struct_conn.pdbx_dist_value 
_struct_conn.pdbx_value_order 
_struct_conn.pdbx_role 
hydrog1  hydrog ? ? A DA 1  N1 ? ? ? 1_555 B DT 8  N3 ? ? A DA 112 B DT 138 1_555 ? ? ? ? ? ? WATSON-CRICK ? ? ? 
hydrog2  hydrog ? ? A DA 1  N6 ? ? ? 1_555 B DT 8  O4 ? ? A DA 112 B DT 138 1_555 ? ? ? ? ? ? WATSON-CRICK ? ? ? 
hydrog3  hydrog ? ? A DC 2  N3 ? ? ? 1_555 B DG 7  N1 ? ? A DC 113 B DG 137 1_555 ? ? ? ? ? ? WATSON-CRICK ? ? ? 
hydrog4  hydrog ? ? A DC 2  N4 ? ? ? 1_555 B DG 7  O6 ? ? A DC 113 B DG 137 1_555 ? ? ? ? ? ? WATSON-CRICK ? ? ? 
hydrog5  hydrog ? ? A DC 2  O2 ? ? ? 1_555 B DG 7  N2 ? ? A DC 113 B DG 137 1_555 ? ? ? ? ? ? WATSON-CRICK ? ? ? 
hydrog6  hydrog ? ? A DG 4  N1 ? ? ? 1_555 B DC 6  N3 ? ? A DG 115 B DC 136 1_555 ? ? ? ? ? ? WATSON-CRICK ? ? ? 
hydrog7  hydrog ? ? A DG 4  N2 ? ? ? 1_555 B DC 6  O2 ? ? A DG 115 B DC 136 1_555 ? ? ? ? ? ? WATSON-CRICK ? ? ? 
hydrog8  hydrog ? ? A DG 4  O6 ? ? ? 1_555 B DC 6  N4 ? ? A DG 115 B DC 136 1_555 ? ? ? ? ? ? WATSON-CRICK ? ? ? 
hydrog9  hydrog ? ? A DA 5  N1 ? ? ? 1_555 C DT 12 N3 ? ? A DA 116 D DT 208 1_555 ? ? ? ? ? ? WATSON-CRICK ? ? ? 
hydrog10 hydrog ? ? A DA 5  N6 ? ? ? 1_555 C DT 12 O4 ? ? A DA 116 D DT 208 1_555 ? ? ? ? ? ? WATSON-CRICK ? ? ? 
hydrog11 hydrog ? ? A DC 6  N3 ? ? ? 1_555 C DG 11 N1 ? ? A DC 117 D DG 207 1_555 ? ? ? ? ? ? WATSON-CRICK ? ? ? 
hydrog12 hydrog ? ? A DC 6  N4 ? ? ? 1_555 C DG 11 O6 ? ? A DC 117 D DG 207 1_555 ? ? ? ? ? ? WATSON-CRICK ? ? ? 
hydrog13 hydrog ? ? A DC 6  O2 ? ? ? 1_555 C DG 11 N2 ? ? A DC 117 D DG 207 1_555 ? ? ? ? ? ? WATSON-CRICK ? ? ? 
hydrog14 hydrog ? ? A DA 7  N1 ? ? ? 1_555 C DT 10 N3 ? ? A DA 118 D DT 206 1_555 ? ? ? ? ? ? WATSON-CRICK ? ? ? 
hydrog15 hydrog ? ? A DA 7  N6 ? ? ? 1_555 C DT 10 O4 ? ? A DA 118 D DT 206 1_555 ? ? ? ? ? ? WATSON-CRICK ? ? ? 
hydrog16 hydrog ? ? A DG 8  N1 ? ? ? 1_555 C DC 9  N3 ? ? A DG 119 D DC 205 1_555 ? ? ? ? ? ? WATSON-CRICK ? ? ? 
hydrog17 hydrog ? ? A DG 8  N2 ? ? ? 1_555 C DC 9  O2 ? ? A DG 119 D DC 205 1_555 ? ? ? ? ? ? WATSON-CRICK ? ? ? 
hydrog18 hydrog ? ? A DG 8  O6 ? ? ? 1_555 C DC 9  N4 ? ? A DG 119 D DC 205 1_555 ? ? ? ? ? ? WATSON-CRICK ? ? ? 
hydrog19 hydrog ? ? A DA 9  N1 ? ? ? 1_555 C DT 8  N3 ? ? A DA 120 D DT 204 1_555 ? ? ? ? ? ? WATSON-CRICK ? ? ? 
hydrog20 hydrog ? ? A DA 9  N6 ? ? ? 1_555 C DT 8  O4 ? ? A DA 120 D DT 204 1_555 ? ? ? ? ? ? WATSON-CRICK ? ? ? 
hydrog21 hydrog ? ? A DG 10 N1 ? ? ? 1_555 C DC 7  N3 ? ? A DG 121 D DC 203 1_555 ? ? ? ? ? ? WATSON-CRICK ? ? ? 
hydrog22 hydrog ? ? A DG 10 N2 ? ? ? 1_555 C DC 7  O2 ? ? A DG 121 D DC 203 1_555 ? ? ? ? ? ? WATSON-CRICK ? ? ? 
hydrog23 hydrog ? ? A DG 10 O6 ? ? ? 1_555 C DC 7  N4 ? ? A DG 121 D DC 203 1_555 ? ? ? ? ? ? WATSON-CRICK ? ? ? 
hydrog24 hydrog ? ? A DT 11 N3 ? ? ? 1_555 C DA 6  N1 ? ? A DT 122 D DA 202 1_555 ? ? ? ? ? ? WATSON-CRICK ? ? ? 
hydrog25 hydrog ? ? A DT 11 O4 ? ? ? 1_555 C DA 6  N6 ? ? A DT 122 D DA 202 1_555 ? ? ? ? ? ? WATSON-CRICK ? ? ? 
hydrog26 hydrog ? ? A DG 12 N1 ? ? ? 1_555 C DC 5  N3 ? ? A DG 123 D DC 201 1_555 ? ? ? ? ? ? WATSON-CRICK ? ? ? 
hydrog27 hydrog ? ? A DG 12 N2 ? ? ? 1_555 C DC 5  O2 ? ? A DG 123 D DC 201 1_555 ? ? ? ? ? ? WATSON-CRICK ? ? ? 
hydrog28 hydrog ? ? A DG 12 O6 ? ? ? 1_555 C DC 5  N4 ? ? A DG 123 D DC 201 1_555 ? ? ? ? ? ? WATSON-CRICK ? ? ? 
hydrog29 hydrog ? ? A DC 13 N3 ? ? ? 1_555 C DG 4  N1 ? ? A DC 124 D DG 200 1_555 ? ? ? ? ? ? WATSON-CRICK ? ? ? 
hydrog30 hydrog ? ? A DC 13 N4 ? ? ? 1_555 C DG 4  O6 ? ? A DC 124 D DG 200 1_555 ? ? ? ? ? ? WATSON-CRICK ? ? ? 
hydrog31 hydrog ? ? A DC 13 O2 ? ? ? 1_555 C DG 4  N2 ? ? A DC 124 D DG 200 1_555 ? ? ? ? ? ? WATSON-CRICK ? ? ? 
hydrog32 hydrog ? ? B DC 1  N3 ? ? ? 1_555 D DG 7  N1 ? ? B DC 131 X DG 111 1_555 ? ? ? ? ? ? WATSON-CRICK ? ? ? 
hydrog33 hydrog ? ? B DC 1  N4 ? ? ? 1_555 D DG 7  O6 ? ? B DC 131 X DG 111 1_555 ? ? ? ? ? ? WATSON-CRICK ? ? ? 
hydrog34 hydrog ? ? B DC 1  O2 ? ? ? 1_555 D DG 7  N2 ? ? B DC 131 X DG 111 1_555 ? ? ? ? ? ? WATSON-CRICK ? ? ? 
hydrog35 hydrog ? ? B DA 2  N1 ? ? ? 1_555 D DT 6  N3 ? ? B DA 132 X DT 110 1_555 ? ? ? ? ? ? WATSON-CRICK ? ? ? 
hydrog36 hydrog ? ? B DA 2  N6 ? ? ? 1_555 D DT 6  O4 ? ? B DA 132 X DT 110 1_555 ? ? ? ? ? ? WATSON-CRICK ? ? ? 
hydrog37 hydrog ? ? B DC 3  N3 ? ? ? 1_555 D DG 5  N1 ? ? B DC 133 X DG 109 1_555 ? ? ? ? ? ? WATSON-CRICK ? ? ? 
hydrog38 hydrog ? ? B DC 3  N4 ? ? ? 1_555 D DG 5  O6 ? ? B DC 133 X DG 109 1_555 ? ? ? ? ? ? WATSON-CRICK ? ? ? 
hydrog39 hydrog ? ? B DC 3  O2 ? ? ? 1_555 D DG 5  N2 ? ? B DC 133 X DG 109 1_555 ? ? ? ? ? ? WATSON-CRICK ? ? ? 
hydrog40 hydrog ? ? B DA 4  N1 ? ? ? 1_555 D DT 4  N3 ? ? B DA 134 X DT 108 1_555 ? ? ? ? ? ? WATSON-CRICK ? ? ? 
hydrog41 hydrog ? ? B DA 4  N6 ? ? ? 1_555 D DT 4  O4 ? ? B DA 134 X DT 108 1_555 ? ? ? ? ? ? WATSON-CRICK ? ? ? 
hydrog42 hydrog ? ? C DG 13 N1 ? ? ? 1_555 D DC 3  N3 ? ? D DG 209 X DC 107 1_555 ? ? ? ? ? ? WATSON-CRICK ? ? ? 
hydrog43 hydrog ? ? C DG 13 N2 ? ? ? 1_555 D DC 3  O2 ? ? D DG 209 X DC 107 1_555 ? ? ? ? ? ? WATSON-CRICK ? ? ? 
hydrog44 hydrog ? ? C DG 13 O6 ? ? ? 1_555 D DC 3  N4 ? ? D DG 209 X DC 107 1_555 ? ? ? ? ? ? WATSON-CRICK ? ? ? 
# 
_struct_conn_type.id          hydrog 
_struct_conn_type.criteria    ? 
_struct_conn_type.reference   ? 
# 
_pdbx_entry_details.entry_id                   9NE3 
_pdbx_entry_details.compound_details           ? 
_pdbx_entry_details.source_details             ? 
_pdbx_entry_details.nonpolymer_details         ? 
_pdbx_entry_details.sequence_details           ? 
_pdbx_entry_details.has_ligand_of_interest     ? 
_pdbx_entry_details.has_protein_modification   N 
# 
_pdbx_validate_rmsd_angle.id                         1 
_pdbx_validate_rmsd_angle.PDB_model_num              1 
_pdbx_validate_rmsd_angle.auth_atom_id_1             "O4'" 
_pdbx_validate_rmsd_angle.auth_asym_id_1             A 
_pdbx_validate_rmsd_angle.auth_comp_id_1             DC 
_pdbx_validate_rmsd_angle.auth_seq_id_1              124 
_pdbx_validate_rmsd_angle.PDB_ins_code_1             ? 
_pdbx_validate_rmsd_angle.label_alt_id_1             ? 
_pdbx_validate_rmsd_angle.auth_atom_id_2             "C1'" 
_pdbx_validate_rmsd_angle.auth_asym_id_2             A 
_pdbx_validate_rmsd_angle.auth_comp_id_2             DC 
_pdbx_validate_rmsd_angle.auth_seq_id_2              124 
_pdbx_validate_rmsd_angle.PDB_ins_code_2             ? 
_pdbx_validate_rmsd_angle.label_alt_id_2             ? 
_pdbx_validate_rmsd_angle.auth_atom_id_3             N1 
_pdbx_validate_rmsd_angle.auth_asym_id_3             A 
_pdbx_validate_rmsd_angle.auth_comp_id_3             DC 
_pdbx_validate_rmsd_angle.auth_seq_id_3              124 
_pdbx_validate_rmsd_angle.PDB_ins_code_3             ? 
_pdbx_validate_rmsd_angle.label_alt_id_3             ? 
_pdbx_validate_rmsd_angle.angle_value                110.51 
_pdbx_validate_rmsd_angle.angle_target_value         108.30 
_pdbx_validate_rmsd_angle.angle_deviation            2.21 
_pdbx_validate_rmsd_angle.angle_standard_deviation   0.30 
_pdbx_validate_rmsd_angle.linker_flag                N 
# 
loop_
_space_group_symop.id 
_space_group_symop.operation_xyz 
1 x,y,z        
2 x-y,x,z+1/2  
3 y,-x+y,z+1/2 
4 -y,x-y,z     
5 -x+y,-x,z    
6 -x,-y,z+1/2  
# 
loop_
_pdbx_refine_tls.id 
_pdbx_refine_tls.pdbx_refine_id 
_pdbx_refine_tls.details 
_pdbx_refine_tls.method 
_pdbx_refine_tls.origin_x 
_pdbx_refine_tls.origin_y 
_pdbx_refine_tls.origin_z 
_pdbx_refine_tls.T[1][1] 
_pdbx_refine_tls.T[1][1]_esd 
_pdbx_refine_tls.T[1][2] 
_pdbx_refine_tls.T[1][2]_esd 
_pdbx_refine_tls.T[1][3] 
_pdbx_refine_tls.T[1][3]_esd 
_pdbx_refine_tls.T[2][2] 
_pdbx_refine_tls.T[2][2]_esd 
_pdbx_refine_tls.T[2][3] 
_pdbx_refine_tls.T[2][3]_esd 
_pdbx_refine_tls.T[3][3] 
_pdbx_refine_tls.T[3][3]_esd 
_pdbx_refine_tls.L[1][1] 
_pdbx_refine_tls.L[1][1]_esd 
_pdbx_refine_tls.L[1][2] 
_pdbx_refine_tls.L[1][2]_esd 
_pdbx_refine_tls.L[1][3] 
_pdbx_refine_tls.L[1][3]_esd 
_pdbx_refine_tls.L[2][2] 
_pdbx_refine_tls.L[2][2]_esd 
_pdbx_refine_tls.L[2][3] 
_pdbx_refine_tls.L[2][3]_esd 
_pdbx_refine_tls.L[3][3] 
_pdbx_refine_tls.L[3][3]_esd 
_pdbx_refine_tls.S[1][1] 
_pdbx_refine_tls.S[1][1]_esd 
_pdbx_refine_tls.S[1][2] 
_pdbx_refine_tls.S[1][2]_esd 
_pdbx_refine_tls.S[1][3] 
_pdbx_refine_tls.S[1][3]_esd 
_pdbx_refine_tls.S[2][1] 
_pdbx_refine_tls.S[2][1]_esd 
_pdbx_refine_tls.S[2][2] 
_pdbx_refine_tls.S[2][2]_esd 
_pdbx_refine_tls.S[2][3] 
_pdbx_refine_tls.S[2][3]_esd 
_pdbx_refine_tls.S[3][1] 
_pdbx_refine_tls.S[3][1]_esd 
_pdbx_refine_tls.S[3][2] 
_pdbx_refine_tls.S[3][2]_esd 
_pdbx_refine_tls.S[3][3] 
_pdbx_refine_tls.S[3][3]_esd 
1 'X-RAY DIFFRACTION' ? refined 2.5872388707   1.1172315517  -5.01704241756 4.73074800269 ? -0.028825551708 ? 0.569943135657  ? 6.65068727969 ? -0.410638507939 ? 5.77454873559 ? 1.32580700751  ? -0.3409054922   ? 3.38111727065   ? -0.61399510355  ? -0.78224687326 ? 8.692894470    ? 0.79910115544  ? -1.26953405654  ? 1.85138665768   ? 3.32603104004   ? -6.682700371356 ? -1.0018089334 ? -4.02960974394 ? -2.92056980885 ? -3.41175769801  ? 
2 'X-RAY DIFFRACTION' ? refined -11.3227613195 -2.205860576  -0.1660507901  4.56038325730 ? -0.8922294118   ? 0.889292319612  ? 4.46277223042 ? -0.100601692053 ? 7.02122759292 ? 0.849628638493 ? -0.995701957353 ? -1.605015734151 ? 1.153476017232  ? 2.011872013958 ? 3.45274857930  ? 2.380946057127 ? 0.812622468     ? -1.10597722398  ? -2.822425891180 ? -0.344373217780 ? 0.84187630331 ? 0.106795307483 ? -1.53706083376 ? -1.960662395700 ? 
3 'X-RAY DIFFRACTION' ? refined 9.986204857    3.13059739751 -1.78400627498 3.57427506794 ? 0.136676415875  ? -1.65485477561  ? 3.838132000   ? 1.634556240694  ? 8.08359573144 ? 1.11078059937  ? 0.491823805354  ? -2.03320049948  ? -2.114358661490 ? -0.67254398466 ? 4.57077301238  ? -0.09375430217 ? 4.1379988804    ? 0.612753590207  ? -0.92362996364  ? 2.71465631686   ? 3.15368902667 ? -2.46927240677 ? 0.061330190252 ? 4.88737686530   ? 
4 'X-RAY DIFFRACTION' ? refined -11.3877624260 -5.889763300  14.1062496499  5.00241128085 ? -0.88826988658  ? -2.690172644265 ? 5.42313287125 ? -1.33421451355  ? 4.70047768554 ? 5.854190991041 ? 2.407474964083  ? 1.076683748897  ? 1.09309142097   ? 0.396662963786 ? 0.066216787357 ? 3.50120993002  ? -6.225515609768 ? -7.106063378542 ? -1.23994756302  ? 11.49864423161  ? 4.29982446946 ? -1.58802807645 ? 6.73526313127  ? 12.2206512115   ? 
# 
loop_
_pdbx_refine_tls_group.id 
_pdbx_refine_tls_group.pdbx_refine_id 
_pdbx_refine_tls_group.refine_tls_id 
_pdbx_refine_tls_group.beg_label_asym_id 
_pdbx_refine_tls_group.beg_label_seq_id 
_pdbx_refine_tls_group.beg_auth_asym_id 
_pdbx_refine_tls_group.beg_auth_seq_id 
_pdbx_refine_tls_group.beg_PDB_ins_code 
_pdbx_refine_tls_group.end_label_asym_id 
_pdbx_refine_tls_group.end_label_seq_id 
_pdbx_refine_tls_group.end_auth_asym_id 
_pdbx_refine_tls_group.end_auth_seq_id 
_pdbx_refine_tls_group.end_PDB_ins_code 
_pdbx_refine_tls_group.selection 
_pdbx_refine_tls_group.selection_details 
1 'X-RAY DIFFRACTION' 1 A ? A 112 ? A ? A 125 ? ? 
;chain 'A' and (resid 112 through 125 )
;
2 'X-RAY DIFFRACTION' 2 B ? B 131 ? B ? B 138 ? ? 
;chain 'B' and (resid 131 through 138 )
;
3 'X-RAY DIFFRACTION' 3 C ? D 197 ? C ? D 209 ? ? 
;chain 'D' and (resid 197 through 209 )
;
4 'X-RAY DIFFRACTION' 4 D ? X 105 ? D ? X 111 ? ? 
;chain 'X' and (resid 105 through 111 )
;
# 
loop_
_chem_comp_atom.comp_id 
_chem_comp_atom.atom_id 
_chem_comp_atom.type_symbol 
_chem_comp_atom.pdbx_aromatic_flag 
_chem_comp_atom.pdbx_stereo_config 
_chem_comp_atom.pdbx_ordinal 
DA OP3    O N N 1   
DA P      P N N 2   
DA OP1    O N N 3   
DA OP2    O N N 4   
DA "O5'"  O N N 5   
DA "C5'"  C N N 6   
DA "C4'"  C N R 7   
DA "O4'"  O N N 8   
DA "C3'"  C N S 9   
DA "O3'"  O N N 10  
DA "C2'"  C N N 11  
DA "C1'"  C N R 12  
DA N9     N Y N 13  
DA C8     C Y N 14  
DA N7     N Y N 15  
DA C5     C Y N 16  
DA C6     C Y N 17  
DA N6     N N N 18  
DA N1     N Y N 19  
DA C2     C Y N 20  
DA N3     N Y N 21  
DA C4     C Y N 22  
DA HOP3   H N N 23  
DA HOP2   H N N 24  
DA "H5'"  H N N 25  
DA "H5''" H N N 26  
DA "H4'"  H N N 27  
DA "H3'"  H N N 28  
DA "HO3'" H N N 29  
DA "H2'"  H N N 30  
DA "H2''" H N N 31  
DA "H1'"  H N N 32  
DA H8     H N N 33  
DA H61    H N N 34  
DA H62    H N N 35  
DA H2     H N N 36  
DC OP3    O N N 37  
DC P      P N N 38  
DC OP1    O N N 39  
DC OP2    O N N 40  
DC "O5'"  O N N 41  
DC "C5'"  C N N 42  
DC "C4'"  C N R 43  
DC "O4'"  O N N 44  
DC "C3'"  C N S 45  
DC "O3'"  O N N 46  
DC "C2'"  C N N 47  
DC "C1'"  C N R 48  
DC N1     N N N 49  
DC C2     C N N 50  
DC O2     O N N 51  
DC N3     N N N 52  
DC C4     C N N 53  
DC N4     N N N 54  
DC C5     C N N 55  
DC C6     C N N 56  
DC HOP3   H N N 57  
DC HOP2   H N N 58  
DC "H5'"  H N N 59  
DC "H5''" H N N 60  
DC "H4'"  H N N 61  
DC "H3'"  H N N 62  
DC "HO3'" H N N 63  
DC "H2'"  H N N 64  
DC "H2''" H N N 65  
DC "H1'"  H N N 66  
DC H41    H N N 67  
DC H42    H N N 68  
DC H5     H N N 69  
DC H6     H N N 70  
DG OP3    O N N 71  
DG P      P N N 72  
DG OP1    O N N 73  
DG OP2    O N N 74  
DG "O5'"  O N N 75  
DG "C5'"  C N N 76  
DG "C4'"  C N R 77  
DG "O4'"  O N N 78  
DG "C3'"  C N S 79  
DG "O3'"  O N N 80  
DG "C2'"  C N N 81  
DG "C1'"  C N R 82  
DG N9     N Y N 83  
DG C8     C Y N 84  
DG N7     N Y N 85  
DG C5     C Y N 86  
DG C6     C N N 87  
DG O6     O N N 88  
DG N1     N N N 89  
DG C2     C N N 90  
DG N2     N N N 91  
DG N3     N N N 92  
DG C4     C Y N 93  
DG HOP3   H N N 94  
DG HOP2   H N N 95  
DG "H5'"  H N N 96  
DG "H5''" H N N 97  
DG "H4'"  H N N 98  
DG "H3'"  H N N 99  
DG "HO3'" H N N 100 
DG "H2'"  H N N 101 
DG "H2''" H N N 102 
DG "H1'"  H N N 103 
DG H8     H N N 104 
DG H1     H N N 105 
DG H21    H N N 106 
DG H22    H N N 107 
DT OP3    O N N 108 
DT P      P N N 109 
DT OP1    O N N 110 
DT OP2    O N N 111 
DT "O5'"  O N N 112 
DT "C5'"  C N N 113 
DT "C4'"  C N R 114 
DT "O4'"  O N N 115 
DT "C3'"  C N S 116 
DT "O3'"  O N N 117 
DT "C2'"  C N N 118 
DT "C1'"  C N R 119 
DT N1     N N N 120 
DT C2     C N N 121 
DT O2     O N N 122 
DT N3     N N N 123 
DT C4     C N N 124 
DT O4     O N N 125 
DT C5     C N N 126 
DT C7     C N N 127 
DT C6     C N N 128 
DT HOP3   H N N 129 
DT HOP2   H N N 130 
DT "H5'"  H N N 131 
DT "H5''" H N N 132 
DT "H4'"  H N N 133 
DT "H3'"  H N N 134 
DT "HO3'" H N N 135 
DT "H2'"  H N N 136 
DT "H2''" H N N 137 
DT "H1'"  H N N 138 
DT H3     H N N 139 
DT H71    H N N 140 
DT H72    H N N 141 
DT H73    H N N 142 
DT H6     H N N 143 
# 
loop_
_chem_comp_bond.comp_id 
_chem_comp_bond.atom_id_1 
_chem_comp_bond.atom_id_2 
_chem_comp_bond.value_order 
_chem_comp_bond.pdbx_aromatic_flag 
_chem_comp_bond.pdbx_stereo_config 
_chem_comp_bond.pdbx_ordinal 
DA OP3   P      sing N N 1   
DA OP3   HOP3   sing N N 2   
DA P     OP1    doub N N 3   
DA P     OP2    sing N N 4   
DA P     "O5'"  sing N N 5   
DA OP2   HOP2   sing N N 6   
DA "O5'" "C5'"  sing N N 7   
DA "C5'" "C4'"  sing N N 8   
DA "C5'" "H5'"  sing N N 9   
DA "C5'" "H5''" sing N N 10  
DA "C4'" "O4'"  sing N N 11  
DA "C4'" "C3'"  sing N N 12  
DA "C4'" "H4'"  sing N N 13  
DA "O4'" "C1'"  sing N N 14  
DA "C3'" "O3'"  sing N N 15  
DA "C3'" "C2'"  sing N N 16  
DA "C3'" "H3'"  sing N N 17  
DA "O3'" "HO3'" sing N N 18  
DA "C2'" "C1'"  sing N N 19  
DA "C2'" "H2'"  sing N N 20  
DA "C2'" "H2''" sing N N 21  
DA "C1'" N9     sing N N 22  
DA "C1'" "H1'"  sing N N 23  
DA N9    C8     sing Y N 24  
DA N9    C4     sing Y N 25  
DA C8    N7     doub Y N 26  
DA C8    H8     sing N N 27  
DA N7    C5     sing Y N 28  
DA C5    C6     sing Y N 29  
DA C5    C4     doub Y N 30  
DA C6    N6     sing N N 31  
DA C6    N1     doub Y N 32  
DA N6    H61    sing N N 33  
DA N6    H62    sing N N 34  
DA N1    C2     sing Y N 35  
DA C2    N3     doub Y N 36  
DA C2    H2     sing N N 37  
DA N3    C4     sing Y N 38  
DC OP3   P      sing N N 39  
DC OP3   HOP3   sing N N 40  
DC P     OP1    doub N N 41  
DC P     OP2    sing N N 42  
DC P     "O5'"  sing N N 43  
DC OP2   HOP2   sing N N 44  
DC "O5'" "C5'"  sing N N 45  
DC "C5'" "C4'"  sing N N 46  
DC "C5'" "H5'"  sing N N 47  
DC "C5'" "H5''" sing N N 48  
DC "C4'" "O4'"  sing N N 49  
DC "C4'" "C3'"  sing N N 50  
DC "C4'" "H4'"  sing N N 51  
DC "O4'" "C1'"  sing N N 52  
DC "C3'" "O3'"  sing N N 53  
DC "C3'" "C2'"  sing N N 54  
DC "C3'" "H3'"  sing N N 55  
DC "O3'" "HO3'" sing N N 56  
DC "C2'" "C1'"  sing N N 57  
DC "C2'" "H2'"  sing N N 58  
DC "C2'" "H2''" sing N N 59  
DC "C1'" N1     sing N N 60  
DC "C1'" "H1'"  sing N N 61  
DC N1    C2     sing N N 62  
DC N1    C6     sing N N 63  
DC C2    O2     doub N N 64  
DC C2    N3     sing N N 65  
DC N3    C4     doub N N 66  
DC C4    N4     sing N N 67  
DC C4    C5     sing N N 68  
DC N4    H41    sing N N 69  
DC N4    H42    sing N N 70  
DC C5    C6     doub N N 71  
DC C5    H5     sing N N 72  
DC C6    H6     sing N N 73  
DG OP3   P      sing N N 74  
DG OP3   HOP3   sing N N 75  
DG P     OP1    doub N N 76  
DG P     OP2    sing N N 77  
DG P     "O5'"  sing N N 78  
DG OP2   HOP2   sing N N 79  
DG "O5'" "C5'"  sing N N 80  
DG "C5'" "C4'"  sing N N 81  
DG "C5'" "H5'"  sing N N 82  
DG "C5'" "H5''" sing N N 83  
DG "C4'" "O4'"  sing N N 84  
DG "C4'" "C3'"  sing N N 85  
DG "C4'" "H4'"  sing N N 86  
DG "O4'" "C1'"  sing N N 87  
DG "C3'" "O3'"  sing N N 88  
DG "C3'" "C2'"  sing N N 89  
DG "C3'" "H3'"  sing N N 90  
DG "O3'" "HO3'" sing N N 91  
DG "C2'" "C1'"  sing N N 92  
DG "C2'" "H2'"  sing N N 93  
DG "C2'" "H2''" sing N N 94  
DG "C1'" N9     sing N N 95  
DG "C1'" "H1'"  sing N N 96  
DG N9    C8     sing Y N 97  
DG N9    C4     sing Y N 98  
DG C8    N7     doub Y N 99  
DG C8    H8     sing N N 100 
DG N7    C5     sing Y N 101 
DG C5    C6     sing N N 102 
DG C5    C4     doub Y N 103 
DG C6    O6     doub N N 104 
DG C6    N1     sing N N 105 
DG N1    C2     sing N N 106 
DG N1    H1     sing N N 107 
DG C2    N2     sing N N 108 
DG C2    N3     doub N N 109 
DG N2    H21    sing N N 110 
DG N2    H22    sing N N 111 
DG N3    C4     sing N N 112 
DT OP3   P      sing N N 113 
DT OP3   HOP3   sing N N 114 
DT P     OP1    doub N N 115 
DT P     OP2    sing N N 116 
DT P     "O5'"  sing N N 117 
DT OP2   HOP2   sing N N 118 
DT "O5'" "C5'"  sing N N 119 
DT "C5'" "C4'"  sing N N 120 
DT "C5'" "H5'"  sing N N 121 
DT "C5'" "H5''" sing N N 122 
DT "C4'" "O4'"  sing N N 123 
DT "C4'" "C3'"  sing N N 124 
DT "C4'" "H4'"  sing N N 125 
DT "O4'" "C1'"  sing N N 126 
DT "C3'" "O3'"  sing N N 127 
DT "C3'" "C2'"  sing N N 128 
DT "C3'" "H3'"  sing N N 129 
DT "O3'" "HO3'" sing N N 130 
DT "C2'" "C1'"  sing N N 131 
DT "C2'" "H2'"  sing N N 132 
DT "C2'" "H2''" sing N N 133 
DT "C1'" N1     sing N N 134 
DT "C1'" "H1'"  sing N N 135 
DT N1    C2     sing N N 136 
DT N1    C6     sing N N 137 
DT C2    O2     doub N N 138 
DT C2    N3     sing N N 139 
DT N3    C4     sing N N 140 
DT N3    H3     sing N N 141 
DT C4    O4     doub N N 142 
DT C4    C5     sing N N 143 
DT C5    C7     sing N N 144 
DT C5    C6     doub N N 145 
DT C7    H71    sing N N 146 
DT C7    H72    sing N N 147 
DT C7    H73    sing N N 148 
DT C6    H6     sing N N 149 
# 
loop_
_ndb_struct_conf_na.entry_id 
_ndb_struct_conf_na.feature 
9NE3 'double helix'        
9NE3 'b-form double helix' 
# 
loop_
_ndb_struct_na_base_pair.model_number 
_ndb_struct_na_base_pair.i_label_asym_id 
_ndb_struct_na_base_pair.i_label_comp_id 
_ndb_struct_na_base_pair.i_label_seq_id 
_ndb_struct_na_base_pair.i_symmetry 
_ndb_struct_na_base_pair.j_label_asym_id 
_ndb_struct_na_base_pair.j_label_comp_id 
_ndb_struct_na_base_pair.j_label_seq_id 
_ndb_struct_na_base_pair.j_symmetry 
_ndb_struct_na_base_pair.shear 
_ndb_struct_na_base_pair.stretch 
_ndb_struct_na_base_pair.stagger 
_ndb_struct_na_base_pair.buckle 
_ndb_struct_na_base_pair.propeller 
_ndb_struct_na_base_pair.opening 
_ndb_struct_na_base_pair.pair_number 
_ndb_struct_na_base_pair.pair_name 
_ndb_struct_na_base_pair.i_auth_asym_id 
_ndb_struct_na_base_pair.i_auth_seq_id 
_ndb_struct_na_base_pair.i_PDB_ins_code 
_ndb_struct_na_base_pair.j_auth_asym_id 
_ndb_struct_na_base_pair.j_auth_seq_id 
_ndb_struct_na_base_pair.j_PDB_ins_code 
_ndb_struct_na_base_pair.hbond_type_28 
_ndb_struct_na_base_pair.hbond_type_12 
1 A DA 1  1_555 B DT 8  1_555 0.113  -0.207 -1.056 -10.516 -6.450  -1.591  1  A_DA112:DT138_B A 112 ? B 138 ? 20 1 
1 A DC 2  1_555 B DG 7  1_555 0.178  -0.165 -0.387 -0.105  -6.665  -1.512  2  A_DC113:DG137_B A 113 ? B 137 ? 19 1 
1 A DG 4  1_555 B DC 6  1_555 -0.383 -0.069 -0.657 -29.748 -18.375 4.638   3  A_DG115:DC136_B A 115 ? B 136 ? 19 1 
1 A DA 5  1_555 C DT 12 1_555 0.868  0.467  -1.330 -6.792  -15.124 -23.879 4  A_DA116:DT208_D A 116 ? D 208 ? 20 1 
1 A DC 6  1_555 C DG 11 1_555 0.212  -0.123 -0.396 -1.578  -5.455  2.804   5  A_DC117:DG207_D A 117 ? D 207 ? 19 1 
1 A DA 7  1_555 C DT 10 1_555 0.098  0.022  -0.496 -12.311 -6.969  -8.588  6  A_DA118:DT206_D A 118 ? D 206 ? 20 1 
1 A DG 8  1_555 C DC 9  1_555 -0.126 -0.306 -1.247 -9.340  -1.135  -0.053  7  A_DG119:DC205_D A 119 ? D 205 ? 19 1 
1 A DA 9  1_555 C DT 8  1_555 0.151  -0.201 -0.940 -7.558  -2.272  -3.288  8  A_DA120:DT204_D A 120 ? D 204 ? 20 1 
1 A DG 10 1_555 C DC 7  1_555 -0.177 -0.150 -0.307 -3.188  -0.922  -0.223  9  A_DG121:DC203_D A 121 ? D 203 ? 19 1 
1 A DT 11 1_555 C DA 6  1_555 -0.052 -0.098 0.019  6.234   -4.702  1.183   10 A_DT122:DA202_D A 122 ? D 202 ? 20 1 
1 A DG 12 1_555 C DC 5  1_555 -0.206 -0.138 -0.211 3.351   3.383   -0.845  11 A_DG123:DC201_D A 123 ? D 201 ? 19 1 
1 A DC 13 1_555 C DG 4  1_555 0.214  -0.233 -0.975 10.056  1.072   2.952   12 A_DC124:DG200_D A 124 ? D 200 ? 19 1 
1 B DC 1  1_555 D DG 7  1_555 0.186  -0.126 -0.074 -8.916  -5.051  0.426   13 B_DC131:DG111_X B 131 ? X 111 ? 19 1 
1 B DA 2  1_555 D DT 6  1_555 0.229  -0.202 -1.004 -12.891 4.849   -3.189  14 B_DA132:DT110_X B 132 ? X 110 ? 20 1 
1 B DC 3  1_555 D DG 5  1_555 0.202  -0.205 -0.500 -0.406  5.904   0.373   15 B_DC133:DG109_X B 133 ? X 109 ? 19 1 
1 B DA 4  1_555 D DT 4  1_555 0.111  -0.133 0.302  1.245   2.526   0.590   16 B_DA134:DT108_X B 134 ? X 108 ? 20 1 
1 C DG 13 1_555 D DC 3  1_555 -0.156 -0.169 0.252  4.806   2.631   0.507   17 D_DG209:DC107_X D 209 ? X 107 ? 19 1 
# 
loop_
_ndb_struct_na_base_pair_step.model_number 
_ndb_struct_na_base_pair_step.i_label_asym_id_1 
_ndb_struct_na_base_pair_step.i_label_comp_id_1 
_ndb_struct_na_base_pair_step.i_label_seq_id_1 
_ndb_struct_na_base_pair_step.i_symmetry_1 
_ndb_struct_na_base_pair_step.j_label_asym_id_1 
_ndb_struct_na_base_pair_step.j_label_comp_id_1 
_ndb_struct_na_base_pair_step.j_label_seq_id_1 
_ndb_struct_na_base_pair_step.j_symmetry_1 
_ndb_struct_na_base_pair_step.i_label_asym_id_2 
_ndb_struct_na_base_pair_step.i_label_comp_id_2 
_ndb_struct_na_base_pair_step.i_label_seq_id_2 
_ndb_struct_na_base_pair_step.i_symmetry_2 
_ndb_struct_na_base_pair_step.j_label_asym_id_2 
_ndb_struct_na_base_pair_step.j_label_comp_id_2 
_ndb_struct_na_base_pair_step.j_label_seq_id_2 
_ndb_struct_na_base_pair_step.j_symmetry_2 
_ndb_struct_na_base_pair_step.shift 
_ndb_struct_na_base_pair_step.slide 
_ndb_struct_na_base_pair_step.rise 
_ndb_struct_na_base_pair_step.tilt 
_ndb_struct_na_base_pair_step.roll 
_ndb_struct_na_base_pair_step.twist 
_ndb_struct_na_base_pair_step.x_displacement 
_ndb_struct_na_base_pair_step.y_displacement 
_ndb_struct_na_base_pair_step.helical_rise 
_ndb_struct_na_base_pair_step.inclination 
_ndb_struct_na_base_pair_step.tip 
_ndb_struct_na_base_pair_step.helical_twist 
_ndb_struct_na_base_pair_step.step_number 
_ndb_struct_na_base_pair_step.step_name 
_ndb_struct_na_base_pair_step.i_auth_asym_id_1 
_ndb_struct_na_base_pair_step.i_auth_seq_id_1 
_ndb_struct_na_base_pair_step.i_PDB_ins_code_1 
_ndb_struct_na_base_pair_step.j_auth_asym_id_1 
_ndb_struct_na_base_pair_step.j_auth_seq_id_1 
_ndb_struct_na_base_pair_step.j_PDB_ins_code_1 
_ndb_struct_na_base_pair_step.i_auth_asym_id_2 
_ndb_struct_na_base_pair_step.i_auth_seq_id_2 
_ndb_struct_na_base_pair_step.i_PDB_ins_code_2 
_ndb_struct_na_base_pair_step.j_auth_asym_id_2 
_ndb_struct_na_base_pair_step.j_auth_seq_id_2 
_ndb_struct_na_base_pair_step.j_PDB_ins_code_2 
1 A DA 1  1_555 B DT 8  1_555 A DC 2  1_555 B DG 7  1_555 0.204  0.310  2.885 -7.136  4.267  34.096 -0.051 -1.283 2.804 7.146  
11.951  35.066 1  AA_DA112DC113:DG137DT138_BB A 112 ? B 138 ? A 113 ? B 137 ? 
1 A DC 2  1_555 B DG 7  1_555 A DG 4  1_555 B DC 6  1_555 -0.365 1.624  5.224 16.870  19.452 51.048 -0.121 1.970  5.152 21.110 
-18.307 56.783 2  AA_DC113DG115:DC136DG137_BB A 113 ? B 137 ? A 115 ? B 136 ? 
1 A DG 4  1_555 B DC 6  1_555 A DA 5  1_555 C DT 12 1_555 -1.739 -0.857 4.524 -36.011 9.969  39.768 -1.931 -1.654 4.347 11.961 
43.208  54.044 3  AA_DG115DA116:DT208DC136_DB A 115 ? B 136 ? A 116 ? D 208 ? 
1 A DA 5  1_555 C DT 12 1_555 A DC 6  1_555 C DG 11 1_555 2.214  -0.584 2.860 -3.540  2.513  28.168 -1.660 -5.165 2.508 5.125  
7.220   28.494 4  AA_DA116DC117:DG207DT208_DD A 116 ? D 208 ? A 117 ? D 207 ? 
1 A DC 6  1_555 C DG 11 1_555 A DA 7  1_555 C DT 10 1_555 -2.109 0.785  3.444 -9.667  2.928  39.706 0.758  1.812  3.878 4.228  
13.959  40.921 5  AA_DC117DA118:DT206DG207_DD A 117 ? D 207 ? A 118 ? D 206 ? 
1 A DA 7  1_555 C DT 10 1_555 A DG 8  1_555 C DC 9  1_555 0.857  0.895  3.545 0.190   1.293  28.792 1.484  -1.675 3.587 2.598  
-0.383  28.821 6  AA_DA118DG119:DC205DT206_DD A 118 ? D 206 ? A 119 ? D 205 ? 
1 A DG 8  1_555 C DC 9  1_555 A DA 9  1_555 C DT 8  1_555 -0.610 -0.245 3.211 -6.099  4.256  27.464 -1.473 -0.152 3.196 8.762  
12.556  28.434 7  AA_DG119DA120:DT204DC205_DD A 119 ? D 205 ? A 120 ? D 204 ? 
1 A DA 9  1_555 C DT 8  1_555 A DG 10 1_555 C DC 7  1_555 0.343  -1.012 2.957 -5.506  4.845  34.760 -2.281 -1.268 2.712 8.000  
9.091   35.502 8  AA_DA120DG121:DC203DT204_DD A 120 ? D 204 ? A 121 ? D 203 ? 
1 A DG 10 1_555 C DC 7  1_555 A DT 11 1_555 C DA 6  1_555 0.696  0.589  2.863 -1.710  1.623  33.935 0.781  -1.428 2.850 2.776  
2.925   34.014 9  AA_DG121DT122:DA202DC203_DD A 121 ? D 203 ? A 122 ? D 202 ? 
1 A DT 11 1_555 C DA 6  1_555 A DG 12 1_555 C DC 5  1_555 -0.967 -0.060 2.885 -2.560  10.345 41.464 -1.004 1.098  2.843 14.328 
3.546   42.753 10 AA_DT122DG123:DC201DA202_DD A 122 ? D 202 ? A 123 ? D 201 ? 
1 A DG 12 1_555 C DC 5  1_555 A DC 13 1_555 C DG 4  1_555 0.982  -1.552 3.011 7.097   4.635  30.535 -3.633 -0.594 2.899 8.595  
-13.160 31.663 11 AA_DG123DC124:DG200DC201_DD A 123 ? D 201 ? A 124 ? D 200 ? 
1 B DC 1  1_555 D DG 7  1_555 B DA 2  1_555 D DT 6  1_555 -0.172 -0.128 3.716 -2.139  2.742  33.527 -0.727 -0.099 3.697 4.738  
3.696   33.702 12 BB_DC131DA132:DT110DG111_XX B 131 ? X 111 ? B 132 ? X 110 ? 
1 B DA 2  1_555 D DT 6  1_555 B DC 3  1_555 D DG 5  1_555 -0.586 -0.740 3.352 -4.713  9.418  22.808 -4.486 -0.044 2.886 22.350 
11.185  25.093 13 BB_DA132DC133:DG109DT110_XX B 132 ? X 110 ? B 133 ? X 109 ? 
1 B DC 3  1_555 D DG 5  1_555 B DA 4  1_555 D DT 4  1_555 0.173  0.278  3.417 0.098   5.677  31.022 -0.602 -0.298 3.413 10.503 
-0.182  31.525 14 BB_DC133DA134:DT108DG109_XX B 133 ? X 109 ? B 134 ? X 108 ? 
1 B DA 4  1_555 D DT 4  1_555 C DG 13 1_555 D DC 3  1_555 0.757  -0.283 3.519 -0.721  7.055  33.464 -1.670 -1.409 3.374 12.085 
1.234   34.186 15 BD_DA134DG209:DC107DT108_XX B 134 ? X 108 ? D 209 ? X 107 ? 
# 
loop_
_pdbx_audit_support.funding_organization 
_pdbx_audit_support.country 
_pdbx_audit_support.grant_number 
_pdbx_audit_support.ordinal 
'Office of Naval Research (ONR)'                   'United States' N000141912596 1 
'Department of Energy (DOE, United States)'        'United States' DE-SC0007991  2 
'National Science Foundation (NSF, United States)' 'United States' CCF-2106790   3 
'National Science Foundation (NSF, United States)' 'United States' GCR-2317843   4 
# 
_pdbx_initial_refinement_model.id               1 
_pdbx_initial_refinement_model.entity_id_list   ? 
_pdbx_initial_refinement_model.type             'experimental model' 
_pdbx_initial_refinement_model.source_name      PDB 
_pdbx_initial_refinement_model.accession_code   8D93 
_pdbx_initial_refinement_model.details          'tensegirty triangle' 
# 
_space_group.name_H-M_alt     'P 63' 
_space_group.name_Hall        'P 6c' 
_space_group.IT_number        173 
_space_group.crystal_system   hexagonal 
_space_group.id               1 
# 
_atom_sites.entry_id                    9NE3 
_atom_sites.Cartn_transf_matrix[1][1]   ? 
_atom_sites.Cartn_transf_matrix[1][2]   ? 
_atom_sites.Cartn_transf_matrix[1][3]   ? 
_atom_sites.Cartn_transf_matrix[2][1]   ? 
_atom_sites.Cartn_transf_matrix[2][2]   ? 
_atom_sites.Cartn_transf_matrix[2][3]   ? 
_atom_sites.Cartn_transf_matrix[3][1]   ? 
_atom_sites.Cartn_transf_matrix[3][2]   ? 
_atom_sites.Cartn_transf_matrix[3][3]   ? 
_atom_sites.Cartn_transf_vector[1]      ? 
_atom_sites.Cartn_transf_vector[2]      ? 
_atom_sites.Cartn_transf_vector[3]      ? 
_atom_sites.Cartn_transform_axes        ? 
_atom_sites.fract_transf_matrix[1][1]   0.00466401 
_atom_sites.fract_transf_matrix[1][2]   -0.00379138 
_atom_sites.fract_transf_matrix[1][3]   0.00618048 
_atom_sites.fract_transf_matrix[2][1]   0.00761511 
_atom_sites.fract_transf_matrix[2][2]   0.00332043 
_atom_sites.fract_transf_matrix[2][3]   0.00230357 
_atom_sites.fract_transf_matrix[3][1]   -0.00912288 
_atom_sites.fract_transf_matrix[3][2]   0.01132619 
_atom_sites.fract_transf_matrix[3][3]   0.01383241 
_atom_sites.fract_transf_vector[1]      0.407659 
_atom_sites.fract_transf_vector[2]      -0.123150 
_atom_sites.fract_transf_vector[3]      0.207168 
_atom_sites.solution_primary            ? 
_atom_sites.solution_secondary          ? 
_atom_sites.solution_hydrogens          ? 
_atom_sites.special_details             ? 
# 
loop_
_atom_type.symbol 
_atom_type.scat_dispersion_real 
_atom_type.scat_dispersion_imag 
_atom_type.scat_Cromer_Mann_a1 
_atom_type.scat_Cromer_Mann_a2 
_atom_type.scat_Cromer_Mann_a3 
_atom_type.scat_Cromer_Mann_a4 
_atom_type.scat_Cromer_Mann_b1 
_atom_type.scat_Cromer_Mann_b2 
_atom_type.scat_Cromer_Mann_b3 
_atom_type.scat_Cromer_Mann_b4 
_atom_type.scat_Cromer_Mann_c 
_atom_type.scat_source 
_atom_type.scat_dispersion_source 
C ? ? 5.96793  ? ? ? 14.89577 ? ? ? 0.0 
;1-Gaussian fit: Grosse-Kunstleve RW, Sauter NK, Adams PD: Newsletter of the IUCr Commission on Crystallographic Computing 2004, 3, 22-31.
;
? 
N ? ? 6.96715  ? ? ? 11.43723 ? ? ? 0.0 
;1-Gaussian fit: Grosse-Kunstleve RW, Sauter NK, Adams PD: Newsletter of the IUCr Commission on Crystallographic Computing 2004, 3, 22-31.
;
? 
O ? ? 7.96527  ? ? ? 9.05267  ? ? ? 0.0 
;1-Gaussian fit: Grosse-Kunstleve RW, Sauter NK, Adams PD: Newsletter of the IUCr Commission on Crystallographic Computing 2004, 3, 22-31.
;
? 
P ? ? 14.90797 ? ? ? 11.91318 ? ? ? 0.0 
;1-Gaussian fit: Grosse-Kunstleve RW, Sauter NK, Adams PD: Newsletter of the IUCr Commission on Crystallographic Computing 2004, 3, 22-31.
;
? 
# 
loop_
_atom_site.group_PDB 
_atom_site.id 
_atom_site.type_symbol 
_atom_site.label_atom_id 
_atom_site.label_alt_id 
_atom_site.label_comp_id 
_atom_site.label_asym_id 
_atom_site.label_entity_id 
_atom_site.label_seq_id 
_atom_site.pdbx_PDB_ins_code 
_atom_site.Cartn_x 
_atom_site.Cartn_y 
_atom_site.Cartn_z 
_atom_site.occupancy 
_atom_site.B_iso_or_equiv 
_atom_site.pdbx_formal_charge 
_atom_site.auth_seq_id 
_atom_site.auth_comp_id 
_atom_site.auth_asym_id 
_atom_site.auth_atom_id 
_atom_site.pdbx_PDB_model_num 
ATOM 1   P P     . DA A 1 1  ? -19.79240 -7.98656  -4.63728  1.000 546.14866 ? 112 DA A P     1 
ATOM 2   O OP1   . DA A 1 1  ? -19.67643 -9.25691  -5.38772  1.000 538.24668 ? 112 DA A OP1   1 
ATOM 3   O OP2   . DA A 1 1  ? -18.73795 -7.59749  -3.67290  1.000 548.12321 ? 112 DA A OP2   1 
ATOM 4   O "O5'" . DA A 1 1  ? -19.98368 -6.78466  -5.67964  1.000 547.31443 ? 112 DA A "O5'" 1 
ATOM 5   C "C5'" . DA A 1 1  ? -20.01345 -7.04899  -7.08281  1.000 540.99423 ? 112 DA A "C5'" 1 
ATOM 6   C "C4'" . DA A 1 1  ? -18.74305 -6.55415  -7.75428  1.000 536.27076 ? 112 DA A "C4'" 1 
ATOM 7   O "O4'" . DA A 1 1  ? -18.78946 -5.11413  -7.87639  1.000 541.85689 ? 112 DA A "O4'" 1 
ATOM 8   C "C3'" . DA A 1 1  ? -17.45454 -6.88672  -7.00064  1.000 534.15825 ? 112 DA A "C3'" 1 
ATOM 9   O "O3'" . DA A 1 1  ? -16.57588 -7.76927  -7.76338  1.000 525.94054 ? 112 DA A "O3'" 1 
ATOM 10  C "C2'" . DA A 1 1  ? -16.81063 -5.52621  -6.69143  1.000 538.28964 ? 112 DA A "C2'" 1 
ATOM 11  C "C1'" . DA A 1 1  ? -17.50848 -4.57747  -7.66148  1.000 540.70937 ? 112 DA A "C1'" 1 
ATOM 12  N N9    . DA A 1 1  ? -17.67592 -3.21927  -7.14597  1.000 549.06259 ? 112 DA A N9    1 
ATOM 13  C C8    . DA A 1 1  ? -17.93375 -2.86070  -5.85480  1.000 556.28392 ? 112 DA A C8    1 
ATOM 14  N N7    . DA A 1 1  ? -18.06018 -1.56857  -5.67545  1.000 563.58161 ? 112 DA A N7    1 
ATOM 15  C C5    . DA A 1 1  ? -17.87737 -1.03749  -6.93940  1.000 561.01965 ? 112 DA A C5    1 
ATOM 16  C C6    . DA A 1 1  ? -17.88758 0.28631   -7.41880  1.000 574.36922 ? 112 DA A C6    1 
ATOM 17  N N6    . DA A 1 1  ? -18.09936 1.34737   -6.63524  1.000 590.30144 ? 112 DA A N6    1 
ATOM 18  N N1    . DA A 1 1  ? -17.66999 0.47741   -8.73653  1.000 572.66796 ? 112 DA A N1    1 
ATOM 19  C C2    . DA A 1 1  ? -17.45621 -0.59222  -9.51586  1.000 556.85139 ? 112 DA A C2    1 
ATOM 20  N N3    . DA A 1 1  ? -17.42263 -1.88425  -9.17890  1.000 546.95421 ? 112 DA A N3    1 
ATOM 21  C C4    . DA A 1 1  ? -17.64285 -2.03951  -7.86251  1.000 551.84022 ? 112 DA A C4    1 
ATOM 22  P P     . DC A 1 2  ? -16.60788 -7.87763  -9.37415  1.000 542.55197 ? 113 DC A P     1 
ATOM 23  O OP1   . DC A 1 2  ? -17.88760 -8.46009  -9.84215  1.000 541.92103 ? 113 DC A OP1   1 
ATOM 24  O OP2   . DC A 1 2  ? -15.36566 -8.59680  -9.72877  1.000 535.82999 ? 113 DC A OP2   1 
ATOM 25  O "O5'" . DC A 1 2  ? -16.44341 -6.36885  -9.88459  1.000 545.64387 ? 113 DC A "O5'" 1 
ATOM 26  C "C5'" . DC A 1 2  ? -16.15152 -6.09830  -11.25185 1.000 540.89724 ? 113 DC A "C5'" 1 
ATOM 27  C "C4'" . DC A 1 2  ? -14.80474 -5.41017  -11.38685 1.000 539.71616 ? 113 DC A "C4'" 1 
ATOM 28  O "O4'" . DC A 1 2  ? -14.85975 -4.10782  -10.74248 1.000 547.53234 ? 113 DC A "O4'" 1 
ATOM 29  C "C3'" . DC A 1 2  ? -13.64094 -6.16662  -10.74279 1.000 534.38286 ? 113 DC A "C3'" 1 
ATOM 30  O "O3'" . DC A 1 2  ? -12.55870 -6.31225  -11.65989 1.000 522.43183 ? 113 DC A "O3'" 1 
ATOM 31  C "C2'" . DC A 1 2  ? -13.26167 -5.30727  -9.53955  1.000 536.10621 ? 113 DC A "C2'" 1 
ATOM 32  C "C1'" . DC A 1 2  ? -13.70009 -3.91475  -9.97185  1.000 542.29249 ? 113 DC A "C1'" 1 
ATOM 33  N N1    . DC A 1 2  ? -14.03591 -3.03399  -8.80889  1.000 553.33306 ? 113 DC A N1    1 
ATOM 34  C C2    . DC A 1 2  ? -14.11296 -1.63663  -8.95803  1.000 569.64882 ? 113 DC A C2    1 
ATOM 35  O O2    . DC A 1 2  ? -13.89737 -1.12560  -10.06322 1.000 572.77687 ? 113 DC A O2    1 
ATOM 36  N N3    . DC A 1 2  ? -14.41436 -0.87995  -7.86768  1.000 581.92891 ? 113 DC A N3    1 
ATOM 37  C C4    . DC A 1 2  ? -14.63256 -1.46491  -6.68747  1.000 578.19242 ? 113 DC A C4    1 
ATOM 38  N N4    . DC A 1 2  ? -14.93198 -0.68894  -5.64093  1.000 590.82452 ? 113 DC A N4    1 
ATOM 39  C C5    . DC A 1 2  ? -14.55648 -2.87519  -6.52552  1.000 561.65479 ? 113 DC A C5    1 
ATOM 40  C C6    . DC A 1 2  ? -14.25149 -3.60778  -7.59672  1.000 552.98835 ? 113 DC A C6    1 
ATOM 41  P P     . DG A 1 3  ? -11.79149 -7.72162  -11.77176 1.000 518.97643 ? 114 DG A P     1 
ATOM 42  O OP1   . DG A 1 3  ? -12.82881 -8.77681  -11.81372 1.000 524.94817 ? 114 DG A OP1   1 
ATOM 43  O OP2   . DG A 1 3  ? -10.74563 -7.76707  -10.72398 1.000 512.97414 ? 114 DG A OP2   1 
ATOM 44  O "O5'" . DG A 1 3  ? -11.06381 -7.65737  -13.19619 1.000 511.62004 ? 114 DG A "O5'" 1 
ATOM 45  C "C5'" . DG A 1 3  ? -9.66911  -7.37421  -13.27802 1.000 501.97828 ? 114 DG A "C5'" 1 
ATOM 46  C "C4'" . DG A 1 3  ? -9.42861  -6.05922  -13.99686 1.000 501.17231 ? 114 DG A "C4'" 1 
ATOM 47  O "O4'" . DG A 1 3  ? -10.13241 -5.00225  -13.30040 1.000 510.96350 ? 114 DG A "O4'" 1 
ATOM 48  C "C3'" . DG A 1 3  ? -7.98337  -5.59668  -14.01803 1.000 497.62395 ? 114 DG A "C3'" 1 
ATOM 49  O "O3'" . DG A 1 3  ? -7.80425  -4.63536  -15.05365 1.000 506.34542 ? 114 DG A "O3'" 1 
ATOM 50  C "C2'" . DG A 1 3  ? -7.86912  -4.94936  -12.64935 1.000 506.29164 ? 114 DG A "C2'" 1 
ATOM 51  C "C1'" . DG A 1 3  ? -9.19984  -4.20784  -12.58713 1.000 518.96004 ? 114 DG A "C1'" 1 
ATOM 52  N N9    . DG A 1 3  ? -9.70605  -4.01437  -11.23770 1.000 525.83389 ? 114 DG A N9    1 
ATOM 53  C C8    . DG A 1 3  ? -9.84261  -4.96491  -10.25637 1.000 518.53145 ? 114 DG A C8    1 
ATOM 54  N N7    . DG A 1 3  ? -10.33146 -4.49301  -9.14404  1.000 527.45279 ? 114 DG A N7    1 
ATOM 55  C C5    . DG A 1 3  ? -10.54480 -3.14654  -9.41338  1.000 542.99114 ? 114 DG A C5    1 
ATOM 56  C C6    . DG A 1 3  ? -11.06394 -2.12137  -8.58959  1.000 558.91007 ? 114 DG A C6    1 
ATOM 57  O O6    . DG A 1 3  ? -11.45659 -2.20132  -7.41953  1.000 562.10956 ? 114 DG A O6    1 
ATOM 58  N N1    . DG A 1 3  ? -11.10852 -0.89782  -9.25649  1.000 572.34353 ? 114 DG A N1    1 
ATOM 59  C C2    . DG A 1 3  ? -10.70009 -0.69616  -10.55242 1.000 570.38817 ? 114 DG A C2    1 
ATOM 60  N N2    . DG A 1 3  ? -10.80804 0.55199   -11.02502 1.000 585.09672 ? 114 DG A N2    1 
ATOM 61  N N3    . DG A 1 3  ? -10.21084 -1.64722  -11.32989 1.000 555.42249 ? 114 DG A N3    1 
ATOM 62  C C4    . DG A 1 3  ? -10.17002 -2.84309  -10.69915 1.000 542.38385 ? 114 DG A C4    1 
ATOM 63  P P     . DG A 1 4  ? -6.37632  -3.92861  -15.26415 1.000 510.27191 ? 115 DG A P     1 
ATOM 64  O OP1   . DG A 1 4  ? -6.30374  -3.48674  -16.67444 1.000 513.01879 ? 115 DG A OP1   1 
ATOM 65  O OP2   . DG A 1 4  ? -5.34459  -4.84069  -14.72233 1.000 498.07229 ? 115 DG A OP2   1 
ATOM 66  O "O5'" . DG A 1 4  ? -6.43363  -2.63592  -14.32140 1.000 527.06195 ? 115 DG A "O5'" 1 
ATOM 67  C "C5'" . DG A 1 4  ? -7.12639  -1.47175  -14.74872 1.000 543.01890 ? 115 DG A "C5'" 1 
ATOM 68  C "C4'" . DG A 1 4  ? -6.89602  -0.32552  -13.77959 1.000 557.97712 ? 115 DG A "C4'" 1 
ATOM 69  O "O4'" . DG A 1 4  ? -7.64795  -0.55369  -12.57380 1.000 559.29619 ? 115 DG A "O4'" 1 
ATOM 70  C "C3'" . DG A 1 4  ? -5.44178  -0.13765  -13.32760 1.000 557.64285 ? 115 DG A "C3'" 1 
ATOM 71  O "O3'" . DG A 1 4  ? -4.82418  1.03662   -13.94602 1.000 569.96109 ? 115 DG A "O3'" 1 
ATOM 72  C "C2'" . DG A 1 4  ? -5.51295  -0.03682  -11.78856 1.000 560.77028 ? 115 DG A "C2'" 1 
ATOM 73  C "C1'" . DG A 1 4  ? -7.00675  0.12624   -11.53128 1.000 567.16432 ? 115 DG A "C1'" 1 
ATOM 74  N N9    . DG A 1 4  ? -7.46712  -0.42342  -10.26020 1.000 563.67825 ? 115 DG A N9    1 
ATOM 75  C C8    . DG A 1 4  ? -7.43786  -1.73638  -9.85776  1.000 548.54489 ? 115 DG A C8    1 
ATOM 76  N N7    . DG A 1 4  ? -7.93581  -1.92261  -8.66436  1.000 549.63242 ? 115 DG A N7    1 
ATOM 77  C C5    . DG A 1 4  ? -8.31537  -0.64885  -8.25245  1.000 566.59284 ? 115 DG A C5    1 
ATOM 78  C C6    . DG A 1 4  ? -8.92097  -0.21422  -7.04630  1.000 575.70275 ? 115 DG A C6    1 
ATOM 79  O O6    . DG A 1 4  ? -9.25525  -0.88500  -6.06155  1.000 570.33700 ? 115 DG A O6    1 
ATOM 80  N N1    . DG A 1 4  ? -9.13888  1.16074   -7.04744  1.000 593.24032 ? 115 DG A N1    1 
ATOM 81  C C2    . DG A 1 4  ? -8.81769  2.00848   -8.08092  1.000 601.04388 ? 115 DG A C2    1 
ATOM 82  N N2    . DG A 1 4  ? -9.09702  3.30950   -7.90566  1.000 618.64450 ? 115 DG A N2    1 
ATOM 83  N N3    . DG A 1 4  ? -8.26716  1.61128   -9.21317  1.000 592.55573 ? 115 DG A N3    1 
ATOM 84  C C4    . DG A 1 4  ? -8.04232  0.27666   -9.22904  1.000 575.42722 ? 115 DG A C4    1 
ATOM 85  P P     . DA A 1 5  ? -5.59707  2.44154   -14.15321 1.000 532.56681 ? 116 DA A P     1 
ATOM 86  O OP1   . DA A 1 5  ? -6.73180  2.30979   -15.09454 1.000 531.97586 ? 116 DA A OP1   1 
ATOM 87  O OP2   . DA A 1 5  ? -4.53885  3.41457   -14.49239 1.000 542.26779 ? 116 DA A OP2   1 
ATOM 88  O "O5'" . DA A 1 5  ? -6.12731  2.84281   -12.69891 1.000 541.26553 ? 116 DA A "O5'" 1 
ATOM 89  C "C5'" . DA A 1 5  ? -6.97143  3.98128   -12.53836 1.000 558.94749 ? 116 DA A "C5'" 1 
ATOM 90  C "C4'" . DA A 1 5  ? -6.37345  4.98545   -11.56008 1.000 571.60838 ? 116 DA A "C4'" 1 
ATOM 91  O "O4'" . DA A 1 5  ? -6.62352  4.55576   -10.19535 1.000 568.68349 ? 116 DA A "O4'" 1 
ATOM 92  C "C3'" . DA A 1 5  ? -4.86219  5.19096   -11.65952 1.000 570.18466 ? 116 DA A "C3'" 1 
ATOM 93  O "O3'" . DA A 1 5  ? -4.54949  6.55745   -11.39758 1.000 587.88333 ? 116 DA A "O3'" 1 
ATOM 94  C "C2'" . DA A 1 5  ? -4.33140  4.27853   -10.55786 1.000 558.56003 ? 116 DA A "C2'" 1 
ATOM 95  C "C1'" . DA A 1 5  ? -5.39916  4.46362   -9.49374  1.000 565.26695 ? 116 DA A "C1'" 1 
ATOM 96  N N9    . DA A 1 5  ? -5.50020  3.35147   -8.55701  1.000 554.16289 ? 116 DA A N9    1 
ATOM 97  C C8    . DA A 1 5  ? -5.48802  2.02136   -8.85859  1.000 545.33126 ? 116 DA A C8    1 
ATOM 98  N N7    . DA A 1 5  ? -5.61985  1.23917   -7.81212  1.000 546.30243 ? 116 DA A N7    1 
ATOM 99  C C5    . DA A 1 5  ? -5.71973  2.11976   -6.74942  1.000 556.28778 ? 116 DA A C5    1 
ATOM 100 C C6    . DA A 1 5  ? -5.86778  1.92072   -5.36242  1.000 562.09324 ? 116 DA A C6    1 
ATOM 101 N N6    . DA A 1 5  ? -5.94894  0.71317   -4.79511  1.000 558.47669 ? 116 DA A N6    1 
ATOM 102 N N1    . DA A 1 5  ? -5.93006  3.01610   -4.57847  1.000 572.06117 ? 116 DA A N1    1 
ATOM 103 C C2    . DA A 1 5  ? -5.84856  4.22292   -5.14923  1.000 576.08932 ? 116 DA A C2    1 
ATOM 104 N N3    . DA A 1 5  ? -5.71108  4.53352   -6.43679  1.000 571.88265 ? 116 DA A N3    1 
ATOM 105 C C4    . DA A 1 5  ? -5.64875  3.42585   -7.19062  1.000 561.34787 ? 116 DA A C4    1 
ATOM 106 P P     . DC A 1 6  ? -3.02058  7.04384   -11.29309 1.000 607.08774 ? 117 DC A P     1 
ATOM 107 O OP1   . DC A 1 6  ? -3.00412  8.49616   -11.57896 1.000 626.38405 ? 117 DC A OP1   1 
ATOM 108 O OP2   . DC A 1 6  ? -2.19543  6.12626   -12.10930 1.000 591.46134 ? 117 DC A OP2   1 
ATOM 109 O "O5'" . DC A 1 6  ? -2.64442  6.81803   -9.75210  1.000 605.51050 ? 117 DC A "O5'" 1 
ATOM 110 C "C5'" . DC A 1 6  ? -3.43506  7.42248   -8.73317  1.000 617.16186 ? 117 DC A "C5'" 1 
ATOM 111 C "C4'" . DC A 1 6  ? -2.89095  7.10102   -7.35032  1.000 613.99133 ? 117 DC A "C4'" 1 
ATOM 112 O "O4'" . DC A 1 6  ? -3.28956  5.76217   -6.94723  1.000 597.58314 ? 117 DC A "O4'" 1 
ATOM 113 C "C3'" . DC A 1 6  ? -1.36222  7.13491   -7.22326  1.000 610.96045 ? 117 DC A "C3'" 1 
ATOM 114 O "O3'" . DC A 1 6  ? -1.00673  7.75673   -6.00478  1.000 619.37774 ? 117 DC A "O3'" 1 
ATOM 115 C "C2'" . DC A 1 6  ? -1.00312  5.65108   -7.18923  1.000 590.63377 ? 117 DC A "C2'" 1 
ATOM 116 C "C1'" . DC A 1 6  ? -2.17024  5.13232   -6.37725  1.000 587.43657 ? 117 DC A "C1'" 1 
ATOM 117 N N1    . DC A 1 6  ? -2.35483  3.64952   -6.41320  1.000 568.56240 ? 117 DC A N1    1 
ATOM 118 C C2    . DC A 1 6  ? -2.54953  2.95767   -5.21274  1.000 561.95521 ? 117 DC A C2    1 
ATOM 119 O O2    . DC A 1 6  ? -2.56499  3.59251   -4.15252  1.000 571.85242 ? 117 DC A O2    1 
ATOM 120 N N3    . DC A 1 6  ? -2.72049  1.61271   -5.24702  1.000 546.37655 ? 117 DC A N3    1 
ATOM 121 C C4    . DC A 1 6  ? -2.69830  0.96888   -6.41541  1.000 537.59180 ? 117 DC A C4    1 
ATOM 122 N N4    . DC A 1 6  ? -2.87148  -0.35788  -6.40366  1.000 531.12477 ? 117 DC A N4    1 
ATOM 123 C C5    . DC A 1 6  ? -2.49552  1.65710   -7.64961  1.000 541.69225 ? 117 DC A C5    1 
ATOM 124 C C6    . DC A 1 6  ? -2.33221  2.98417   -7.60236  1.000 558.21113 ? 117 DC A C6    1 
ATOM 125 P P     . DA A 1 7  ? -0.91111  9.35565   -5.88645  1.000 633.32100 ? 118 DA A P     1 
ATOM 126 O OP1   . DA A 1 7  ? -1.73725  9.96966   -6.95221  1.000 643.89822 ? 118 DA A OP1   1 
ATOM 127 O OP2   . DA A 1 7  ? 0.52613   9.69652   -5.77978  1.000 631.81986 ? 118 DA A OP2   1 
ATOM 128 O "O5'" . DA A 1 7  ? -1.58869  9.65598   -4.46927  1.000 642.13039 ? 118 DA A "O5'" 1 
ATOM 129 C "C5'" . DA A 1 7  ? -1.91024  8.57249   -3.59580  1.000 630.40794 ? 118 DA A "C5'" 1 
ATOM 130 C "C4'" . DA A 1 7  ? -1.43204  8.86323   -2.18695  1.000 634.55462 ? 118 DA A "C4'" 1 
ATOM 131 O "O4'" . DA A 1 7  ? -1.21205  7.62676   -1.46908  1.000 617.88989 ? 118 DA A "O4'" 1 
ATOM 132 C "C3'" . DA A 1 7  ? -0.11463  9.60147   -2.10488  1.000 641.01878 ? 118 DA A "C3'" 1 
ATOM 133 O "O3'" . DA A 1 7  ? -0.11144  10.44339  -0.92409  1.000 653.07653 ? 118 DA A "O3'" 1 
ATOM 134 C "C2'" . DA A 1 7  ? 0.92862   8.46740   -2.08414  1.000 622.92006 ? 118 DA A "C2'" 1 
ATOM 135 C "C1'" . DA A 1 7  ? 0.15390   7.25097   -1.55242  1.000 608.93010 ? 118 DA A "C1'" 1 
ATOM 136 N N9    . DA A 1 7  ? 0.23378   6.06374   -2.40937  1.000 591.61460 ? 118 DA A N9    1 
ATOM 137 C C8    . DA A 1 7  ? 0.19080   6.03964   -3.77379  1.000 589.61672 ? 118 DA A C8    1 
ATOM 138 N N7    . DA A 1 7  ? 0.24870   4.83778   -4.28743  1.000 572.92979 ? 118 DA A N7    1 
ATOM 139 C C5    . DA A 1 7  ? 0.32548   4.00506   -3.18882  1.000 566.27979 ? 118 DA A C5    1 
ATOM 140 C C6    . DA A 1 7  ? 0.41402   2.60621   -3.07594  1.000 558.52026 ? 118 DA A C6    1 
ATOM 141 N N6    . DA A 1 7  ? 0.43169   1.79251   -4.13313  1.000 549.32145 ? 118 DA A N6    1 
ATOM 142 N N1    . DA A 1 7  ? 0.47635   2.07595   -1.83637  1.000 560.83742 ? 118 DA A N1    1 
ATOM 143 C C2    . DA A 1 7  ? 0.46319   2.90619   -0.77759  1.000 570.21949 ? 118 DA A C2    1 
ATOM 144 N N3    . DA A 1 7  ? 0.37703   4.24474   -0.76189  1.000 578.29969 ? 118 DA A N3    1 
ATOM 145 C C4    . DA A 1 7  ? 0.31358   4.73618   -2.01508  1.000 575.83096 ? 118 DA A C4    1 
ATOM 146 P P     . DG A 1 8  ? 1.08543   10.44087  0.15096   1.000 582.98234 ? 119 DG A P     1 
ATOM 147 O OP1   . DG A 1 8  ? 0.74604   11.49190  1.13511   1.000 595.57599 ? 119 DG A OP1   1 
ATOM 148 O OP2   . DG A 1 8  ? 2.39229   10.52315  -0.54093  1.000 577.76095 ? 119 DG A OP2   1 
ATOM 149 O "O5'" . DG A 1 8  ? 0.92459   9.03443   0.89206   1.000 577.02706 ? 119 DG A "O5'" 1 
ATOM 150 C "C5'" . DG A 1 8  ? 1.54268   8.81260   2.14052   1.000 579.72119 ? 119 DG A "C5'" 1 
ATOM 151 C "C4'" . DG A 1 8  ? 2.77667   7.94858   1.98034   1.000 570.59453 ? 119 DG A "C4'" 1 
ATOM 152 O "O4'" . DG A 1 8  ? 2.55283   6.96437   0.95651   1.000 560.18201 ? 119 DG A "O4'" 1 
ATOM 153 C "C3'" . DG A 1 8  ? 4.02753   8.68401   1.52126   1.000 571.00672 ? 119 DG A "C3'" 1 
ATOM 154 O "O3'" . DG A 1 8  ? 4.78006   9.20182   2.65343   1.000 577.97085 ? 119 DG A "O3'" 1 
ATOM 155 C "C2'" . DG A 1 8  ? 4.80649   7.62746   0.72095   1.000 559.16771 ? 119 DG A "C2'" 1 
ATOM 156 C "C1'" . DG A 1 8  ? 3.80825   6.47268   0.55930   1.000 552.85631 ? 119 DG A "C1'" 1 
ATOM 157 N N9    . DG A 1 8  ? 3.72575   5.96790   -0.80984  1.000 543.97641 ? 119 DG A N9    1 
ATOM 158 C C8    . DG A 1 8  ? 3.66533   6.71282   -1.96292  1.000 543.85026 ? 119 DG A C8    1 
ATOM 159 N N7    . DG A 1 8  ? 3.61042   5.99280   -3.04841  1.000 534.79945 ? 119 DG A N7    1 
ATOM 160 C C5    . DG A 1 8  ? 3.65225   4.68161   -2.58918  1.000 528.65937 ? 119 DG A C5    1 
ATOM 161 C C6    . DG A 1 8  ? 3.62705   3.46300   -3.31128  1.000 518.45036 ? 119 DG A C6    1 
ATOM 162 O O6    . DG A 1 8  ? 3.56349   3.29305   -4.53870  1.000 512.40871 ? 119 DG A O6    1 
ATOM 163 N N1    . DG A 1 8  ? 3.68991   2.35895   -2.45815  1.000 515.61472 ? 119 DG A N1    1 
ATOM 164 C C2    . DG A 1 8  ? 3.76521   2.42809   -1.08311  1.000 521.66467 ? 119 DG A C2    1 
ATOM 165 N N2    . DG A 1 8  ? 3.81561   1.25568   -0.42592  1.000 517.80064 ? 119 DG A N2    1 
ATOM 166 N N3    . DG A 1 8  ? 3.78743   3.56616   -0.39677  1.000 531.08820 ? 119 DG A N3    1 
ATOM 167 C C4    . DG A 1 8  ? 3.72638   4.64978   -1.21368  1.000 534.17192 ? 119 DG A C4    1 
ATOM 168 P P     . DA A 1 9  ? 5.52268   8.24377   3.72153   1.000 588.77840 ? 120 DA A P     1 
ATOM 169 O OP1   . DA A 1 9  ? 4.61062   7.17235   4.17929   1.000 576.77135 ? 120 DA A OP1   1 
ATOM 170 O OP2   . DA A 1 9  ? 6.10694   9.15636   4.72790   1.000 600.54306 ? 120 DA A OP2   1 
ATOM 171 O "O5'" . DA A 1 9  ? 6.75823   7.61156   2.91975   1.000 577.29536 ? 120 DA A "O5'" 1 
ATOM 172 C "C5'" . DA A 1 9  ? 7.69275   6.75725   3.58537   1.000 564.62263 ? 120 DA A "C5'" 1 
ATOM 173 C "C4'" . DA A 1 9  ? 7.09214   5.38487   3.84686   1.000 557.96049 ? 120 DA A "C4'" 1 
ATOM 174 O "O4'" . DA A 1 9  ? 6.34419   4.95014   2.67675   1.000 551.66302 ? 120 DA A "O4'" 1 
ATOM 175 C "C3'" . DA A 1 9  ? 8.10406   4.27828   4.09399   1.000 550.57994 ? 120 DA A "C3'" 1 
ATOM 176 O "O3'" . DA A 1 9  ? 7.49277   3.23101   4.85136   1.000 548.38478 ? 120 DA A "O3'" 1 
ATOM 177 C "C2'" . DA A 1 9  ? 8.39923   3.83515   2.67111   1.000 541.72349 ? 120 DA A "C2'" 1 
ATOM 178 C "C1'" . DA A 1 9  ? 6.99325   3.83213   2.09461   1.000 541.45392 ? 120 DA A "C1'" 1 
ATOM 179 N N9    . DA A 1 9  ? 6.93856   3.96936   0.64157   1.000 536.40806 ? 120 DA A N9    1 
ATOM 180 C C8    . DA A 1 9  ? 6.79465   5.12806   -0.06315  1.000 540.79576 ? 120 DA A C8    1 
ATOM 181 N N7    . DA A 1 9  ? 6.76011   4.96171   -1.36103  1.000 537.82618 ? 120 DA A N7    1 
ATOM 182 C C5    . DA A 1 9  ? 6.89235   3.59494   -1.52377  1.000 525.44146 ? 120 DA A C5    1 
ATOM 183 C C6    . DA A 1 9  ? 6.93281   2.78158   -2.66954  1.000 516.03608 ? 120 DA A C6    1 
ATOM 184 N N6    . DA A 1 9  ? 6.83716   3.26486   -3.91061  1.000 514.16214 ? 120 DA A N6    1 
ATOM 185 N N1    . DA A 1 9  ? 7.07621   1.45090   -2.49079  1.000 509.09039 ? 120 DA A N1    1 
ATOM 186 C C2    . DA A 1 9  ? 7.16856   0.97515   -1.24105  1.000 511.37337 ? 120 DA A C2    1 
ATOM 187 N N3    . DA A 1 9  ? 7.14467   1.64356   -0.08511  1.000 519.74634 ? 120 DA A N3    1 
ATOM 188 C C4    . DA A 1 9  ? 7.00001   2.96270   -0.29977  1.000 526.57565 ? 120 DA A C4    1 
ATOM 189 P P     . DG A 1 10 ? 8.25500   1.83352   5.08285   1.000 560.60596 ? 121 DG A P     1 
ATOM 190 O OP1   . DG A 1 10 ? 7.53303   1.09084   6.13984   1.000 554.14394 ? 121 DG A OP1   1 
ATOM 191 O OP2   . DG A 1 10 ? 9.68956   2.15041   5.25825   1.000 561.50855 ? 121 DG A OP2   1 
ATOM 192 O "O5'" . DG A 1 10 ? 8.06633   1.05322   3.69382   1.000 549.66605 ? 121 DG A "O5'" 1 
ATOM 193 C "C5'" . DG A 1 10 ? 8.17728   -0.36441  3.63799   1.000 531.79281 ? 121 DG A "C5'" 1 
ATOM 194 C "C4'" . DG A 1 10 ? 9.44154   -0.78484  2.90687   1.000 523.92427 ? 121 DG A "C4'" 1 
ATOM 195 O "O4'" . DG A 1 10 ? 9.39509   -0.32665  1.52500   1.000 528.43725 ? 121 DG A "O4'" 1 
ATOM 196 C "C3'" . DG A 1 10 ? 10.74420  -0.22911  3.49037   1.000 529.31930 ? 121 DG A "C3'" 1 
ATOM 197 O "O3'" . DG A 1 10 ? 11.72570  -1.24781  3.51393   1.000 517.45831 ? 121 DG A "O3'" 1 
ATOM 198 C "C2'" . DG A 1 10 ? 11.11233  0.87502   2.50385   1.000 542.13319 ? 121 DG A "C2'" 1 
ATOM 199 C "C1'" . DG A 1 10 ? 10.63320  0.26447   1.20320   1.000 534.24804 ? 121 DG A "C1'" 1 
ATOM 200 N N9    . DG A 1 10 ? 10.43082  1.24139   0.13369   1.000 545.96311 ? 121 DG A N9    1 
ATOM 201 C C8    . DG A 1 10 ? 10.18919  2.58338   0.27560   1.000 563.34082 ? 121 DG A C8    1 
ATOM 202 N N7    . DG A 1 10 ? 10.04127  3.20972   -0.85751  1.000 570.82186 ? 121 DG A N7    1 
ATOM 203 C C5    . DG A 1 10 ? 10.20245  2.22050   -1.81505  1.000 557.42836 ? 121 DG A C5    1 
ATOM 204 C C6    . DG A 1 10 ? 10.15211  2.30022   -3.22603  1.000 557.72829 ? 121 DG A C6    1 
ATOM 205 O O6    . DG A 1 10 ? 9.94609   3.30015   -3.92739  1.000 570.32453 ? 121 DG A O6    1 
ATOM 206 N N1    . DG A 1 10 ? 10.36937  1.06150   -3.82192  1.000 541.66209 ? 121 DG A N1    1 
ATOM 207 C C2    . DG A 1 10 ? 10.60694  -0.10976  -3.13887  1.000 527.32286 ? 121 DG A C2    1 
ATOM 208 N N2    . DG A 1 10 ? 10.79787  -1.20978  -3.88083  1.000 513.49837 ? 121 DG A N2    1 
ATOM 209 N N3    . DG A 1 10 ? 10.65561  -0.19763  -1.81607  1.000 526.83245 ? 121 DG A N3    1 
ATOM 210 C C4    . DG A 1 10 ? 10.44743  0.99988   -1.22246  1.000 542.15017 ? 121 DG A C4    1 
ATOM 211 P P     . DT A 1 11 ? 13.06854  -1.08797  4.38353   1.000 556.45427 ? 122 DT A P     1 
ATOM 212 O OP1   . DT A 1 11 ? 12.80354  -1.64541  5.72861   1.000 559.64344 ? 122 DT A OP1   1 
ATOM 213 O OP2   . DT A 1 11 ? 13.57715  0.29541   4.25166   1.000 565.47631 ? 122 DT A OP2   1 
ATOM 214 O "O5'" . DT A 1 11 ? 14.09516  -2.04330  3.62260   1.000 548.11587 ? 122 DT A "O5'" 1 
ATOM 215 C "C5'" . DT A 1 11 ? 13.59867  -3.15560  2.89082   1.000 540.03913 ? 122 DT A "C5'" 1 
ATOM 216 C "C4'" . DT A 1 11 ? 13.97186  -3.05557  1.42139   1.000 534.90234 ? 122 DT A "C4'" 1 
ATOM 217 O "O4'" . DT A 1 11 ? 13.39333  -1.85809  0.83652   1.000 539.10963 ? 122 DT A "O4'" 1 
ATOM 218 C "C3'" . DT A 1 11 ? 15.48017  -2.98349  1.13111   1.000 533.37821 ? 122 DT A "C3'" 1 
ATOM 219 O "O3'" . DT A 1 11 ? 15.84770  -4.02077  0.22271   1.000 525.04973 ? 122 DT A "O3'" 1 
ATOM 220 C "C2'" . DT A 1 11 ? 15.66160  -1.59562  0.50378   1.000 538.01986 ? 122 DT A "C2'" 1 
ATOM 221 C "C1'" . DT A 1 11 ? 14.29621  -1.37603  -0.12149  1.000 538.48049 ? 122 DT A "C1'" 1 
ATOM 222 N N1    . DT A 1 11 ? 13.98011  0.05918   -0.44372  1.000 556.21084 ? 122 DT A N1    1 
ATOM 223 C C2    . DT A 1 11 ? 13.79316  0.41995   -1.75892  1.000 560.36429 ? 122 DT A C2    1 
ATOM 224 O O2    . DT A 1 11 ? 13.87219  -0.36781  -2.68358  1.000 550.28651 ? 122 DT A O2    1 
ATOM 225 N N3    . DT A 1 11 ? 13.51592  1.74427   -1.95902  1.000 577.09143 ? 122 DT A N3    1 
ATOM 226 C C4    . DT A 1 11 ? 13.40288  2.72775   -0.99636  1.000 590.10429 ? 122 DT A C4    1 
ATOM 227 O O4    . DT A 1 11 ? 13.14724  3.89355   -1.27930  1.000 605.28513 ? 122 DT A O4    1 
ATOM 228 C C5    . DT A 1 11 ? 13.60848  2.28765   0.36418   1.000 584.88899 ? 122 DT A C5    1 
ATOM 229 C C7    . DT A 1 11 ? 13.51260  3.26982   1.49496   1.000 598.18437 ? 122 DT A C7    1 
ATOM 230 C C6    . DT A 1 11 ? 13.89169  0.98926   0.57242   1.000 568.26109 ? 122 DT A C6    1 
ATOM 231 P P     . DG A 1 12 ? 17.35684  -4.57566  0.17937   1.000 556.00819 ? 123 DG A P     1 
ATOM 232 O OP1   . DG A 1 12 ? 17.29415  -6.00120  -0.21362  1.000 546.92278 ? 123 DG A OP1   1 
ATOM 233 O OP2   . DG A 1 12 ? 18.01574  -4.18745  1.44714   1.000 562.17396 ? 123 DG A OP2   1 
ATOM 234 O "O5'" . DG A 1 12 ? 18.03557  -3.74969  -1.01348  1.000 552.35654 ? 123 DG A "O5'" 1 
ATOM 235 C "C5'" . DG A 1 12 ? 19.27353  -4.17953  -1.57602  1.000 544.14435 ? 123 DG A "C5'" 1 
ATOM 236 C "C4'" . DG A 1 12 ? 19.25740  -4.02675  -3.08903  1.000 537.19007 ? 123 DG A "C4'" 1 
ATOM 237 O "O4'" . DG A 1 12 ? 17.92436  -3.64916  -3.52278  1.000 540.09029 ? 123 DG A "O4'" 1 
ATOM 238 C "C3'" . DG A 1 12 ? 20.19246  -2.95625  -3.63777  1.000 538.17838 ? 123 DG A "C3'" 1 
ATOM 239 O "O3'" . DG A 1 12 ? 21.44340  -3.54375  -3.99481  1.000 530.86695 ? 123 DG A "O3'" 1 
ATOM 240 C "C2'" . DG A 1 12 ? 19.44600  -2.45552  -4.86916  1.000 541.56412 ? 123 DG A "C2'" 1 
ATOM 241 C "C1'" . DG A 1 12 ? 17.99581  -2.57028  -4.43709  1.000 549.91165 ? 123 DG A "C1'" 1 
ATOM 242 N N9    . DG A 1 12 ? 17.47045  -1.37542  -3.78370  1.000 566.28029 ? 123 DG A N9    1 
ATOM 243 C C8    . DG A 1 12 ? 17.19805  -1.22727  -2.44938  1.000 569.41527 ? 123 DG A C8    1 
ATOM 244 N N7    . DG A 1 12 ? 16.72226  -0.05667  -2.14230  1.000 585.72856 ? 123 DG A N7    1 
ATOM 245 C C5    . DG A 1 12 ? 16.66596  0.61830   -3.35189  1.000 594.02903 ? 123 DG A C5    1 
ATOM 246 C C6    . DG A 1 12 ? 16.22691  1.93023   -3.63778  1.000 610.88866 ? 123 DG A C6    1 
ATOM 247 O O6    . DG A 1 12 ? 15.79144  2.77850   -2.84852  1.000 622.14697 ? 123 DG A O6    1 
ATOM 248 N N1    . DG A 1 12 ? 16.34427  2.23108   -4.99082  1.000 614.32855 ? 123 DG A N1    1 
ATOM 249 C C2    . DG A 1 12 ? 16.81299  1.36470   -5.95128  1.000 601.93833 ? 123 DG A C2    1 
ATOM 250 N N2    . DG A 1 12 ? 16.84602  1.82838   -7.20951  1.000 607.25605 ? 123 DG A N2    1 
ATOM 251 N N3    . DG A 1 12 ? 17.22540  0.12625   -5.69534  1.000 585.06389 ? 123 DG A N3    1 
ATOM 252 C C4    . DG A 1 12 ? 17.12322  -0.17718  -4.37699  1.000 582.09783 ? 123 DG A C4    1 
ATOM 253 P P     . DC A 1 13 ? 22.79086  -2.66458  -3.99174  1.000 522.63692 ? 124 DC A P     1 
ATOM 254 O OP1   . DC A 1 13 ? 23.85172  -3.47519  -4.62930  1.000 513.58113 ? 124 DC A OP1   1 
ATOM 255 O OP2   . DC A 1 13 ? 22.98805  -2.13935  -2.62091  1.000 531.56130 ? 124 DC A OP2   1 
ATOM 256 O "O5'" . DC A 1 13 ? 22.46037  -1.43247  -4.96165  1.000 526.41196 ? 124 DC A "O5'" 1 
ATOM 257 C "C5'" . DC A 1 13 ? 22.48683  -1.60506  -6.38008  1.000 521.23551 ? 124 DC A "C5'" 1 
ATOM 258 C "C4'" . DC A 1 13 ? 21.71354  -0.49999  -7.06797  1.000 538.78676 ? 124 DC A "C4'" 1 
ATOM 259 O "O4'" . DC A 1 13 ? 20.67069  0.01000   -6.18162  1.000 551.15065 ? 124 DC A "O4'" 1 
ATOM 260 C "C3'" . DC A 1 13 ? 22.55147  0.71836   -7.44562  1.000 547.07982 ? 124 DC A "C3'" 1 
ATOM 261 O "O3'" . DC A 1 13 ? 22.06758  1.23666   -8.67134  1.000 558.19223 ? 124 DC A "O3'" 1 
ATOM 262 C "C2'" . DC A 1 13 ? 22.25829  1.66905   -6.29325  1.000 556.64735 ? 124 DC A "C2'" 1 
ATOM 263 C "C1'" . DC A 1 13 ? 20.77994  1.40819   -6.14999  1.000 564.41434 ? 124 DC A "C1'" 1 
ATOM 264 N N1    . DC A 1 13 ? 20.16203  1.95100   -4.91147  1.000 573.57394 ? 124 DC A N1    1 
ATOM 265 C C2    . DC A 1 13 ? 19.46005  3.14280   -5.00209  1.000 591.62825 ? 124 DC A C2    1 
ATOM 266 O O2    . DC A 1 13 ? 19.39082  3.70107   -6.10086  1.000 599.01603 ? 124 DC A O2    1 
ATOM 267 N N3    . DC A 1 13 ? 18.88520  3.66106   -3.89697  1.000 600.74898 ? 124 DC A N3    1 
ATOM 268 C C4    . DC A 1 13 ? 18.98679  3.01874   -2.73146  1.000 592.13893 ? 124 DC A C4    1 
ATOM 269 N N4    . DC A 1 13 ? 18.39576  3.57292   -1.66854  1.000 601.92033 ? 124 DC A N4    1 
ATOM 270 C C5    . DC A 1 13 ? 19.69572  1.78356   -2.61061  1.000 573.40050 ? 124 DC A C5    1 
ATOM 271 C C6    . DC A 1 13 ? 20.26282  1.28614   -3.72040  1.000 564.77480 ? 124 DC A C6    1 
ATOM 272 P P     . DA A 1 14 ? 22.70221  2.56782   -9.31515  1.000 533.66798 ? 125 DA A P     1 
ATOM 273 O OP1   . DA A 1 14 ? 22.22741  2.68124   -10.71287 1.000 541.58371 ? 125 DA A OP1   1 
ATOM 274 O OP2   . DA A 1 14 ? 24.13997  2.55240   -8.98778  1.000 523.87240 ? 125 DA A OP2   1 
ATOM 275 O "O5'" . DA A 1 14 ? 22.04698  3.78277   -8.49655  1.000 547.05875 ? 125 DA A "O5'" 1 
ATOM 276 C "C5'" . DA A 1 14 ? 22.66834  5.07870   -8.52102  1.000 557.11145 ? 125 DA A "C5'" 1 
ATOM 277 C "C4'" . DA A 1 14 ? 21.93698  6.06182   -7.62843  1.000 573.03010 ? 125 DA A "C4'" 1 
ATOM 278 O "O4'" . DA A 1 14 ? 21.75471  5.47853   -6.31806  1.000 568.59964 ? 125 DA A "O4'" 1 
ATOM 279 C "C3'" . DA A 1 14 ? 22.69244  7.34587   -7.37445  1.000 580.36352 ? 125 DA A "C3'" 1 
ATOM 280 O "O3'" . DA A 1 14 ? 21.79423  8.36340   -7.00234  1.000 598.05823 ? 125 DA A "O3'" 1 
ATOM 281 C "C2'" . DA A 1 14 ? 23.61017  6.95287   -6.21779  1.000 569.10762 ? 125 DA A "C2'" 1 
ATOM 282 C "C1'" . DA A 1 14 ? 22.74790  5.96357   -5.42890  1.000 565.04492 ? 125 DA A "C1'" 1 
ATOM 283 N N9    . DA A 1 14 ? 23.49625  4.81243   -4.92118  1.000 547.38875 ? 125 DA A N9    1 
ATOM 284 C C8    . DA A 1 14 ? 24.43747  4.08239   -5.59356  1.000 533.22210 ? 125 DA A C8    1 
ATOM 285 N N7    . DA A 1 14 ? 24.94023  3.08832   -4.89690  1.000 523.62225 ? 125 DA A N7    1 
ATOM 286 C C5    . DA A 1 14 ? 24.28921  3.18132   -3.67630  1.000 529.52222 ? 125 DA A C5    1 
ATOM 287 C C6    . DA A 1 14 ? 24.36737  2.41862   -2.49686  1.000 528.51127 ? 125 DA A C6    1 
ATOM 288 N N6    . DA A 1 14 ? 25.18285  1.37223   -2.35005  1.000 520.86026 ? 125 DA A N6    1 
ATOM 289 N N1    . DA A 1 14 ? 23.56663  2.77838   -1.46606  1.000 536.18767 ? 125 DA A N1    1 
ATOM 290 C C2    . DA A 1 14 ? 22.75024  3.82652   -1.61782  1.000 544.21816 ? 125 DA A C2    1 
ATOM 291 N N3    . DA A 1 14 ? 22.58962  4.61245   -2.67631  1.000 551.37584 ? 125 DA A N3    1 
ATOM 292 C C4    . DA A 1 14 ? 23.39101  4.23152   -3.68140  1.000 541.79981 ? 125 DA A C4    1 
ATOM 293 P P     . DC B 2 1  ? -6.02384  -20.59155 6.98967   1.000 504.06900 ? 131 DC B P     1 
ATOM 294 O OP1   . DC B 2 1  ? -6.67371  -21.86123 6.59743   1.000 515.03775 ? 131 DC B OP1   1 
ATOM 295 O OP2   . DC B 2 1  ? -5.21446  -19.83916 6.00430   1.000 505.04351 ? 131 DC B OP2   1 
ATOM 296 O "O5'" . DC B 2 1  ? -7.12611  -19.60199 7.59551   1.000 503.15343 ? 131 DC B "O5'" 1 
ATOM 297 C "C5'" . DC B 2 1  ? -6.75143  -18.28975 8.00336   1.000 492.48829 ? 131 DC B "C5'" 1 
ATOM 298 C "C4'" . DC B 2 1  ? -7.02527  -17.27788 6.90316   1.000 499.17609 ? 131 DC B "C4'" 1 
ATOM 299 O "O4'" . DC B 2 1  ? -8.39937  -16.81791 7.00263   1.000 505.01153 ? 131 DC B "O4'" 1 
ATOM 300 C "C3'" . DC B 2 1  ? -6.16081  -16.02143 6.95364   1.000 489.55525 ? 131 DC B "C3'" 1 
ATOM 301 O "O3'" . DC B 2 1  ? -5.87856  -15.56951 5.63374   1.000 497.11676 ? 131 DC B "O3'" 1 
ATOM 302 C "C2'" . DC B 2 1  ? -7.04034  -15.03255 7.71180   1.000 485.66150 ? 131 DC B "C2'" 1 
ATOM 303 C "C1'" . DC B 2 1  ? -8.43181  -15.42128 7.23193   1.000 499.09453 ? 131 DC B "C1'" 1 
ATOM 304 N N1    . DC B 2 1  ? -9.50002  -15.13568 8.23322   1.000 496.62441 ? 131 DC B N1    1 
ATOM 305 C C2    . DC B 2 1  ? -10.74054 -14.63916 7.81251   1.000 507.18514 ? 131 DC B C2    1 
ATOM 306 O O2    . DC B 2 1  ? -10.93071 -14.43647 6.60710   1.000 518.48567 ? 131 DC B O2    1 
ATOM 307 N N3    . DC B 2 1  ? -11.69485 -14.38607 8.74607   1.000 505.00684 ? 131 DC B N3    1 
ATOM 308 C C4    . DC B 2 1  ? -11.44291 -14.61739 10.03639  1.000 492.73096 ? 131 DC B C4    1 
ATOM 309 N N4    . DC B 2 1  ? -12.40832 -14.35835 10.92412  1.000 491.10607 ? 131 DC B N4    1 
ATOM 310 C C5    . DC B 2 1  ? -10.18580 -15.11727 10.47624  1.000 481.92511 ? 131 DC B C5    1 
ATOM 311 C C6    . DC B 2 1  ? -9.25702  -15.36331 9.55224   1.000 484.44204 ? 131 DC B C6    1 
ATOM 312 P P     . DA B 2 2  ? -4.94105  -14.28481 5.40005   1.000 445.57096 ? 132 DA B P     1 
ATOM 313 O OP1   . DA B 2 2  ? -4.35145  -14.39223 4.04714   1.000 448.29182 ? 132 DA B OP1   1 
ATOM 314 O OP2   . DA B 2 2  ? -4.04892  -14.16779 6.57502   1.000 440.77368 ? 132 DA B OP2   1 
ATOM 315 O "O5'" . DA B 2 2  ? -5.96587  -13.05462 5.43541   1.000 444.86358 ? 132 DA B "O5'" 1 
ATOM 316 C "C5'" . DA B 2 2  ? -5.97586  -12.09243 4.38085   1.000 445.89828 ? 132 DA B "C5'" 1 
ATOM 317 C "C4'" . DA B 2 2  ? -7.30658  -12.11336 3.64651   1.000 450.48329 ? 132 DA B "C4'" 1 
ATOM 318 O "O4'" . DA B 2 2  ? -8.35290  -12.55097 4.55355   1.000 450.85652 ? 132 DA B "O4'" 1 
ATOM 319 C "C3'" . DA B 2 2  ? -7.78486  -10.76523 3.12678   1.000 450.45896 ? 132 DA B "C3'" 1 
ATOM 320 O "O3'" . DA B 2 2  ? -8.69885  -10.97735 2.05324   1.000 455.78664 ? 132 DA B "O3'" 1 
ATOM 321 C "C2'" . DA B 2 2  ? -8.50449  -10.22203 4.35336   1.000 447.41496 ? 132 DA B "C2'" 1 
ATOM 322 C "C1'" . DA B 2 2  ? -9.24309  -11.47525 4.79697   1.000 449.93133 ? 132 DA B "C1'" 1 
ATOM 323 N N9    . DA B 2 2  ? -9.62905  -11.51129 6.20738   1.000 446.82848 ? 132 DA B N9    1 
ATOM 324 C C8    . DA B 2 2  ? -8.90870  -12.04169 7.24036   1.000 443.57517 ? 132 DA B C8    1 
ATOM 325 N N7    . DA B 2 2  ? -9.51427  -11.97062 8.40153   1.000 441.48166 ? 132 DA B N7    1 
ATOM 326 C C5    . DA B 2 2  ? -10.72413 -11.36421 8.10968   1.000 443.51189 ? 132 DA B C5    1 
ATOM 327 C C6    . DA B 2 2  ? -11.82179 -11.00482 8.91565   1.000 442.86320 ? 132 DA B C6    1 
ATOM 328 N N6    . DA B 2 2  ? -11.86485 -11.22068 10.23331  1.000 439.76985 ? 132 DA B N6    1 
ATOM 329 N N1    . DA B 2 2  ? -12.87452 -10.41119 8.31326   1.000 445.65377 ? 132 DA B N1    1 
ATOM 330 C C2    . DA B 2 2  ? -12.82247 -10.19672 6.99291   1.000 448.90448 ? 132 DA B C2    1 
ATOM 331 N N3    . DA B 2 2  ? -11.84745 -10.49283 6.13174   1.000 449.79417 ? 132 DA B N3    1 
ATOM 332 C C4    . DA B 2 2  ? -10.81675 -11.08036 6.76071   1.000 446.90986 ? 132 DA B C4    1 
ATOM 333 P P     . DC B 2 3  ? -8.65109  -10.06293 0.73096   1.000 450.71669 ? 133 DC B P     1 
ATOM 334 O OP1   . DC B 2 3  ? -9.64219  -10.62193 -0.21953  1.000 456.62487 ? 133 DC B OP1   1 
ATOM 335 O OP2   . DC B 2 3  ? -7.23772  -9.91561  0.31999   1.000 448.81566 ? 133 DC B OP2   1 
ATOM 336 O "O5'" . DC B 2 3  ? -9.17521  -8.63660  1.22815   1.000 448.02656 ? 133 DC B "O5'" 1 
ATOM 337 C "C5'" . DC B 2 3  ? -10.47678 -8.52480  1.79437   1.000 448.90433 ? 133 DC B "C5'" 1 
ATOM 338 C "C4'" . DC B 2 3  ? -10.77156 -7.08858  2.18171   1.000 446.11468 ? 133 DC B "C4'" 1 
ATOM 339 O "O4'" . DC B 2 3  ? -11.26278 -7.04780  3.55069   1.000 442.90115 ? 133 DC B "O4'" 1 
ATOM 340 C "C3'" . DC B 2 3  ? -9.56545  -6.14953  2.15831   1.000 442.25580 ? 133 DC B "C3'" 1 
ATOM 341 O "O3'" . DC B 2 3  ? -10.00239 -4.83205  1.84962   1.000 442.29772 ? 133 DC B "O3'" 1 
ATOM 342 C "C2'" . DC B 2 3  ? -9.07777  -6.23991  3.59627   1.000 436.99825 ? 133 DC B "C2'" 1 
ATOM 343 C "C1'" . DC B 2 3  ? -10.40897 -6.22811  4.32159   1.000 437.47652 ? 133 DC B "C1'" 1 
ATOM 344 N N1    . DC B 2 3  ? -10.34768 -6.75241  5.71161   1.000 433.98496 ? 133 DC B N1    1 
ATOM 345 C C2    . DC B 2 3  ? -11.38129 -6.45480  6.59549   1.000 432.99657 ? 133 DC B C2    1 
ATOM 346 O O2    . DC B 2 3  ? -12.32960 -5.77469  6.18931   1.000 435.13997 ? 133 DC B O2    1 
ATOM 347 N N3    . DC B 2 3  ? -11.31764 -6.92609  7.86485   1.000 429.89369 ? 133 DC B N3    1 
ATOM 348 C C4    . DC B 2 3  ? -10.26843 -7.65574  8.25258   1.000 427.91136 ? 133 DC B C4    1 
ATOM 349 N N4    . DC B 2 3  ? -10.24519 -8.09904  9.51350   1.000 425.07578 ? 133 DC B N4    1 
ATOM 350 C C5    . DC B 2 3  ? -9.19900  -7.96425  7.36319   1.000 428.90314 ? 133 DC B C5    1 
ATOM 351 C C6    . DC B 2 3  ? -9.27688  -7.49050  6.11630   1.000 431.85476 ? 133 DC B C6    1 
ATOM 352 P P     . DA B 2 4  ? -8.95225  -3.69129  1.42518   1.000 500.67266 ? 134 DA B P     1 
ATOM 353 O OP1   . DA B 2 4  ? -9.04828  -3.53562  -0.04240  1.000 516.10532 ? 134 DA B OP1   1 
ATOM 354 O OP2   . DA B 2 4  ? -7.64190  -3.98773  2.04369   1.000 487.98216 ? 134 DA B OP2   1 
ATOM 355 O "O5'" . DA B 2 4  ? -9.53075  -2.37218  2.12196   1.000 496.01565 ? 134 DA B "O5'" 1 
ATOM 356 C "C5'" . DA B 2 4  ? -10.84174 -1.92008  1.79941   1.000 507.44950 ? 134 DA B "C5'" 1 
ATOM 357 C "C4'" . DA B 2 4  ? -11.50287 -1.25268  2.99343   1.000 500.45986 ? 134 DA B "C4'" 1 
ATOM 358 O "O4'" . DA B 2 4  ? -11.39926 -2.11734  4.15925   1.000 487.95511 ? 134 DA B "O4'" 1 
ATOM 359 C "C3'" . DA B 2 4  ? -10.89241 0.09215   3.40931   1.000 493.72474 ? 134 DA B "C3'" 1 
ATOM 360 O "O3'" . DA B 2 4  ? -11.92477 1.00672   3.76772   1.000 498.54884 ? 134 DA B "O3'" 1 
ATOM 361 C "C2'" . DA B 2 4  ? -10.06182 -0.28617  4.62758   1.000 476.34006 ? 134 DA B "C2'" 1 
ATOM 362 C "C1'" . DA B 2 4  ? -10.95577 -1.34521  5.24560   1.000 475.16446 ? 134 DA B "C1'" 1 
ATOM 363 N N9    . DA B 2 4  ? -10.26982 -2.20077  6.20726   1.000 461.25530 ? 134 DA B N9    1 
ATOM 364 C C8    . DA B 2 4  ? -9.10857  -2.89499  6.01556   1.000 455.60240 ? 134 DA B C8    1 
ATOM 365 N N7    . DA B 2 4  ? -8.71617  -3.56922  7.07110   1.000 447.09804 ? 134 DA B N7    1 
ATOM 366 C C5    . DA B 2 4  ? -9.68582  -3.29306  8.02156   1.000 445.65223 ? 134 DA B C5    1 
ATOM 367 C C6    . DA B 2 4  ? -9.85111  -3.70586  9.35871   1.000 442.58886 ? 134 DA B C6    1 
ATOM 368 N N6    . DA B 2 4  ? -8.99916  -4.52074  9.98678   1.000 440.45553 ? 134 DA B N6    1 
ATOM 369 N N1    . DA B 2 4  ? -10.93018 -3.24675  10.02711  1.000 441.95305 ? 134 DA B N1    1 
ATOM 370 C C2    . DA B 2 4  ? -11.78018 -2.42990  9.39526   1.000 444.29610 ? 134 DA B C2    1 
ATOM 371 N N3    . DA B 2 4  ? -11.73023 -1.97408  8.14478   1.000 452.80548 ? 134 DA B N3    1 
ATOM 372 C C4    . DA B 2 4  ? -10.64818 -2.44804  7.50648   1.000 451.57866 ? 134 DA B C4    1 
ATOM 373 P P     . DC B 2 5  ? -12.57677 1.98971   2.67396   1.000 519.10238 ? 135 DC B P     1 
ATOM 374 O OP1   . DC B 2 5  ? -13.91221 2.37756   3.17831   1.000 523.80488 ? 135 DC B OP1   1 
ATOM 375 O OP2   . DC B 2 5  ? -12.46066 1.33472   1.35563   1.000 528.83102 ? 135 DC B OP2   1 
ATOM 376 O "O5'" . DC B 2 5  ? -11.63528 3.28936   2.68110   1.000 518.15844 ? 135 DC B "O5'" 1 
ATOM 377 C "C5'" . DC B 2 5  ? -10.43125 3.31029   1.91603   1.000 516.12261 ? 135 DC B "C5'" 1 
ATOM 378 C "C4'" . DC B 2 5  ? -10.32484 4.58489   1.09658   1.000 527.69921 ? 135 DC B "C4'" 1 
ATOM 379 O "O4'" . DC B 2 5  ? -9.47018  4.34444   -0.04109  1.000 532.14172 ? 135 DC B "O4'" 1 
ATOM 380 C "C3'" . DC B 2 5  ? -11.61380 5.03540   0.45694   1.000 543.53759 ? 135 DC B "C3'" 1 
ATOM 381 O "O3'" . DC B 2 5  ? -11.43998 6.35413   -0.04648  1.000 552.18415 ? 135 DC B "O3'" 1 
ATOM 382 C "C2'" . DC B 2 5  ? -11.73058 4.02236   -0.68051  1.000 551.45249 ? 135 DC B "C2'" 1 
ATOM 383 C "C1'" . DC B 2 5  ? -10.26618 3.88357   -1.12498  1.000 547.05442 ? 135 DC B "C1'" 1 
ATOM 384 N N1    . DC B 2 5  ? -9.83873  2.48389   -1.42682  1.000 544.90682 ? 135 DC B N1    1 
ATOM 385 C C2    . DC B 2 5  ? -8.68926  2.27047   -2.19050  1.000 545.72998 ? 135 DC B C2    1 
ATOM 386 O O2    . DC B 2 5  ? -8.06648  3.24585   -2.62494  1.000 548.62016 ? 135 DC B O2    1 
ATOM 387 N N3    . DC B 2 5  ? -8.29655  1.00131   -2.44453  1.000 543.96728 ? 135 DC B N3    1 
ATOM 388 C C4    . DC B 2 5  ? -8.98997  -0.02379  -1.95467  1.000 541.48581 ? 135 DC B C4    1 
ATOM 389 N N4    . DC B 2 5  ? -8.55761  -1.25739  -2.22951  1.000 540.29669 ? 135 DC B N4    1 
ATOM 390 C C5    . DC B 2 5  ? -10.15989 0.17022   -1.16535  1.000 540.67573 ? 135 DC B C5    1 
ATOM 391 C C6    . DC B 2 5  ? -10.54311 1.42843   -0.92753  1.000 542.30224 ? 135 DC B C6    1 
ATOM 392 P P     . DC B 2 6  ? -12.65339 7.40683   -0.05658  1.000 567.75794 ? 136 DC B P     1 
ATOM 393 O OP1   . DC B 2 6  ? -12.45945 8.33301   1.08185   1.000 555.64111 ? 136 DC B OP1   1 
ATOM 394 O OP2   . DC B 2 6  ? -13.91623 6.64829   -0.18977  1.000 577.85117 ? 136 DC B OP2   1 
ATOM 395 O "O5'" . DC B 2 6  ? -12.42192 8.21861   -1.41305  1.000 581.59622 ? 136 DC B "O5'" 1 
ATOM 396 C "C5'" . DC B 2 6  ? -11.28141 7.93585   -2.21339  1.000 581.04125 ? 136 DC B "C5'" 1 
ATOM 397 C "C4'" . DC B 2 6  ? -11.68888 7.61809   -3.64019  1.000 596.34523 ? 136 DC B "C4'" 1 
ATOM 398 O "O4'" . DC B 2 6  ? -11.21119 6.29066   -4.00825  1.000 591.37020 ? 136 DC B "O4'" 1 
ATOM 399 C "C3'" . DC B 2 6  ? -13.20001 7.59833   -3.89905  1.000 609.64697 ? 136 DC B "C3'" 1 
ATOM 400 O "O3'" . DC B 2 6  ? -13.45801 8.12567   -5.19710  1.000 626.94922 ? 136 DC B "O3'" 1 
ATOM 401 C "C2'" . DC B 2 6  ? -13.50977 6.10526   -3.84365  1.000 606.97511 ? 136 DC B "C2'" 1 
ATOM 402 C "C1'" . DC B 2 6  ? -12.28752 5.57571   -4.56781  1.000 603.29158 ? 136 DC B "C1'" 1 
ATOM 403 N N1    . DC B 2 6  ? -12.04666 4.10012   -4.42653  1.000 596.75448 ? 136 DC B N1    1 
ATOM 404 C C2    . DC B 2 6  ? -10.90930 3.53617   -5.00700  1.000 593.34292 ? 136 DC B C2    1 
ATOM 405 O O2    . DC B 2 6  ? -10.12695 4.25464   -5.62686  1.000 595.67434 ? 136 DC B O2    1 
ATOM 406 N N3    . DC B 2 6  ? -10.70332 2.20690   -4.90429  1.000 588.43678 ? 136 DC B N3    1 
ATOM 407 C C4    . DC B 2 6  ? -11.57009 1.44668   -4.24146  1.000 586.83645 ? 136 DC B C4    1 
ATOM 408 N N4    . DC B 2 6  ? -11.31136 0.13696   -4.16336  1.000 582.46587 ? 136 DC B N4    1 
ATOM 409 C C5    . DC B 2 6  ? -12.74135 1.99537   -3.63771  1.000 590.24667 ? 136 DC B C5    1 
ATOM 410 C C6    . DC B 2 6  ? -12.94222 3.31532   -3.75990  1.000 595.16713 ? 136 DC B C6    1 
ATOM 411 P P     . DG B 2 7  ? -14.74066 9.05369   -5.47868  1.000 651.96302 ? 137 DG B P     1 
ATOM 412 O OP1   . DG B 2 7  ? -14.47389 10.37624  -4.87091  1.000 647.27749 ? 137 DG B OP1   1 
ATOM 413 O OP2   . DG B 2 7  ? -15.95206 8.30018   -5.08577  1.000 654.93215 ? 137 DG B OP2   1 
ATOM 414 O "O5'" . DG B 2 7  ? -14.76021 9.19118   -7.07828  1.000 670.18569 ? 137 DG B "O5'" 1 
ATOM 415 C "C5'" . DG B 2 7  ? -13.68978 9.85136   -7.74962  1.000 672.48221 ? 137 DG B "C5'" 1 
ATOM 416 C "C4'" . DG B 2 7  ? -13.34819 9.18796   -9.08558  1.000 680.21724 ? 137 DG B "C4'" 1 
ATOM 417 O "O4'" . DG B 2 7  ? -12.98783 7.79574   -8.89820  1.000 669.94613 ? 137 DG B "O4'" 1 
ATOM 418 C "C3'" . DG B 2 7  ? -14.43781 9.18838   -10.14183 1.000 700.12820 ? 137 DG B "C3'" 1 
ATOM 419 O "O3'" . DG B 2 7  ? -13.81636 9.29364   -11.42776 1.000 708.18283 ? 137 DG B "O3'" 1 
ATOM 420 C "C2'" . DG B 2 7  ? -15.12231 7.83159   -9.92459  1.000 698.64865 ? 137 DG B "C2'" 1 
ATOM 421 C "C1'" . DG B 2 7  ? -13.96587 6.94068   -9.47647  1.000 680.91474 ? 137 DG B "C1'" 1 
ATOM 422 N N9    . DG B 2 7  ? -14.30833 5.95718   -8.45119  1.000 670.36405 ? 137 DG B N9    1 
ATOM 423 C C8    . DG B 2 7  ? -14.74932 6.23028   -7.18265  1.000 661.87383 ? 137 DG B C8    1 
ATOM 424 N N7    . DG B 2 7  ? -14.93151 5.17260   -6.45187  1.000 653.16232 ? 137 DG B N7    1 
ATOM 425 C C5    . DG B 2 7  ? -14.55998 4.12110   -7.27214  1.000 655.75720 ? 137 DG B C5    1 
ATOM 426 C C6    . DG B 2 7  ? -14.55023 2.73473   -7.00851  1.000 650.03883 ? 137 DG B C6    1 
ATOM 427 O O6    . DG B 2 7  ? -14.87289 2.15503   -5.96429  1.000 641.30944 ? 137 DG B O6    1 
ATOM 428 N N1    . DG B 2 7  ? -14.11078 2.00417   -8.10677  1.000 655.84910 ? 137 DG B N1    1 
ATOM 429 C C2    . DG B 2 7  ? -13.73066 2.54651   -9.31203  1.000 665.78991 ? 137 DG B C2    1 
ATOM 430 N N2    . DG B 2 7  ? -13.33862 1.67567   -10.25463 1.000 670.19447 ? 137 DG B N2    1 
ATOM 431 N N3    . DG B 2 7  ? -13.73469 3.85459   -9.57535  1.000 671.44173 ? 137 DG B N3    1 
ATOM 432 C C4    . DG B 2 7  ? -14.16172 4.58069   -8.50782  1.000 665.99909 ? 137 DG B C4    1 
ATOM 433 P P     . DT B 2 8  ? -14.61867 8.98859   -12.78509 1.000 637.53493 ? 138 DT B P     1 
ATOM 434 O OP1   . DT B 2 8  ? -13.95254 9.75790   -13.86033 1.000 644.57720 ? 138 DT B OP1   1 
ATOM 435 O OP2   . DT B 2 8  ? -16.06510 9.18825   -12.54232 1.000 649.48897 ? 138 DT B OP2   1 
ATOM 436 O "O5'" . DT B 2 8  ? -14.33402 7.43696   -13.04303 1.000 632.62873 ? 138 DT B "O5'" 1 
ATOM 437 C "C5'" . DT B 2 8  ? -14.39370 6.91337   -14.35910 1.000 645.27421 ? 138 DT B "C5'" 1 
ATOM 438 C "C4'" . DT B 2 8  ? -15.57428 5.97652   -14.50483 1.000 653.85024 ? 138 DT B "C4'" 1 
ATOM 439 O "O4'" . DT B 2 8  ? -15.52228 4.98621   -13.46157 1.000 639.32268 ? 138 DT B "O4'" 1 
ATOM 440 C "C3'" . DT B 2 8  ? -16.93095 6.63091   -14.33295 1.000 666.24529 ? 138 DT B "C3'" 1 
ATOM 441 O "O3'" . DT B 2 8  ? -17.36756 7.17850   -15.57183 1.000 685.41988 ? 138 DT B "O3'" 1 
ATOM 442 C "C2'" . DT B 2 8  ? -17.81561 5.46149   -13.89441 1.000 666.16315 ? 138 DT B "C2'" 1 
ATOM 443 C "C1'" . DT B 2 8  ? -16.82478 4.49486   -13.22535 1.000 647.39319 ? 138 DT B "C1'" 1 
ATOM 444 N N1    . DT B 2 8  ? -17.02824 4.34230   -11.75009 1.000 633.25977 ? 138 DT B N1    1 
ATOM 445 C C2    . DT B 2 8  ? -16.76956 3.12517   -11.16085 1.000 622.01085 ? 138 DT B C2    1 
ATOM 446 O O2    . DT B 2 8  ? -16.36773 2.15682   -11.77984 1.000 622.92646 ? 138 DT B O2    1 
ATOM 447 N N3    . DT B 2 8  ? -16.99519 3.08138   -9.81093  1.000 609.82957 ? 138 DT B N3    1 
ATOM 448 C C4    . DT B 2 8  ? -17.44550 4.11496   -9.00835  1.000 607.63781 ? 138 DT B C4    1 
ATOM 449 O O4    . DT B 2 8  ? -17.61770 3.98213   -7.80335  1.000 596.32229 ? 138 DT B O4    1 
ATOM 450 C C5    . DT B 2 8  ? -17.70389 5.36165   -9.68847  1.000 620.02090 ? 138 DT B C5    1 
ATOM 451 C C7    . DT B 2 8  ? -18.20230 6.54889   -8.91797  1.000 619.43294 ? 138 DT B C7    1 
ATOM 452 C C6    . DT B 2 8  ? -17.48127 5.41727   -11.01031 1.000 632.22371 ? 138 DT B C6    1 
ATOM 453 P P     . DG C 3 1  ? 29.16894  4.73353   7.89055   1.000 444.11148 ? 197 DG D P     1 
ATOM 454 O OP1   . DG C 3 1  ? 28.98719  4.90932   9.34967   1.000 437.59376 ? 197 DG D OP1   1 
ATOM 455 O OP2   . DG C 3 1  ? 28.33678  3.75692   7.15133   1.000 444.83456 ? 197 DG D OP2   1 
ATOM 456 O "O5'" . DG C 3 1  ? 29.04454  6.15280   7.16273   1.000 460.78355 ? 197 DG D "O5'" 1 
ATOM 457 C "C5'" . DG C 3 1  ? 27.94883  7.01498   7.46320   1.000 467.92489 ? 197 DG D "C5'" 1 
ATOM 458 C "C4'" . DG C 3 1  ? 27.87858  8.15169   6.46104   1.000 485.12088 ? 197 DG D "C4'" 1 
ATOM 459 O "O4'" . DG C 3 1  ? 28.79803  7.87275   5.36807   1.000 489.39850 ? 197 DG D "O4'" 1 
ATOM 460 C "C3'" . DG C 3 1  ? 26.51487  8.34236   5.79926   1.000 496.29685 ? 197 DG D "C3'" 1 
ATOM 461 O "O3'" . DG C 3 1  ? 26.34292  9.70665   5.39156   1.000 510.93759 ? 197 DG D "O3'" 1 
ATOM 462 C "C2'" . DG C 3 1  ? 26.63717  7.42796   4.59730   1.000 499.21078 ? 197 DG D "C2'" 1 
ATOM 463 C "C1'" . DG C 3 1  ? 28.06295  7.73076   4.16918   1.000 500.72113 ? 197 DG D "C1'" 1 
ATOM 464 N N9    . DG C 3 1  ? 28.66644  6.68170   3.35161   1.000 498.60156 ? 197 DG D N9    1 
ATOM 465 C C8    . DG C 3 1  ? 28.77512  5.34477   3.65563   1.000 486.41953 ? 197 DG D C8    1 
ATOM 466 N N7    . DG C 3 1  ? 29.35794  4.64591   2.71956   1.000 488.49450 ? 197 DG D N7    1 
ATOM 467 C C5    . DG C 3 1  ? 29.65077  5.57818   1.73183   1.000 502.67338 ? 197 DG D C5    1 
ATOM 468 C C6    . DG C 3 1  ? 30.28409  5.40982   0.47762   1.000 511.09036 ? 197 DG D C6    1 
ATOM 469 O O6    . DG C 3 1  ? 30.72782  4.36722   -0.02551  1.000 507.78810 ? 197 DG D O6    1 
ATOM 470 N N1    . DG C 3 1  ? 30.38075  6.61486   -0.21574  1.000 525.06107 ? 197 DG D N1    1 
ATOM 471 C C2    . DG C 3 1  ? 29.92504  7.82824   0.24630   1.000 530.57241 ? 197 DG D C2    1 
ATOM 472 N N2    . DG C 3 1  ? 30.10940  8.88075   -0.56515  1.000 544.73842 ? 197 DG D N2    1 
ATOM 473 N N3    . DG C 3 1  ? 29.33035  7.99885   1.41896   1.000 523.09826 ? 197 DG D N3    1 
ATOM 474 C C4    . DG C 3 1  ? 29.22786  6.83464   2.10554   1.000 509.09649 ? 197 DG D C4    1 
ATOM 475 P P     . DG C 3 2  ? 24.86917  10.28924  5.10247   1.000 454.74164 ? 198 DG D P     1 
ATOM 476 O OP1   . DG C 3 2  ? 24.75760  11.60202  5.77404   1.000 456.75487 ? 198 DG D OP1   1 
ATOM 477 O OP2   . DG C 3 2  ? 23.90363  9.21964   5.43393   1.000 451.73202 ? 198 DG D OP2   1 
ATOM 478 O "O5'" . DG C 3 2  ? 24.82111  10.51086  3.51243   1.000 462.26103 ? 198 DG D "O5'" 1 
ATOM 479 C "C5'" . DG C 3 2  ? 25.42213  11.66801  2.91834   1.000 467.47811 ? 198 DG D "C5'" 1 
ATOM 480 C "C4'" . DG C 3 2  ? 25.24997  11.66471  1.40100   1.000 503.69354 ? 198 DG D "C4'" 1 
ATOM 481 O "O4'" . DG C 3 2  ? 26.10362  10.64792  0.81559   1.000 497.62342 ? 198 DG D "O4'" 1 
ATOM 482 C "C3'" . DG C 3 2  ? 23.83044  11.39053  0.90658   1.000 510.94057 ? 198 DG D "C3'" 1 
ATOM 483 O "O3'" . DG C 3 2  ? 23.20355  12.62420  0.52471   1.000 526.61868 ? 198 DG D "O3'" 1 
ATOM 484 C "C2'" . DG C 3 2  ? 24.02999  10.47961  -0.30993  1.000 513.30963 ? 198 DG D "C2'" 1 
ATOM 485 C "C1'" . DG C 3 2  ? 25.36291  9.79769   -0.03807  1.000 500.93219 ? 198 DG D "C1'" 1 
ATOM 486 N N9    . DG C 3 2  ? 25.26146  8.48451   0.60140   1.000 486.00544 ? 198 DG D N9    1 
ATOM 487 C C8    . DG C 3 2  ? 24.76567  8.21093   1.85121   1.000 461.65184 ? 198 DG D C8    1 
ATOM 488 N N7    . DG C 3 2  ? 24.82412  6.95095   2.17183   1.000 456.20188 ? 198 DG D N7    1 
ATOM 489 C C5    . DG C 3 2  ? 25.40555  6.34503   1.06850   1.000 458.91975 ? 198 DG D C5    1 
ATOM 490 C C6    . DG C 3 2  ? 25.73586  4.98852   0.84183   1.000 455.94192 ? 198 DG D C6    1 
ATOM 491 O O6    . DG C 3 2  ? 25.55667  4.02083   1.59614   1.000 448.35459 ? 198 DG D O6    1 
ATOM 492 N N1    . DG C 3 2  ? 26.31198  4.79650   -0.41241  1.000 466.38745 ? 198 DG D N1    1 
ATOM 493 C C2    . DG C 3 2  ? 26.55554  5.79150   -1.32853  1.000 480.23147 ? 198 DG D C2    1 
ATOM 494 N N2    . DG C 3 2  ? 27.12476  5.40774   -2.48073  1.000 486.40935 ? 198 DG D N2    1 
ATOM 495 N N3    . DG C 3 2  ? 26.26197  7.07263   -1.12667  1.000 487.90725 ? 198 DG D N3    1 
ATOM 496 C C4    . DG C 3 2  ? 25.69354  7.27553   0.09120   1.000 480.41514 ? 198 DG D C4    1 
ATOM 497 P P     . DT C 3 3  ? 22.03692  13.27180  1.42514   1.000 562.87410 ? 199 DT D P     1 
ATOM 498 O OP1   . DT C 3 3  ? 22.68155  13.96584  2.55987   1.000 557.59222 ? 199 DT D OP1   1 
ATOM 499 O OP2   . DT C 3 3  ? 21.01875  12.23317  1.68169   1.000 555.45256 ? 199 DT D OP2   1 
ATOM 500 O "O5'" . DT C 3 3  ? 21.36976  14.37734  0.47437   1.000 582.78641 ? 199 DT D "O5'" 1 
ATOM 501 C "C5'" . DT C 3 3  ? 20.07128  14.15641  -0.09024  1.000 590.34902 ? 199 DT D "C5'" 1 
ATOM 502 C "C4'" . DT C 3 3  ? 20.17090  13.82461  -1.56999  1.000 598.38730 ? 199 DT D "C4'" 1 
ATOM 503 O "O4'" . DT C 3 3  ? 21.25661  12.89356  -1.77027  1.000 587.32142 ? 199 DT D "O4'" 1 
ATOM 504 C "C3'" . DT C 3 3  ? 18.93184  13.16436  -2.16156  1.000 602.48224 ? 199 DT D "C3'" 1 
ATOM 505 O "O3'" . DT C 3 3  ? 18.08183  14.16126  -2.75116  1.000 619.52064 ? 199 DT D "O3'" 1 
ATOM 506 C "C2'" . DT C 3 3  ? 19.50046  12.22604  -3.22723  1.000 600.83618 ? 199 DT D "C2'" 1 
ATOM 507 C "C1'" . DT C 3 3  ? 20.91211  11.92480  -2.73866  1.000 588.55639 ? 199 DT D "C1'" 1 
ATOM 508 N N1    . DT C 3 3  ? 21.08571  10.57160  -2.12966  1.000 571.85478 ? 199 DT D N1    1 
ATOM 509 C C2    . DT C 3 3  ? 21.59098  9.54869   -2.89836  1.000 568.33682 ? 199 DT D C2    1 
ATOM 510 O O2    . DT C 3 3  ? 21.88417  9.67775   -4.07356  1.000 578.18590 ? 199 DT D O2    1 
ATOM 511 N N3    . DT C 3 3  ? 21.73469  8.35574   -2.24137  1.000 553.14837 ? 199 DT D N3    1 
ATOM 512 C C4    . DT C 3 3  ? 21.43840  8.08833   -0.91754  1.000 524.65034 ? 199 DT D C4    1 
ATOM 513 O O4    . DT C 3 3  ? 21.60363  6.97814   -0.41961  1.000 488.86167 ? 199 DT D O4    1 
ATOM 514 C C5    . DT C 3 3  ? 20.91874  9.20582   -0.16326  1.000 540.58871 ? 199 DT D C5    1 
ATOM 515 C C7    . DT C 3 3  ? 20.56220  9.03716   1.28465   1.000 512.45418 ? 199 DT D C7    1 
ATOM 516 C C6    . DT C 3 3  ? 20.76838  10.38051  -0.79884  1.000 560.49630 ? 199 DT D C6    1 
ATOM 517 P P     . DG C 3 4  ? 16.55476  14.33049  -2.27158  1.000 712.24824 ? 200 DG D P     1 
ATOM 518 O OP1   . DG C 3 4  ? 16.27029  15.78052  -2.17922  1.000 725.07828 ? 200 DG D OP1   1 
ATOM 519 O OP2   . DG C 3 4  ? 16.36367  13.46398  -1.08792  1.000 695.60885 ? 200 DG D OP2   1 
ATOM 520 O "O5'" . DG C 3 4  ? 15.68930  13.71373  -3.47198  1.000 721.84155 ? 200 DG D "O5'" 1 
ATOM 521 C "C5'" . DG C 3 4  ? 15.72506  14.31033  -4.77125  1.000 737.38905 ? 200 DG D "C5'" 1 
ATOM 522 C "C4'" . DG C 3 4  ? 16.25671  13.31887  -5.78776  1.000 735.17469 ? 200 DG D "C4'" 1 
ATOM 523 O "O4'" . DG C 3 4  ? 17.15020  12.41981  -5.10534  1.000 718.05523 ? 200 DG D "O4'" 1 
ATOM 524 C "C3'" . DG C 3 4  ? 15.18990  12.45132  -6.46614  1.000 738.60896 ? 200 DG D "C3'" 1 
ATOM 525 O "O3'" . DG C 3 4  ? 15.07015  12.76641  -7.87739  1.000 754.02730 ? 200 DG D "O3'" 1 
ATOM 526 C "C2'" . DG C 3 4  ? 15.62158  11.00119  -6.23160  1.000 722.99276 ? 200 DG D "C2'" 1 
ATOM 527 C "C1'" . DG C 3 4  ? 16.99149  11.10553  -5.56838  1.000 711.76658 ? 200 DG D "C1'" 1 
ATOM 528 N N9    . DG C 3 4  ? 17.13537  10.19797  -4.43302  1.000 694.42806 ? 200 DG D N9    1 
ATOM 529 C C8    . DG C 3 4  ? 16.78491  10.43306  -3.12512  1.000 687.19048 ? 200 DG D C8    1 
ATOM 530 N N7    . DG C 3 4  ? 17.02741  9.42218   -2.33536  1.000 671.36993 ? 200 DG D N7    1 
ATOM 531 C C5    . DG C 3 4  ? 17.55467  8.45318   -3.17777  1.000 668.33326 ? 200 DG D C5    1 
ATOM 532 C C6    . DG C 3 4  ? 18.00302  7.13762   -2.90044  1.000 653.99736 ? 200 DG D C6    1 
ATOM 533 O O6    . DG C 3 4  ? 18.02045  6.54272   -1.81209  1.000 640.31570 ? 200 DG D O6    1 
ATOM 534 N N1    . DG C 3 4  ? 18.46241  6.49693   -4.04834  1.000 657.03929 ? 200 DG D N1    1 
ATOM 535 C C2    . DG C 3 4  ? 18.48674  7.05857   -5.30559  1.000 671.83755 ? 200 DG D C2    1 
ATOM 536 N N2    . DG C 3 4  ? 18.96295  6.29912   -6.29828  1.000 673.00338 ? 200 DG D N2    1 
ATOM 537 N N3    . DG C 3 4  ? 18.07553  8.28435   -5.57320  1.000 684.96766 ? 200 DG D N3    1 
ATOM 538 C C4    . DG C 3 4  ? 17.62897  8.92091   -4.47181  1.000 682.46565 ? 200 DG D C4    1 
ATOM 539 P P     . DC C 3 5  ? 16.18655  12.32680  -8.95810  1.000 687.56905 ? 201 DC D P     1 
ATOM 540 O OP1   . DC C 3 5  ? 17.54711  12.45828  -8.39445  1.000 679.18792 ? 201 DC D OP1   1 
ATOM 541 O OP2   . DC C 3 5  ? 15.86036  13.07526  -10.18952 1.000 705.46144 ? 201 DC D OP2   1 
ATOM 542 O "O5'" . DC C 3 5  ? 15.89532  10.77822  -9.26986  1.000 678.42253 ? 201 DC D "O5'" 1 
ATOM 543 C "C5'" . DC C 3 5  ? 16.69773  10.10662  -10.25005 1.000 676.61290 ? 201 DC D "C5'" 1 
ATOM 544 C "C4'" . DC C 3 5  ? 16.40558  8.60960   -10.32762 1.000 668.65771 ? 201 DC D "C4'" 1 
ATOM 545 O "O4'" . DC C 3 5  ? 16.64078  7.96373   -9.04776  1.000 651.43123 ? 201 DC D "O4'" 1 
ATOM 546 C "C3'" . DC C 3 5  ? 14.98105  8.21304   -10.74617 1.000 676.87766 ? 201 DC D "C3'" 1 
ATOM 547 O "O3'" . DC C 3 5  ? 15.06105  7.25611   -11.80123 1.000 679.29313 ? 201 DC D "O3'" 1 
ATOM 548 C "C2'" . DC C 3 5  ? 14.41114  7.58585   -9.46978  1.000 664.13554 ? 201 DC D "C2'" 1 
ATOM 549 C "C1'" . DC C 3 5  ? 15.66310  6.96613   -8.88851  1.000 648.22832 ? 201 DC D "C1'" 1 
ATOM 550 N N1    . DC C 3 5  ? 15.56650  6.60580   -7.44684  1.000 633.44030 ? 201 DC D N1    1 
ATOM 551 C C2    . DC C 3 5  ? 15.87803  5.30282   -7.03964  1.000 619.33515 ? 201 DC D C2    1 
ATOM 552 O O2    . DC C 3 5  ? 16.21637  4.47335   -7.89316  1.000 619.83246 ? 201 DC D O2    1 
ATOM 553 N N3    . DC C 3 5  ? 15.79797  4.99003   -5.72201  1.000 605.89459 ? 201 DC D N3    1 
ATOM 554 C C4    . DC C 3 5  ? 15.42690  5.92012   -4.83933  1.000 606.27889 ? 201 DC D C4    1 
ATOM 555 N N4    . DC C 3 5  ? 15.36038  5.57292   -3.55029  1.000 592.80766 ? 201 DC D N4    1 
ATOM 556 C C5    . DC C 3 5  ? 15.10092  7.24792   -5.23886  1.000 620.86951 ? 201 DC D C5    1 
ATOM 557 C C6    . DC C 3 5  ? 15.18988  7.54569   -6.53762  1.000 633.94897 ? 201 DC D C6    1 
ATOM 558 P P     . DA C 3 6  ? 13.75698  6.81160   -12.63181 1.000 671.31345 ? 202 DA D P     1 
ATOM 559 O OP1   . DA C 3 6  ? 13.87858  7.39667   -13.98460 1.000 686.76771 ? 202 DA D OP1   1 
ATOM 560 O OP2   . DA C 3 6  ? 12.54215  7.07705   -11.82924 1.000 672.57957 ? 202 DA D OP2   1 
ATOM 561 O "O5'" . DA C 3 6  ? 13.91893  5.22438   -12.75732 1.000 662.10185 ? 202 DA D "O5'" 1 
ATOM 562 C "C5'" . DA C 3 6  ? 15.04462  4.57213   -12.16319 1.000 647.34966 ? 202 DA D "C5'" 1 
ATOM 563 C "C4'" . DA C 3 6  ? 14.69284  3.15677   -11.72940 1.000 636.02364 ? 202 DA D "C4'" 1 
ATOM 564 O "O4'" . DA C 3 6  ? 14.70564  3.07200   -10.27583 1.000 622.45690 ? 202 DA D "O4'" 1 
ATOM 565 C "C3'" . DA C 3 6  ? 13.30523  2.68215   -12.13856 1.000 644.01884 ? 202 DA D "C3'" 1 
ATOM 566 O "O3'" . DA C 3 6  ? 13.29659  1.26472   -12.22759 1.000 637.21768 ? 202 DA D "O3'" 1 
ATOM 567 C "C2'" . DA C 3 6  ? 12.47237  3.15052   -10.95643 1.000 639.68822 ? 202 DA D "C2'" 1 
ATOM 568 C "C1'" . DA C 3 6  ? 13.40097  2.76760   -9.81473  1.000 622.16175 ? 202 DA D "C1'" 1 
ATOM 569 N N9    . DA C 3 6  ? 13.16178  3.49822   -8.57141  1.000 616.11966 ? 202 DA D N9    1 
ATOM 570 C C8    . DA C 3 6  ? 12.84739  4.82090   -8.43692  1.000 624.77264 ? 202 DA D C8    1 
ATOM 571 N N7    . DA C 3 6  ? 12.69956  5.20697   -7.19056  1.000 616.59713 ? 202 DA D N7    1 
ATOM 572 C C5    . DA C 3 6  ? 12.93490  4.05641   -6.45611  1.000 601.21037 ? 202 DA D C5    1 
ATOM 573 C C6    . DA C 3 6  ? 12.92936  3.79435   -5.07056  1.000 586.85319 ? 202 DA D C6    1 
ATOM 574 N N6    . DA C 3 6  ? 12.66638  4.72304   -4.14595  1.000 585.88235 ? 202 DA D N6    1 
ATOM 575 N N1    . DA C 3 6  ? 13.20551  2.53606   -4.67110  1.000 564.76264 ? 202 DA D N1    1 
ATOM 576 C C2    . DA C 3 6  ? 13.46035  1.60601   -5.59917  1.000 567.74595 ? 202 DA D C2    1 
ATOM 577 N N3    . DA C 3 6  ? 13.49820  1.73272   -6.92473  1.000 588.50933 ? 202 DA D N3    1 
ATOM 578 C C4    . DA C 3 6  ? 13.22435  2.99456   -7.29149  1.000 600.83217 ? 202 DA D C4    1 
ATOM 579 P P     . DC C 3 7  ? 13.20304  0.53354   -13.65421 1.000 643.59692 ? 203 DC D P     1 
ATOM 580 O OP1   . DC C 3 7  ? 14.57264  0.47607   -14.21141 1.000 641.98969 ? 203 DC D OP1   1 
ATOM 581 O OP2   . DC C 3 7  ? 12.12231  1.18326   -14.42826 1.000 660.08962 ? 203 DC D OP2   1 
ATOM 582 O "O5'" . DC C 3 7  ? 12.72774  -0.95029  -13.28660 1.000 634.92395 ? 203 DC D "O5'" 1 
ATOM 583 C "C5'" . DC C 3 7  ? 11.47708  -1.15457  -12.63187 1.000 634.42347 ? 203 DC D "C5'" 1 
ATOM 584 C "C4'" . DC C 3 7  ? 11.61161  -2.15428  -11.49578 1.000 617.59183 ? 203 DC D "C4'" 1 
ATOM 585 O "O4'" . DC C 3 7  ? 11.89421  -1.45007  -10.25442 1.000 607.88907 ? 203 DC D "O4'" 1 
ATOM 586 C "C3'" . DC C 3 7  ? 10.35739  -2.96065  -11.20348 1.000 617.62206 ? 203 DC D "C3'" 1 
ATOM 587 O "O3'" . DC C 3 7  ? 10.72262  -4.17623  -10.57065 1.000 603.79362 ? 203 DC D "O3'" 1 
ATOM 588 C "C2'" . DC C 3 7  ? 9.62524   -2.03859  -10.23932 1.000 616.55845 ? 203 DC D "C2'" 1 
ATOM 589 C "C1'" . DC C 3 7  ? 10.78739  -1.57905  -9.37318  1.000 604.22630 ? 203 DC D "C1'" 1 
ATOM 590 N N1    . DC C 3 7  ? 10.57253  -0.26665  -8.69754  1.000 605.59915 ? 203 DC D N1    1 
ATOM 591 C C2    . DC C 3 7  ? 10.67608  -0.17730  -7.30326  1.000 592.12305 ? 203 DC D C2    1 
ATOM 592 O O2    . DC C 3 7  ? 10.92695  -1.19786  -6.65370  1.000 579.08673 ? 203 DC D O2    1 
ATOM 593 N N3    . DC C 3 7  ? 10.49567  1.02883   -6.70756  1.000 594.21670 ? 203 DC D N3    1 
ATOM 594 C C4    . DC C 3 7  ? 10.22362  2.10330   -7.44936  1.000 608.94364 ? 203 DC D C4    1 
ATOM 595 N N4    . DC C 3 7  ? 10.05182  3.27307   -6.82614  1.000 611.17191 ? 203 DC D N4    1 
ATOM 596 C C5    . DC C 3 7  ? 10.11769  2.02922   -8.86675  1.000 622.47099 ? 203 DC D C5    1 
ATOM 597 C C6    . DC C 3 7  ? 10.30586  0.83973   -9.44415  1.000 620.21065 ? 203 DC D C6    1 
ATOM 598 P P     . DT C 3 8  ? 9.71781   -5.42854  -10.56720 1.000 595.10304 ? 204 DT D P     1 
ATOM 599 O OP1   . DT C 3 8  ? 10.40898  -6.53307  -11.26720 1.000 593.53348 ? 204 DT D OP1   1 
ATOM 600 O OP2   . DT C 3 8  ? 8.39984   -4.95624  -11.04821 1.000 609.69804 ? 204 DT D OP2   1 
ATOM 601 O "O5'" . DT C 3 8  ? 9.58317   -5.81016  -9.01688  1.000 579.01612 ? 204 DT D "O5'" 1 
ATOM 602 C "C5'" . DT C 3 8  ? 9.30687   -4.79365  -8.05370  1.000 576.57819 ? 204 DT D "C5'" 1 
ATOM 603 C "C4'" . DT C 3 8  ? 9.06451   -5.39383  -6.68005  1.000 561.16347 ? 204 DT D "C4'" 1 
ATOM 604 O "O4'" . DT C 3 8  ? 9.16902   -4.36023  -5.67107  1.000 555.70907 ? 204 DT D "O4'" 1 
ATOM 605 C "C3'" . DT C 3 8  ? 7.69013   -5.99680  -6.47513  1.000 563.24793 ? 204 DT D "C3'" 1 
ATOM 606 O "O3'" . DT C 3 8  ? 7.75223   -6.98184  -5.44858  1.000 547.91633 ? 204 DT D "O3'" 1 
ATOM 607 C "C2'" . DT C 3 8  ? 6.86317   -4.77997  -6.05156  1.000 569.68359 ? 204 DT D "C2'" 1 
ATOM 608 C "C1'" . DT C 3 8  ? 7.87450   -3.96178  -5.24369  1.000 560.22817 ? 204 DT D "C1'" 1 
ATOM 609 N N1    . DT C 3 8  ? 7.76476   -2.48348  -5.44605  1.000 570.41279 ? 204 DT D N1    1 
ATOM 610 C C2    . DT C 3 8  ? 7.91071   -1.64296  -4.36598  1.000 563.98071 ? 204 DT D C2    1 
ATOM 611 O O2    . DT C 3 8  ? 8.11091   -2.04182  -3.23255  1.000 538.42724 ? 204 DT D O2    1 
ATOM 612 N N3    . DT C 3 8  ? 7.82105   -0.30714  -4.66320  1.000 574.88648 ? 204 DT D N3    1 
ATOM 613 C C4    . DT C 3 8  ? 7.60282   0.25695   -5.90843  1.000 590.99438 ? 204 DT D C4    1 
ATOM 614 O O4    . DT C 3 8  ? 7.53581   1.46833   -6.07909  1.000 600.21655 ? 204 DT D O4    1 
ATOM 615 C C5    . DT C 3 8  ? 7.46091   -0.67997  -6.99562  1.000 596.63061 ? 204 DT D C5    1 
ATOM 616 C C7    . DT C 3 8  ? 7.21659   -0.18295  -8.38935  1.000 613.99743 ? 204 DT D C7    1 
ATOM 617 C C6    . DT C 3 8  ? 7.55158   -1.98858  -6.71646  1.000 586.31399 ? 204 DT D C6    1 
ATOM 618 P P     . DC C 3 9  ? 6.50110   -7.95033  -5.17416  1.000 503.97045 ? 205 DC D P     1 
ATOM 619 O OP1   . DC C 3 9  ? 7.01590   -9.18097  -4.53200  1.000 473.80838 ? 205 DC D OP1   1 
ATOM 620 O OP2   . DC C 3 9  ? 5.72717   -8.05249  -6.43107  1.000 544.20938 ? 205 DC D OP2   1 
ATOM 621 O "O5'" . DC C 3 9  ? 5.62409   -7.13441  -4.11582  1.000 500.38263 ? 205 DC D "O5'" 1 
ATOM 622 C "C5'" . DC C 3 9  ? 6.24182   -6.59217  -2.95222  1.000 475.25390 ? 205 DC D "C5'" 1 
ATOM 623 C "C4'" . DC C 3 9  ? 5.26506   -5.72383  -2.18299  1.000 482.16014 ? 205 DC D "C4'" 1 
ATOM 624 O "O4'" . DC C 3 9  ? 5.44330   -4.33735  -2.55571  1.000 522.52495 ? 205 DC D "O4'" 1 
ATOM 625 C "C3'" . DC C 3 9  ? 3.79054   -6.05145  -2.43116  1.000 502.46599 ? 205 DC D "C3'" 1 
ATOM 626 O "O3'" . DC C 3 9  ? 3.17772   -6.47830  -1.22081  1.000 474.02452 ? 205 DC D "O3'" 1 
ATOM 627 C "C2'" . DC C 3 9  ? 3.18331   -4.73651  -2.94995  1.000 552.41273 ? 205 DC D "C2'" 1 
ATOM 628 C "C1'" . DC C 3 9  ? 4.19832   -3.69139  -2.50804  1.000 546.88227 ? 205 DC D "C1'" 1 
ATOM 629 N N1    . DC C 3 9  ? 4.25539   -2.48923  -3.40627  1.000 561.29858 ? 205 DC D N1    1 
ATOM 630 C C2    . DC C 3 9  ? 4.50258   -1.22315  -2.86184  1.000 561.68919 ? 205 DC D C2    1 
ATOM 631 O O2    . DC C 3 9  ? 4.65166   -1.10425  -1.64358  1.000 550.19414 ? 205 DC D O2    1 
ATOM 632 N N3    . DC C 3 9  ? 4.54807   -0.14698  -3.68710  1.000 575.25012 ? 205 DC D N3    1 
ATOM 633 C C4    . DC C 3 9  ? 4.37524   -0.30482  -5.00088  1.000 587.58671 ? 205 DC D C4    1 
ATOM 634 N N4    . DC C 3 9  ? 4.43375   0.78526   -5.77472  1.000 600.79569 ? 205 DC D N4    1 
ATOM 635 C C5    . DC C 3 9  ? 4.12648   -1.58569  -5.57646  1.000 587.34632 ? 205 DC D C5    1 
ATOM 636 C C6    . DC C 3 9  ? 4.07607   -2.63896  -4.75094  1.000 574.23608 ? 205 DC D C6    1 
ATOM 637 P P     . DT C 3 10 ? 1.95889   -7.52672  -1.24962  1.000 491.67958 ? 206 DT D P     1 
ATOM 638 O OP1   . DT C 3 10 ? 2.50940   -8.87543  -0.98215  1.000 486.14309 ? 206 DT D OP1   1 
ATOM 639 O OP2   . DT C 3 10 ? 1.17789   -7.28219  -2.48336  1.000 501.10652 ? 206 DT D OP2   1 
ATOM 640 O "O5'" . DT C 3 10 ? 1.06004   -7.08685  -0.00166  1.000 488.97567 ? 206 DT D "O5'" 1 
ATOM 641 C "C5'" . DT C 3 10 ? 1.66420   -6.91879  1.27793   1.000 480.98686 ? 206 DT D "C5'" 1 
ATOM 642 C "C4'" . DT C 3 10 ? 1.24336   -5.60422  1.91538   1.000 481.73932 ? 206 DT D "C4'" 1 
ATOM 643 O "O4'" . DT C 3 10 ? 1.52858   -4.49846  1.02013   1.000 508.75556 ? 206 DT D "O4'" 1 
ATOM 644 C "C3'" . DT C 3 10 ? -0.23880  -5.50307  2.27215   1.000 484.60803 ? 206 DT D "C3'" 1 
ATOM 645 O "O3'" . DT C 3 10 ? -0.37059  -5.15292  3.64849   1.000 478.68207 ? 206 DT D "O3'" 1 
ATOM 646 C "C2'" . DT C 3 10 ? -0.77721  -4.40499  1.33954   1.000 539.01174 ? 206 DT D "C2'" 1 
ATOM 647 C "C1'" . DT C 3 10 ? 0.46611   -3.57350  1.06219   1.000 553.40802 ? 206 DT D "C1'" 1 
ATOM 648 N N1    . DT C 3 10 ? 0.43995   -2.85290  -0.25353  1.000 574.97763 ? 206 DT D N1    1 
ATOM 649 C C2    . DT C 3 10 ? 0.68678   -1.49199  -0.29716  1.000 581.60623 ? 206 DT D C2    1 
ATOM 650 O O2    . DT C 3 10 ? 0.91037   -0.82059  0.69497   1.000 574.92573 ? 206 DT D O2    1 
ATOM 651 N N3    . DT C 3 10 ? 0.65763   -0.94549  -1.56086  1.000 596.91071 ? 206 DT D N3    1 
ATOM 652 C C4    . DT C 3 10 ? 0.41756   -1.61666  -2.75328  1.000 605.86053 ? 206 DT D C4    1 
ATOM 653 O O4    . DT C 3 10 ? 0.41190   -1.05133  -3.84040  1.000 619.50339 ? 206 DT D O4    1 
ATOM 654 C C5    . DT C 3 10 ? 0.17375   -3.03368  -2.63093  1.000 598.40758 ? 206 DT D C5    1 
ATOM 655 C C7    . DT C 3 10 ? -0.10085  -3.85814  -3.85634  1.000 607.71587 ? 206 DT D C7    1 
ATOM 656 C C6    . DT C 3 10 ? 0.19962   -3.57572  -1.40459  1.000 583.54278 ? 206 DT D C6    1 
ATOM 657 P P     . DG C 3 11 ? -1.74826  -5.41956  4.43269   1.000 468.92718 ? 207 DG D P     1 
ATOM 658 O OP1   . DG C 3 11 ? -1.41477  -5.89929  5.79187   1.000 459.75962 ? 207 DG D OP1   1 
ATOM 659 O OP2   . DG C 3 11 ? -2.61045  -6.24549  3.56117   1.000 474.33505 ? 207 DG D OP2   1 
ATOM 660 O "O5'" . DG C 3 11 ? -2.40601  -3.96752  4.54318   1.000 473.66830 ? 207 DG D "O5'" 1 
ATOM 661 C "C5'" . DG C 3 11 ? -1.57951  -2.84297  4.79705   1.000 472.52190 ? 207 DG D "C5'" 1 
ATOM 662 C "C4'" . DG C 3 11 ? -2.20906  -1.57321  4.25410   1.000 501.27764 ? 207 DG D "C4'" 1 
ATOM 663 O "O4'" . DG C 3 11 ? -2.02570  -1.50710  2.81755   1.000 529.60934 ? 207 DG D "O4'" 1 
ATOM 664 C "C3'" . DG C 3 11 ? -3.71473  -1.43828  4.50514   1.000 504.35249 ? 207 DG D "C3'" 1 
ATOM 665 O "O3'" . DG C 3 11 ? -3.99078  -0.18154  5.11317   1.000 503.74092 ? 207 DG D "O3'" 1 
ATOM 666 C "C2'" . DG C 3 11 ? -4.33433  -1.54916  3.10348   1.000 538.06711 ? 207 DG D "C2'" 1 
ATOM 667 C "C1'" . DG C 3 11 ? -3.20655  -1.02290  2.22745   1.000 555.78661 ? 207 DG D "C1'" 1 
ATOM 668 N N9    . DG C 3 11 ? -3.24849  -1.48615  0.83757   1.000 575.87186 ? 207 DG D N9    1 
ATOM 669 C C8    . DG C 3 11 ? -3.50549  -2.76093  0.39202   1.000 565.59833 ? 207 DG D C8    1 
ATOM 670 N N7    . DG C 3 11 ? -3.45906  -2.87858  -0.90895  1.000 589.12888 ? 207 DG D N7    1 
ATOM 671 C C5    . DG C 3 11 ? -3.14926  -1.59889  -1.35606  1.000 616.66020 ? 207 DG D C5    1 
ATOM 672 C C6    . DG C 3 11 ? -2.96707  -1.10571  -2.67620  1.000 648.09768 ? 207 DG D C6    1 
ATOM 673 O O6    . DG C 3 11 ? -3.04602  -1.72210  -3.75005  1.000 655.55582 ? 207 DG D O6    1 
ATOM 674 N N1    . DG C 3 11 ? -2.66353  0.25381   -2.67879  1.000 653.96826 ? 207 DG D N1    1 
ATOM 675 C C2    . DG C 3 11 ? -2.54942  1.03440   -1.55296  1.000 647.30497 ? 207 DG D C2    1 
ATOM 676 N N2    . DG C 3 11 ? -2.26036  2.32457   -1.74930  1.000 655.42354 ? 207 DG D N2    1 
ATOM 677 N N3    . DG C 3 11 ? -2.71697  0.58585   -0.31583  1.000 628.84292 ? 207 DG D N3    1 
ATOM 678 C C4    . DG C 3 11 ? -3.01397  -0.73323  -0.29229  1.000 608.83991 ? 207 DG D C4    1 
ATOM 679 P P     . DT C 3 12 ? -4.69215  -0.11814  6.55842   1.000 472.99860 ? 208 DT D P     1 
ATOM 680 O OP1   . DT C 3 12 ? -3.65545  0.20118   7.56395   1.000 465.36306 ? 208 DT D OP1   1 
ATOM 681 O OP2   . DT C 3 12 ? -5.53329  -1.32577  6.72249   1.000 471.51011 ? 208 DT D OP2   1 
ATOM 682 O "O5'" . DT C 3 12 ? -5.66611  1.13552   6.43420   1.000 480.23556 ? 208 DT D "O5'" 1 
ATOM 683 C "C5'" . DT C 3 12 ? -6.44970  1.29388   5.26467   1.000 505.00895 ? 208 DT D "C5'" 1 
ATOM 684 C "C4'" . DT C 3 12 ? -6.29686  2.69037   4.69446   1.000 538.28743 ? 208 DT D "C4'" 1 
ATOM 685 O "O4'" . DT C 3 12 ? -5.25462  2.68702   3.68943   1.000 553.48752 ? 208 DT D "O4'" 1 
ATOM 686 C "C3'" . DT C 3 12 ? -7.53161  3.21490   3.98628   1.000 563.96466 ? 208 DT D "C3'" 1 
ATOM 687 O "O3'" . DT C 3 12 ? -8.41732  3.86738   4.91541   1.000 560.18476 ? 208 DT D "O3'" 1 
ATOM 688 C "C2'" . DT C 3 12 ? -6.95203  4.18799   2.96244   1.000 597.17121 ? 208 DT D "C2'" 1 
ATOM 689 C "C1'" . DT C 3 12 ? -5.60982  3.53741   2.61274   1.000 589.56394 ? 208 DT D "C1'" 1 
ATOM 690 N N1    . DT C 3 12 ? -5.62713  2.72864   1.35152   1.000 605.15193 ? 208 DT D N1    1 
ATOM 691 C C2    . DT C 3 12 ? -5.21440  3.31070   0.17604   1.000 636.55865 ? 208 DT D C2    1 
ATOM 692 O O2    . DT C 3 12 ? -4.84104  4.46677   0.09817   1.000 652.46429 ? 208 DT D O2    1 
ATOM 693 N N3    . DT C 3 12 ? -5.26000  2.48918   -0.91624  1.000 648.96223 ? 208 DT D N3    1 
ATOM 694 C C4    . DT C 3 12 ? -5.66292  1.16849   -0.95182  1.000 633.45526 ? 208 DT D C4    1 
ATOM 695 O O4    . DT C 3 12 ? -5.65986  0.51236   -1.98751  1.000 647.08593 ? 208 DT D O4    1 
ATOM 696 C C5    . DT C 3 12 ? -6.07643  0.61361   0.31582   1.000 600.12461 ? 208 DT D C5    1 
ATOM 697 C C7    . DT C 3 12 ? -6.53563  -0.81232  0.40314   1.000 580.53755 ? 208 DT D C7    1 
ATOM 698 C C6    . DT C 3 12 ? -6.03644  1.41012   1.39392   1.000 587.68729 ? 208 DT D C6    1 
ATOM 699 P P     . DG C 3 13 ? -7.86284  4.69811   6.18024   1.000 459.44552 ? 209 DG D P     1 
ATOM 700 O OP1   . DG C 3 13 ? -6.82670  5.64965   5.71808   1.000 461.57745 ? 209 DG D OP1   1 
ATOM 701 O OP2   . DG C 3 13 ? -7.57061  3.75900   7.28705   1.000 449.59549 ? 209 DG D OP2   1 
ATOM 702 O "O5'" . DG C 3 13 ? -9.13944  5.53793   6.64051   1.000 463.93888 ? 209 DG D "O5'" 1 
ATOM 703 C "C5'" . DG C 3 13 ? -10.41709 5.23530   6.08470   1.000 470.25587 ? 209 DG D "C5'" 1 
ATOM 704 C "C4'" . DG C 3 13 ? -11.20549 4.31178   6.99711   1.000 464.98266 ? 209 DG D "C4'" 1 
ATOM 705 O "O4'" . DG C 3 13 ? -10.59968 2.99796   7.00887   1.000 458.74623 ? 209 DG D "O4'" 1 
ATOM 706 C "C3'" . DG C 3 13 ? -11.28304 4.76411   8.45935   1.000 458.69226 ? 209 DG D "C3'" 1 
ATOM 707 O "O3'" . DG C 3 13 ? -12.63701 4.98765   8.82943   1.000 461.95897 ? 209 DG D "O3'" 1 
ATOM 708 C "C2'" . DG C 3 13 ? -10.66472 3.60543   9.25412   1.000 448.55207 ? 209 DG D "C2'" 1 
ATOM 709 C "C1'" . DG C 3 13 ? -10.77448 2.43893   8.28416   1.000 450.63202 ? 209 DG D "C1'" 1 
ATOM 710 N N9    . DG C 3 13 ? -9.74631  1.41768   8.48654   1.000 443.07642 ? 209 DG D N9    1 
ATOM 711 C C8    . DG C 3 13 ? -8.83065  0.97203   7.57057   1.000 443.78737 ? 209 DG D C8    1 
ATOM 712 N N7    . DG C 3 13 ? -8.02921  0.05513   8.03861   1.000 436.04785 ? 209 DG D N7    1 
ATOM 713 C C5    . DG C 3 13 ? -8.44023  -0.11534  9.35444   1.000 429.71522 ? 209 DG D C5    1 
ATOM 714 C C6    . DG C 3 13 ? -7.94292  -0.97397  10.35942  1.000 420.27802 ? 209 DG D C6    1 
ATOM 715 O O6    . DG C 3 13 ? -7.01051  -1.78766  10.28480  1.000 415.60868 ? 209 DG D O6    1 
ATOM 716 N N1    . DG C 3 13 ? -8.64728  -0.82868  11.55401  1.000 416.30637 ? 209 DG D N1    1 
ATOM 717 C C2    . DG C 3 13 ? -9.69852  0.04084   11.74725  1.000 420.96823 ? 209 DG D C2    1 
ATOM 718 N N2    . DG C 3 13 ? -10.25705 0.04633   12.96418  1.000 415.97052 ? 209 DG D N2    1 
ATOM 719 N N3    . DG C 3 13 ? -10.16921 0.84721   10.81164  1.000 429.97261 ? 209 DG D N3    1 
ATOM 720 C C4    . DG C 3 13 ? -9.49764  0.72342   9.64593   1.000 433.88519 ? 209 DG D C4    1 
ATOM 721 P P     . DC D 4 1  ? 4.55560   -4.35458  16.90885  1.000 545.42323 ? 105 DC X P     1 
ATOM 722 O OP1   . DC D 4 1  ? 5.68634   -4.01719  17.80752  1.000 535.63482 ? 105 DC X OP1   1 
ATOM 723 O OP2   . DC D 4 1  ? 3.94660   -3.32572  16.03090  1.000 537.87047 ? 105 DC X OP2   1 
ATOM 724 O "O5'" . DC D 4 1  ? 3.37851   -4.97845  17.79412  1.000 556.81116 ? 105 DC X "O5'" 1 
ATOM 725 C "C5'" . DC D 4 1  ? 3.49941   -5.00372  19.22153  1.000 569.33709 ? 105 DC X "C5'" 1 
ATOM 726 C "C4'" . DC D 4 1  ? 2.16655   -4.70204  19.88029  1.000 569.92613 ? 105 DC X "C4'" 1 
ATOM 727 O "O4'" . DC D 4 1  ? 1.75037   -3.36359  19.49847  1.000 561.47156 ? 105 DC X "O4'" 1 
ATOM 728 C "C3'" . DC D 4 1  ? 1.02955   -5.65132  19.47851  1.000 577.31820 ? 105 DC X "C3'" 1 
ATOM 729 O "O3'" . DC D 4 1  ? 0.35968   -6.17080  20.62001  1.000 582.79967 ? 105 DC X "O3'" 1 
ATOM 730 C "C2'" . DC D 4 1  ? 0.10161   -4.78965  18.63209  1.000 572.97578 ? 105 DC X "C2'" 1 
ATOM 731 C "C1'" . DC D 4 1  ? 0.39687   -3.37860  19.12115  1.000 564.60334 ? 105 DC X "C1'" 1 
ATOM 732 N N1    . DC D 4 1  ? 0.18106   -2.38713  18.04456  1.000 554.89672 ? 105 DC X N1    1 
ATOM 733 C C2    . DC D 4 1  ? -0.79359  -1.40311  18.19602  1.000 544.19032 ? 105 DC X C2    1 
ATOM 734 O O2    . DC D 4 1  ? -1.42957  -1.35115  19.25467  1.000 552.17950 ? 105 DC X O2    1 
ATOM 735 N N3    . DC D 4 1  ? -1.01034  -0.52646  17.18649  1.000 525.74594 ? 105 DC X N3    1 
ATOM 736 C C4    . DC D 4 1  ? -0.29724  -0.61418  16.06388  1.000 518.01361 ? 105 DC X C4    1 
ATOM 737 N N4    . DC D 4 1  ? -0.54854  0.26970   15.09610  1.000 500.26534 ? 105 DC X N4    1 
ATOM 738 C C5    . DC D 4 1  ? 0.68354   -1.63022  15.87276  1.000 528.61331 ? 105 DC X C5    1 
ATOM 739 C C6    . DC D 4 1  ? 0.89319   -2.48464  16.88117  1.000 546.89248 ? 105 DC X C6    1 
ATOM 740 P P     . DC D 4 2  ? -0.63190  -7.42639  20.44997  1.000 620.88444 ? 106 DC X P     1 
ATOM 741 O OP1   . DC D 4 2  ? -0.25783  -8.43908  21.45430  1.000 633.85407 ? 106 DC X OP1   1 
ATOM 742 O OP2   . DC D 4 2  ? -0.64389  -7.82248  19.01907  1.000 598.96597 ? 106 DC X OP2   1 
ATOM 743 O "O5'" . DC D 4 2  ? -2.06973  -6.83184  20.81674  1.000 632.94914 ? 106 DC X "O5'" 1 
ATOM 744 C "C5'" . DC D 4 2  ? -2.98594  -6.52645  19.77321  1.000 643.23611 ? 106 DC X "C5'" 1 
ATOM 745 C "C4'" . DC D 4 2  ? -3.52113  -5.10929  19.90209  1.000 640.62533 ? 106 DC X "C4'" 1 
ATOM 746 O "O4'" . DC D 4 2  ? -2.93778  -4.29408  18.86865  1.000 621.89648 ? 106 DC X "O4'" 1 
ATOM 747 C "C3'" . DC D 4 2  ? -5.03645  -4.98396  19.73422  1.000 617.41496 ? 106 DC X "C3'" 1 
ATOM 748 O "O3'" . DC D 4 2  ? -5.65719  -4.78461  21.00622  1.000 631.67446 ? 106 DC X "O3'" 1 
ATOM 749 C "C2'" . DC D 4 2  ? -5.23648  -3.76166  18.82226  1.000 582.74297 ? 106 DC X "C2'" 1 
ATOM 750 C "C1'" . DC D 4 2  ? -3.81930  -3.25912  18.52122  1.000 593.82925 ? 106 DC X "C1'" 1 
ATOM 751 N N1    . DC D 4 2  ? -3.56966  -2.91942  17.06510  1.000 527.62183 ? 106 DC X N1    1 
ATOM 752 C C2    . DC D 4 2  ? -4.36061  -1.95908  16.41015  1.000 532.61570 ? 106 DC X C2    1 
ATOM 753 O O2    . DC D 4 2  ? -5.27306  -1.40195  17.02178  1.000 544.96326 ? 106 DC X O2    1 
ATOM 754 N N3    . DC D 4 2  ? -4.11111  -1.68368  15.10227  1.000 520.05666 ? 106 DC X N3    1 
ATOM 755 C C4    . DC D 4 2  ? -3.11846  -2.30286  14.46701  1.000 507.67181 ? 106 DC X C4    1 
ATOM 756 N N4    . DC D 4 2  ? -2.90747  -1.99442  13.18149  1.000 492.18283 ? 106 DC X N4    1 
ATOM 757 C C5    . DC D 4 2  ? -2.29929  -3.27135  15.11710  1.000 502.43916 ? 106 DC X C5    1 
ATOM 758 C C6    . DC D 4 2  ? -2.55505  -3.54137  16.40233  1.000 510.98185 ? 106 DC X C6    1 
ATOM 759 P P     . DC D 4 3  ? -7.01959  -5.55099  21.38428  1.000 548.72538 ? 107 DC X P     1 
ATOM 760 O OP1   . DC D 4 3  ? -7.85630  -4.62643  22.18581  1.000 557.45390 ? 107 DC X OP1   1 
ATOM 761 O OP2   . DC D 4 3  ? -6.63775  -6.86733  21.93969  1.000 557.43380 ? 107 DC X OP2   1 
ATOM 762 O "O5'" . DC D 4 3  ? -7.72298  -5.81236  19.97336  1.000 519.57005 ? 107 DC X "O5'" 1 
ATOM 763 C "C5'" . DC D 4 3  ? -9.10851  -5.55579  19.81377  1.000 511.14299 ? 107 DC X "C5'" 1 
ATOM 764 C "C4'" . DC D 4 3  ? -9.32920  -4.16587  19.25037  1.000 506.65877 ? 107 DC X "C4'" 1 
ATOM 765 O "O4'" . DC D 4 3  ? -8.33942  -3.90576  18.24439  1.000 494.22248 ? 107 DC X "O4'" 1 
ATOM 766 C "C3'" . DC D 4 3  ? -10.66485 -3.96998  18.54749  1.000 493.04497 ? 107 DC X "C3'" 1 
ATOM 767 O "O3'" . DC D 4 3  ? -11.61085 -3.39144  19.44285  1.000 509.21147 ? 107 DC X "O3'" 1 
ATOM 768 C "C2'" . DC D 4 3  ? -10.34697 -3.02405  17.37449  1.000 469.56683 ? 107 DC X "C2'" 1 
ATOM 769 C "C1'" . DC D 4 3  ? -8.81835  -2.90050  17.38842  1.000 475.58172 ? 107 DC X "C1'" 1 
ATOM 770 N N1    . DC D 4 3  ? -8.12314  -3.05582  16.03757  1.000 468.00597 ? 107 DC X N1    1 
ATOM 771 C C2    . DC D 4 3  ? -8.56288  -2.35172  14.89755  1.000 458.30488 ? 107 DC X C2    1 
ATOM 772 O O2    . DC D 4 3  ? -9.55113  -1.61955  14.97959  1.000 455.66955 ? 107 DC X O2    1 
ATOM 773 N N3    . DC D 4 3  ? -7.88882  -2.51349  13.72605  1.000 455.24440 ? 107 DC X N3    1 
ATOM 774 C C4    . DC D 4 3  ? -6.82168  -3.31179  13.67186  1.000 461.29949 ? 107 DC X C4    1 
ATOM 775 N N4    . DC D 4 3  ? -6.18428  -3.44372  12.50169  1.000 458.28491 ? 107 DC X N4    1 
ATOM 776 C C5    . DC D 4 3  ? -6.35862  -4.01640  14.81558  1.000 471.03529 ? 107 DC X C5    1 
ATOM 777 C C6    . DC D 4 3  ? -7.02623  -3.85617  15.95907  1.000 474.02933 ? 107 DC X C6    1 
ATOM 778 P P     . DT D 4 4  ? -13.00464 -4.13856  19.73582  1.000 510.86269 ? 108 DT X P     1 
ATOM 779 O OP1   . DT D 4 4  ? -13.16726 -4.24319  21.20174  1.000 514.73379 ? 108 DT X OP1   1 
ATOM 780 O OP2   . DT D 4 4  ? -13.03746 -5.36378  18.90816  1.000 530.61767 ? 108 DT X OP2   1 
ATOM 781 O "O5'" . DT D 4 4  ? -14.11417 -3.13226  19.17261  1.000 482.31985 ? 108 DT X "O5'" 1 
ATOM 782 C "C5'" . DT D 4 4  ? -13.75293 -2.14348  18.21475  1.000 471.60898 ? 108 DT X "C5'" 1 
ATOM 783 C "C4'" . DT D 4 4  ? -14.74213 -2.10492  17.06134  1.000 443.74811 ? 108 DT X "C4'" 1 
ATOM 784 O "O4'" . DT D 4 4  ? -14.01322 -2.13423  15.80196  1.000 437.65058 ? 108 DT X "O4'" 1 
ATOM 785 C "C3'" . DT D 4 4  ? -15.71359 -3.27949  16.99607  1.000 445.37680 ? 108 DT X "C3'" 1 
ATOM 786 O "O3'" . DT D 4 4  ? -16.93712 -2.86519  16.38388  1.000 438.00047 ? 108 DT X "O3'" 1 
ATOM 787 C "C2'" . DT D 4 4  ? -14.95843 -4.26010  16.11095  1.000 447.21317 ? 108 DT X "C2'" 1 
ATOM 788 C "C1'" . DT D 4 4  ? -14.34236 -3.31188  15.09003  1.000 439.09130 ? 108 DT X "C1'" 1 
ATOM 789 N N1    . DT D 4 4  ? -13.10375 -3.84681  14.43824  1.000 441.18293 ? 108 DT X N1    1 
ATOM 790 C C2    . DT D 4 4  ? -12.85481 -3.54779  13.11779  1.000 434.26064 ? 108 DT X C2    1 
ATOM 791 O O2    . DT D 4 4  ? -13.59934 -2.86684  12.43405  1.000 426.41528 ? 108 DT X O2    1 
ATOM 792 N N3    . DT D 4 4  ? -11.69644 -4.08466  12.61869  1.000 437.14047 ? 108 DT X N3    1 
ATOM 793 C C4    . DT D 4 4  ? -10.77931 -4.87058  13.29228  1.000 446.03199 ? 108 DT X C4    1 
ATOM 794 O O4    . DT D 4 4  ? -9.76512  -5.30354  12.75483  1.000 448.10351 ? 108 DT X O4    1 
ATOM 795 C C5    . DT D 4 4  ? -11.09869 -5.14837  14.67145  1.000 452.99393 ? 108 DT X C5    1 
ATOM 796 C C7    . DT D 4 4  ? -10.17551 -5.99475  15.50177  1.000 463.22166 ? 108 DT X C7    1 
ATOM 797 C C6    . DT D 4 4  ? -12.23656 -4.63428  15.17062  1.000 450.29012 ? 108 DT X C6    1 
ATOM 798 P P     . DG D 4 5  ? -18.35214 -3.39069  16.94043  1.000 459.22820 ? 109 DG X P     1 
ATOM 799 O OP1   . DG D 4 5  ? -18.82321 -2.43212  17.96544  1.000 467.90113 ? 109 DG X OP1   1 
ATOM 800 O OP2   . DG D 4 5  ? -18.19999 -4.82145  17.29122  1.000 459.91069 ? 109 DG X OP2   1 
ATOM 801 O "O5'" . DG D 4 5  ? -19.32193 -3.29705  15.66966  1.000 435.96370 ? 109 DG X "O5'" 1 
ATOM 802 C "C5'" . DG D 4 5  ? -19.63675 -4.47325  14.92711  1.000 419.09393 ? 109 DG X "C5'" 1 
ATOM 803 C "C4'" . DG D 4 5  ? -19.39168 -4.26271  13.44328  1.000 400.71638 ? 109 DG X "C4'" 1 
ATOM 804 O "O4'" . DG D 4 5  ? -17.99487 -3.98564  13.22580  1.000 407.81438 ? 109 DG X "O4'" 1 
ATOM 805 C "C3'" . DG D 4 5  ? -19.69899 -5.47319  12.57853  1.000 400.95007 ? 109 DG X "C3'" 1 
ATOM 806 O "O3'" . DG D 4 5  ? -21.05179 -5.41404  12.12737  1.000 395.80840 ? 109 DG X "O3'" 1 
ATOM 807 C "C2'" . DG D 4 5  ? -18.72010 -5.34140  11.40791  1.000 397.15424 ? 109 DG X "C2'" 1 
ATOM 808 C "C1'" . DG D 4 5  ? -17.59995 -4.46043  11.95514  1.000 397.80345 ? 109 DG X "C1'" 1 
ATOM 809 N N9    . DG D 4 5  ? -16.31286 -5.13170  12.09880  1.000 404.35949 ? 109 DG X N9    1 
ATOM 810 C C8    . DG D 4 5  ? -15.78567 -5.66314  13.24990  1.000 415.01256 ? 109 DG X C8    1 
ATOM 811 N N7    . DG D 4 5  ? -14.59535 -6.16894  13.09492  1.000 417.67626 ? 109 DG X N7    1 
ATOM 812 C C5    . DG D 4 5  ? -14.31613 -5.96522  11.74896  1.000 411.25059 ? 109 DG X C5    1 
ATOM 813 C C6    . DG D 4 5  ? -13.16985 -6.30824  11.00030  1.000 412.30696 ? 109 DG X C6    1 
ATOM 814 O O6    . DG D 4 5  ? -12.14184 -6.88045  11.38302  1.000 419.20185 ? 109 DG X O6    1 
ATOM 815 N N1    . DG D 4 5  ? -13.29369 -5.91640  9.66843   1.000 404.48270 ? 109 DG X N1    1 
ATOM 816 C C2    . DG D 4 5  ? -14.38730 -5.27732  9.13510   1.000 396.68190 ? 109 DG X C2    1 
ATOM 817 N N2    . DG D 4 5  ? -14.32938 -4.97422  7.83145   1.000 390.12828 ? 109 DG X N2    1 
ATOM 818 N N3    . DG D 4 5  ? -15.46562 -4.94860  9.83035   1.000 395.56419 ? 109 DG X N3    1 
ATOM 819 C C4    . DG D 4 5  ? -15.35955 -5.32303  11.12823  1.000 403.10593 ? 109 DG X C4    1 
ATOM 820 P P     . DT D 4 6  ? -22.03730 -6.66749  12.33201  1.000 444.51238 ? 110 DT X P     1 
ATOM 821 O OP1   . DT D 4 6  ? -23.12005 -6.55394  11.32761  1.000 424.43523 ? 110 DT X OP1   1 
ATOM 822 O OP2   . DT D 4 6  ? -22.37423 -6.73741  13.77179  1.000 466.40158 ? 110 DT X OP2   1 
ATOM 823 O "O5'" . DT D 4 6  ? -21.13018 -7.93597  11.97438  1.000 442.61920 ? 110 DT X "O5'" 1 
ATOM 824 C "C5'" . DT D 4 6  ? -21.40357 -8.70397  10.80796  1.000 423.07696 ? 110 DT X "C5'" 1 
ATOM 825 C "C4'" . DT D 4 6  ? -20.80207 -8.04994  9.57700   1.000 414.05789 ? 110 DT X "C4'" 1 
ATOM 826 O "O4'" . DT D 4 6  ? -19.41999 -7.70065  9.84522   1.000 417.11756 ? 110 DT X "O4'" 1 
ATOM 827 C "C3'" . DT D 4 6  ? -20.77012 -8.92683  8.33246   1.000 413.23601 ? 110 DT X "C3'" 1 
ATOM 828 O "O3'" . DT D 4 6  ? -20.94437 -8.12182  7.16542   1.000 404.15521 ? 110 DT X "O3'" 1 
ATOM 829 C "C2'" . DT D 4 6  ? -19.36805 -9.52557  8.39541   1.000 419.72764 ? 110 DT X "C2'" 1 
ATOM 830 C "C1'" . DT D 4 6  ? -18.56904 -8.35116  8.93147   1.000 417.87353 ? 110 DT X "C1'" 1 
ATOM 831 N N1    . DT D 4 6  ? -17.30670 -8.73564  9.65304   1.000 425.72724 ? 110 DT X N1    1 
ATOM 832 C C2    . DT D 4 6  ? -16.12565 -8.82572  8.94992   1.000 426.02092 ? 110 DT X C2    1 
ATOM 833 O O2    . DT D 4 6  ? -16.04393 -8.62328  7.75236   1.000 420.34102 ? 110 DT X O2    1 
ATOM 834 N N3    . DT D 4 6  ? -15.03336 -9.17088  9.70438   1.000 435.18852 ? 110 DT X N3    1 
ATOM 835 C C4    . DT D 4 6  ? -15.00063 -9.42336  11.06339  1.000 454.02195 ? 110 DT X C4    1 
ATOM 836 O O4    . DT D 4 6  ? -13.96561 -9.72715  11.64928  1.000 468.32840 ? 110 DT X O4    1 
ATOM 837 C C5    . DT D 4 6  ? -16.26942 -9.30666  11.74313  1.000 456.38851 ? 110 DT X C5    1 
ATOM 838 C C7    . DT D 4 6  ? -16.35853 -9.55875  13.21996  1.000 476.94059 ? 110 DT X C7    1 
ATOM 839 C C6    . DT D 4 6  ? -17.34806 -8.96853  11.01454  1.000 440.53699 ? 110 DT X C6    1 
ATOM 840 P P     . DG D 4 7  ? -22.24355 -8.29893  6.23170   1.000 428.33699 ? 111 DG X P     1 
ATOM 841 O OP1   . DG D 4 7  ? -22.47239 -7.00746  5.54687   1.000 420.25750 ? 111 DG X OP1   1 
ATOM 842 O OP2   . DG D 4 7  ? -23.32538 -8.90000  7.04131   1.000 433.30949 ? 111 DG X OP2   1 
ATOM 843 O "O5'" . DG D 4 7  ? -21.79692 -9.37867  5.13853   1.000 421.18895 ? 111 DG X "O5'" 1 
ATOM 844 C "C5'" . DG D 4 7  ? -21.75571 -10.76366 5.46976   1.000 429.48457 ? 111 DG X "C5'" 1 
ATOM 845 C "C4'" . DG D 4 7  ? -20.61886 -11.45325 4.73759   1.000 432.99656 ? 111 DG X "C4'" 1 
ATOM 846 O "O4'" . DG D 4 7  ? -19.35184 -11.05248 5.31147   1.000 436.18014 ? 111 DG X "O4'" 1 
ATOM 847 C "C3'" . DG D 4 7  ? -20.60636 -12.96329 4.84475   1.000 441.36206 ? 111 DG X "C3'" 1 
ATOM 848 O "O3'" . DG D 4 7  ? -21.49392 -13.52885 3.89139   1.000 438.61430 ? 111 DG X "O3'" 1 
ATOM 849 C "C2'" . DG D 4 7  ? -19.15351 -13.27857 4.50864   1.000 445.46668 ? 111 DG X "C2'" 1 
ATOM 850 C "C1'" . DG D 4 7  ? -18.41232 -12.11199 5.16110   1.000 443.49690 ? 111 DG X "C1'" 1 
ATOM 851 N N9    . DG D 4 7  ? -17.84390 -12.43473 6.47082   1.000 453.00164 ? 111 DG X N9    1 
ATOM 852 C C8    . DG D 4 7  ? -18.51454 -12.51716 7.66654   1.000 465.15758 ? 111 DG X C8    1 
ATOM 853 N N7    . DG D 4 7  ? -17.74477 -12.80733 8.67757   1.000 482.86827 ? 111 DG X N7    1 
ATOM 854 C C5    . DG D 4 7  ? -16.48402 -12.94838 8.11581   1.000 482.34540 ? 111 DG X C5    1 
ATOM 855 C C6    . DG D 4 7  ? -15.24875 -13.27027 8.72355   1.000 497.87056 ? 111 DG X C6    1 
ATOM 856 O O6    . DG D 4 7  ? -15.02272 -13.50758 9.91834   1.000 515.74490 ? 111 DG X O6    1 
ATOM 857 N N1    . DG D 4 7  ? -14.21308 -13.31300 7.79519   1.000 491.73874 ? 111 DG X N1    1 
ATOM 858 C C2    . DG D 4 7  ? -14.35241 -13.07319 6.44763   1.000 472.97024 ? 111 DG X C2    1 
ATOM 859 N N2    . DG D 4 7  ? -13.23714 -13.15621 5.70817   1.000 470.48687 ? 111 DG X N2    1 
ATOM 860 N N3    . DG D 4 7  ? -15.50584 -12.76498 5.86523   1.000 458.39039 ? 111 DG X N3    1 
ATOM 861 C C4    . DG D 4 7  ? -16.52574 -12.72131 6.75738   1.000 464.06096 ? 111 DG X C4    1 
# 
loop_
_atom_site_anisotrop.id 
_atom_site_anisotrop.type_symbol 
_atom_site_anisotrop.pdbx_label_atom_id 
_atom_site_anisotrop.pdbx_label_alt_id 
_atom_site_anisotrop.pdbx_label_comp_id 
_atom_site_anisotrop.pdbx_label_asym_id 
_atom_site_anisotrop.pdbx_label_seq_id 
_atom_site_anisotrop.pdbx_PDB_ins_code 
_atom_site_anisotrop.U[1][1] 
_atom_site_anisotrop.U[2][2] 
_atom_site_anisotrop.U[3][3] 
_atom_site_anisotrop.U[1][2] 
_atom_site_anisotrop.U[1][3] 
_atom_site_anisotrop.U[2][3] 
_atom_site_anisotrop.pdbx_auth_seq_id 
_atom_site_anisotrop.pdbx_auth_comp_id 
_atom_site_anisotrop.pdbx_auth_asym_id 
_atom_site_anisotrop.pdbx_auth_atom_id 
1   P P     . DA A 1  ? 3.93327 8.11585 8.70204  1.97513  0.53698  -1.06956 112 DA A P     
2   O OP1   . DA A 1  ? 3.81336 7.96193 8.67564  1.92937  0.44719  -0.89792 112 DA A OP1   
3   O OP2   . DA A 1  ? 3.88475 8.24953 8.69189  1.88103  0.58188  -1.12282 112 DA A OP2   
4   O "O5'" . DA A 1  ? 4.16204 7.97014 8.66327  2.12851  0.55859  -1.18312 112 DA A "O5'" 
5   C "C5'" . DA A 1  ? 4.20480 7.73585 8.61466  2.18202  0.49915  -1.10676 112 DA A "C5'" 
6   C "C4'" . DA A 1  ? 4.25480 7.57957 8.54148  2.18748  0.47931  -1.12148 112 DA A "C4'" 
7   O "O4'" . DA A 1  ? 4.47771 7.58087 8.52951  2.28456  0.53811  -1.27521 112 DA A "O4'" 
8   C "C3'" . DA A 1  ? 4.10908 7.65008 8.53643  2.07025  0.47000  -1.09338 112 DA A "C3'" 
9   O "O3'" . DA A 1  ? 4.00505 7.49417 8.48412  2.01259  0.38927  -0.95342 112 DA A "O3'" 
10  C "C2'" . DA A 1  ? 4.24717 7.69358 8.51181  2.11224  0.53580  -1.25379 112 DA A "C2'" 
11  C "C1'" . DA A 1  ? 4.48654 7.57011 8.48785  2.25349  0.54999  -1.33092 112 DA A "C1'" 
12  N N9    . DA A 1  ? 4.69547 7.67918 8.48722  2.32557  0.63189  -1.50408 112 DA A N9    
13  C C8    . DA A 1  ? 4.70161 7.91597 8.51867  2.30387  0.70788  -1.60138 112 DA A C8    
14  N N7    . DA A 1  ? 4.94932 7.97090 8.49331  2.38604  0.77442  -1.75148 112 DA A N7    
15  C C5    . DA A 1  ? 5.11432 7.75024 8.45162  2.46033  0.73460  -1.74672 112 DA A C5    
16  C C6    . DA A 1  ? 5.52234 7.78749 8.51359  2.55014  0.76413  -1.85448 112 DA A C6    
17  N N6    . DA A 1  ? 5.82162 8.02230 8.58485  2.59171  0.84190  -1.99877 112 DA A N6    
18  N N1    . DA A 1  ? 5.64525 7.60037 8.51316  2.58368  0.71156  -1.79961 112 DA A N1    
19  C C2    . DA A 1  ? 5.36030 7.37369 8.42382  2.53848  0.63925  -1.65360 112 DA A C2    
20  N N3    . DA A 1  ? 5.03309 7.35330 8.39537  2.46145  0.60249  -1.54417 112 DA A N3    
21  C C4    . DA A 1  ? 4.94997 7.57327 8.44417  2.42279  0.65098  -1.59610 112 DA A C4    
22  P P     . DC A 2  ? 4.37917 7.54156 8.69377  2.08642  0.33635  -0.88830 113 DC A P     
23  O OP1   . DC A 2  ? 4.38348 7.51054 8.69651  2.12617  0.32448  -0.82850 113 DC A OP1   
24  O OP2   . DC A 2  ? 4.26782 7.45611 8.63517  2.00775  0.27234  -0.77819 113 DC A OP2   
25  O "O5'" . DC A 2  ? 4.59505 7.46817 8.66877  2.18816  0.38201  -1.03108 113 DC A "O5'" 
26  C "C5'" . DC A 2  ? 4.69617 7.26477 8.59069  2.23817  0.35082  -0.99937 113 DC A "C5'" 
27  C "C4'" . DC A 2  ? 4.74227 7.21262 8.55187  2.22899  0.34618  -1.05072 113 DC A "C4'" 
28  O "O4'" . DC A 2  ? 4.90595 7.31398 8.58380  2.28374  0.41710  -1.21974 113 DC A "O4'" 
29  C "C3'" . DC A 2  ? 4.52213 7.25051 8.53147  2.11762  0.31047  -0.98236 113 DC A "C3'" 
30  O "O3'" . DC A 2  ? 4.43554 7.03066 8.38383  2.10092  0.25579  -0.91368 113 DC A "O3'" 
31  C "C2'" . DC A 2  ? 4.48527 7.36373 8.52059  2.10037  0.37947  -1.12425 113 DC A "C2'" 
32  C "C1'" . DC A 2  ? 4.76123 7.32971 8.51371  2.22245  0.43027  -1.26812 113 DC A "C1'" 
33  N N1    . DC A 2  ? 4.88704 7.55511 8.58199  2.24377  0.52059  -1.42531 113 DC A N1    
34  C C2    . DC A 2  ? 5.28988 7.67473 8.67946  2.33701  0.57418  -1.57372 113 DC A C2    
35  O O2    . DC A 2  ? 5.50445 7.56451 8.69395  2.39306  0.54262  -1.56778 113 DC A O2    
36  N N3    . DC A 2  ? 5.51420 7.89319 8.70326  2.28089  0.65585  -1.64184 113 DC A N3    
37  C C4    . DC A 2  ? 5.32093 7.99885 8.64890  2.15660  0.68694  -1.58549 113 DC A C4    
38  N N4    . DC A 2  ? 5.56176 8.21686 8.67001  2.10047  0.76639  -1.64789 113 DC A N4    
39  C C5    . DC A 2  ? 4.87891 7.88911 8.57229  2.08517  0.63484  -1.46259 113 DC A C5    
40  C C6    . DC A 2  ? 4.70169 7.71447 8.59488  2.15072  0.55245  -1.40588 113 DC A C6    
41  P P     . DG A 3  ? 4.28156 7.05043 8.38675  1.99632  0.18083  -0.74273 114 DG A P     
42  O OP1   . DG A 3  ? 4.30934 7.15815 8.47815  1.98529  0.16192  -0.64789 114 DG A OP1   
43  O OP2   . DG A 3  ? 4.06552 7.08892 8.33624  1.89591  0.18501  -0.75260 114 DG A OP2   
44  O "O5'" . DG A 3  ? 4.32939 6.84387 8.26598  2.02790  0.13438  -0.68543 114 DG A "O5'" 
45  C "C5'" . DG A 3  ? 4.20447 6.72549 8.14293  1.99096  0.10850  -0.68648 114 DG A "C5'" 
46  C "C4'" . DG A 3  ? 4.36020 6.59677 8.08530  2.07692  0.13257  -0.79595 114 DG A "C4'" 
47  O "O4'" . DG A 3  ? 4.52017 6.71402 8.18010  2.13694  0.20452  -0.95247 114 DG A "O4'" 
48  C "C3'" . DG A 3  ? 4.31290 6.56034 8.03420  2.04876  0.10948  -0.82164 114 DG A "C3'" 
49  O "O3'" . DG A 3  ? 4.60780 6.54143 8.08959  2.12716  0.11146  -0.87894 114 DG A "O3'" 
50  C "C2'" . DG A 3  ? 4.32516 6.76594 8.14567  2.02661  0.17040  -0.95420 114 DG A "C2'" 
51  C "C1'" . DG A 3  ? 4.59498 6.86215 8.26098  2.12217  0.23291  -1.06357 114 DG A "C1'" 
52  N N9    . DG A 3  ? 4.60049 7.05753 8.32127  2.07376  0.30342  -1.13235 114 DG A N9    
53  C C8    . DG A 3  ? 4.32833 7.10274 8.27077  1.95983  0.30586  -1.04993 114 DG A C8    
54  N N7    . DG A 3  ? 4.46242 7.28568 8.29270  1.88929  0.38390  -1.09528 114 DG A N7    
55  C C5    . DG A 3  ? 4.87006 7.38068 8.38046  1.96740  0.43436  -1.21806 114 DG A C5    
56  C C6    . DG A 3  ? 5.19150 7.59431 8.45023  1.95051  0.52097  -1.31600 114 DG A C6    
57  O O6    . DG A 3  ? 5.16737 7.74675 8.44348  1.86029  0.57485  -1.31356 114 DG A O6    
58  N N1    . DG A 3  ? 5.58085 7.62861 8.53698  2.05526  0.54057  -1.42661 114 DG A N1    
59  C C2    . DG A 3  ? 5.64281 7.47666 8.55269  2.15748  0.48516  -1.43821 114 DG A C2    
60  N N2    . DG A 3  ? 6.04861 7.54028 8.64212  2.24440  0.51175  -1.54983 114 DG A N2    
61  N N3    . DG A 3  ? 5.33657 7.28079 8.48617  2.17414  0.40658  -1.34676 114 DG A N3    
62  C C4    . DG A 3  ? 4.96221 7.24306 8.40284  2.07906  0.38489  -1.24129 114 DG A C4    
63  P P     . DG A 4  ? 4.69705 6.57783 8.11312  2.12499  0.08644  -0.92718 115 DG A P     
64  O OP1   . DG A 4  ? 4.91193 6.47986 8.10059  2.17906  0.06514  -0.90444 115 DG A OP1   
65  O OP2   . DG A 4  ? 4.36076 6.55128 8.01243  2.01793  0.04051  -0.82933 115 DG A OP2   
66  O "O5'" . DG A 4  ? 5.02522 6.79490 8.20583  2.09100  0.17094  -1.05611 115 DG A "O5'" 
67  C "C5'" . DG A 4  ? 5.40306 6.87495 8.35423  2.22022  0.21038  -1.19845 115 DG A "C5'" 
68  C "C4'" . DG A 4  ? 5.76668 7.07763 8.35627  2.08776  0.29179  -1.24121 115 DG A "C4'" 
69  O "O4'" . DG A 4  ? 5.69200 7.19176 8.36694  2.03630  0.34968  -1.25871 115 DG A "O4'" 
70  C "C3'" . DG A 4  ? 5.82864 7.13623 8.22300  1.86885  0.29267  -1.13207 115 DG A "C3'" 
71  O "O3'" . DG A 4  ? 6.21505 7.18551 8.25538  1.86567  0.29427  -1.17551 115 DG A "O3'" 
72  C "C2'" . DG A 4  ? 5.84824 7.29104 8.16743  1.70286  0.36553  -1.11407 115 DG A "C2'" 
73  C "C1'" . DG A 4  ? 5.90237 7.34760 8.29969  1.84893  0.40860  -1.23670 115 DG A "C1'" 
74  N N9    . DG A 4  ? 5.71830 7.43669 8.26221  1.75506  0.45281  -1.20742 115 DG A N9    
75  C C8    . DG A 4  ? 5.29970 7.36168 8.18083  1.69392  0.42092  -1.10235 115 DG A C8    
76  N N7    . DG A 4  ? 5.23335 7.48175 8.16842  1.61193  0.47440  -1.10138 115 DG A N7    
77  C C5    . DG A 4  ? 5.63379 7.64839 8.24576  1.62479  0.54689  -1.21497 115 DG A C5    
78  C C6    . DG A 4  ? 5.76582 7.83636 8.27190  1.56677  0.62528  -1.26868 115 DG A C6    
79  O O6    . DG A 4  ? 5.54321 7.89725 8.22975  1.48413  0.64931  -1.22337 115 DG A O6    
80  N N1    . DG A 4  ? 6.21564 7.96612 8.35866  1.61557  0.67598  -1.38838 115 DG A N1    
81  C C2    . DG A 4  ? 6.50383 7.91852 8.41459  1.70333  0.65280  -1.44687 115 DG A C2    
82  N N2    . DG A 4  ? 6.94374 8.06301 8.49892  1.73907  0.70406  -1.56243 115 DG A N2    
83  N N3    . DG A 4  ? 6.37705 7.74585 8.39151  1.75503  0.58155  -1.39643 115 DG A N3    
84  C C4    . DG A 4  ? 5.93836 7.61947 8.30579  1.71388  0.53253  -1.28169 115 DG A C4    
85  P P     . DA A 5  ? 5.96735 6.57695 7.69083  1.98099  0.34348  -1.33731 116 DA A P     
86  O OP1   . DA A 5  ? 5.92268 6.47227 7.81772  2.22402  0.31923  -1.43750 116 DA A OP1   
87  O OP2   . DA A 5  ? 6.29974 6.63815 7.66582  1.88620  0.33709  -1.32325 116 DA A OP2   
88  O "O5'" . DA A 5  ? 6.10103 6.76093 7.70367  1.88610  0.42893  -1.38063 116 DA A "O5'" 
89  C "C5'" . DA A 5  ? 6.49889 6.89698 7.84158  1.97922  0.48358  -1.52608 116 DA A "C5'" 
90  C "C4'" . DA A 5  ? 6.84092 7.07656 7.80103  1.80175  0.54113  -1.52993 116 DA A "C4'" 
91  O "O4'" . DA A 5  ? 6.68544 7.17818 7.74376  1.68457  0.59431  -1.49563 116 DA A "O4'" 
92  C "C3'" . DA A 5  ? 6.90993 7.07347 7.68101  1.61644  0.51368  -1.42003 116 DA A "C3'" 
93  O "O3'" . DA A 5  ? 7.39454 7.22262 7.71972  1.54769  0.55011  -1.48285 116 DA A "O3'" 
94  C "C2'" . DA A 5  ? 6.58698 7.09653 7.53922  1.42798  0.52957  -1.29346 116 DA A "C2'" 
95  C "C1'" . DA A 5  ? 6.64940 7.22571 7.60246  1.45041  0.60037  -1.37561 116 DA A "C1'" 
96  N N9    . DA A 5  ? 6.28109 7.24070 7.53386  1.35609  0.61370  -1.28850 116 DA A N9    
97  C C8    . DA A 5  ? 5.93953 7.19799 7.58257  1.38037  0.56162  -1.19925 116 DA A C8    
98  N N7    . DA A 5  ? 5.78509 7.34778 7.62414  1.27590  0.58557  -1.13431 116 DA A N7    
99  C C5    . DA A 5  ? 6.03624 7.50094 7.59922  1.17734  0.66133  -1.18473 116 DA A C5    
100 C C6    . DA A 5  ? 6.03390 7.70328 7.61980  1.04161  0.71877  -1.15581 116 DA A C6    
101 N N6    . DA A 5  ? 5.75879 7.78720 7.67357  0.97650  0.70694  -1.06369 116 DA A N6    
102 N N1    . DA A 5  ? 6.33344 7.81830 7.58399  0.97531  0.78619  -1.22545 116 DA A N1    
103 C C2    . DA A 5  ? 6.62252 7.73375 7.53250  1.03908  0.79218  -1.31690 116 DA A C2    
104 N N3    . DA A 5  ? 6.66357 7.55086 7.51451  1.16221  0.74138  -1.35129 116 DA A N3    
105 C C4    . DA A 5  ? 6.34777 7.43674 7.54415  1.22678  0.67826  -1.28065 116 DA A C4    
106 P P     . DC A 6  ? 7.77139 7.48403 7.81115  1.32979  0.53560  -1.38264 117 DC A P     
107 O OP1   . DC A 6  ? 8.30328 7.59013 7.90633  1.35205  0.54926  -1.48312 117 DC A OP1   
108 O OP2   . DC A 6  ? 7.43602 7.32587 7.71094  1.31131  0.46504  -1.26420 117 DC A OP2   
109 O "O5'" . DC A 6  ? 7.68813 7.61321 7.70531  1.11589  0.59182  -1.30919 117 DC A "O5'" 
110 C "C5'" . DC A 6  ? 7.90897 7.76738 7.77299  1.11470  0.66305  -1.40156 117 DC A "C5'" 
111 C "C4'" . DC A 6  ? 7.79352 7.87810 7.65727  0.89462  0.70760  -1.30956 117 DC A "C4'" 
112 O "O4'" . DC A 6  ? 7.30945 7.79617 7.59980  0.90461  0.70499  -1.24474 117 DC A "O4'" 
113 C "C3'" . DC A 6  ? 7.80196 7.89590 7.51585  0.67247  0.68588  -1.17728 117 DC A "C3'" 
114 O "O3'" . DC A 6  ? 8.01417 8.05859 7.46077  0.49286  0.74448  -1.16798 117 DC A "O3'" 
115 C "C2'" . DC A 6  ? 7.27051 7.77035 7.40052  0.62702  0.65089  -1.04663 117 DC A "C2'" 
116 C "C1'" . DC A 6  ? 7.08324 7.79384 7.44283  0.69542  0.69611  -1.09700 117 DC A "C1'" 
117 N N1    . DC A 6  ? 6.56612 7.65684 7.37982  0.72425  0.66139  -1.01195 117 DC A N1    
118 C C2    . DC A 6  ? 6.32378 7.71377 7.31420  0.61761  0.69958  -0.95872 117 DC A C2    
119 O O2    . DC A 6  ? 6.53876 7.87855 7.31049  0.50528  0.76389  -0.98466 117 DC A O2    
120 N N3    . DC A 6  ? 5.88267 7.60365 7.27350  0.64061  0.66216  -0.88036 117 DC A N3    
121 C C4    . DC A 6  ? 5.68747 7.44260 7.29596  0.76712  0.58976  -0.85640 117 DC A C4    
122 N N4    . DC A 6  ? 5.37296 7.44445 7.36292  0.78546  0.54929  -0.77869 117 DC A N4    
123 C C5    . DC A 6  ? 5.89372 7.35529 7.33283  0.87974  0.55261  -0.91051 117 DC A C5    
124 C C6    . DC A 6  ? 6.34188 7.48037 7.38723  0.85224  0.59030  -0.98637 117 DC A C6    
125 P P     . DA A 7  ? 8.50767 8.11461 7.44103  0.46120  0.77286  -1.26483 118 DA A P     
126 O OP1   . DA A 7  ? 8.76408 8.08620 7.61492  0.68750  0.74970  -1.39659 118 DA A OP1   
127 O OP2   . DA A 7  ? 8.59218 8.12777 7.28633  0.24242  0.75541  -1.15658 118 DA A OP2   
128 O "O5'" . DA A 7  ? 8.63179 8.28919 7.47705  0.41182  0.85184  -1.32367 118 DA A "O5'" 
129 C "C5'" . DA A 7  ? 8.23768 8.29243 7.42251  0.36732  0.88047  -1.26404 118 DA A "C5'" 
130 C "C4'" . DA A 7  ? 8.33143 8.44660 7.33215  0.15458  0.93834  -1.21963 118 DA A "C4'" 
131 O "O4'" . DA A 7  ? 7.86547 8.40213 7.20940  0.04744  0.94654  -1.10342 118 DA A "O4'" 
132 C "C3'" . DA A 7  ? 8.59878 8.51134 7.24567  -0.04286 0.92862  -1.15166 118 DA A "C3'" 
133 O "O3'" . DA A 7  ? 8.89820 8.68388 7.23185  -0.16478 0.99073  -1.19066 118 DA A "O3'" 
134 C "C2'" . DA A 7  ? 8.16998 8.41546 7.08269  -0.19020 0.89527  -0.98198 118 DA A "C2'" 
135 C "C1'" . DA A 7  ? 7.72046 8.35356 7.06255  -0.13326 0.91273  -0.96004 118 DA A "C1'" 
136 N N9    . DA A 7  ? 7.29306 8.16465 7.02095  -0.05058 0.85082  -0.88717 118 DA A N9    
137 C C8    . DA A 7  ? 7.29155 8.03356 7.07764  0.10046  0.79016  -0.91213 118 DA A C8    
138 N N7    . DA A 7  ? 6.86623 7.87742 7.02507  0.15366  0.74033  -0.83585 118 DA A N7    
139 C C5    . DA A 7  ? 6.60589 7.94379 6.96637  0.02869  0.76866  -0.75472 118 DA A C5    
140 C C6    . DA A 7  ? 6.25323 7.95963 7.00836  0.01110  0.73620  -0.65185 118 DA A C6    
141 N N6    . DA A 7  ? 6.01612 7.81905 7.03654  0.12975  0.66538  -0.61557 118 DA A N6    
142 N N1    . DA A 7  ? 6.16095 8.12624 7.02208  -0.13119 0.77639  -0.58858 118 DA A N1    
143 C C2    . DA A 7  ? 6.40366 8.26900 6.99308  -0.24797 0.84694  -0.62642 118 DA A C2    
144 N N3    . DA A 7  ? 6.74863 8.27078 6.95335  -0.24127 0.88246  -0.72398 118 DA A N3    
145 C C4    . DA A 7  ? 6.83582 8.10116 6.94195  -0.09923 0.83871  -0.78432 118 DA A C4    
146 P P     . DG A 8  ? 8.02072 7.91895 6.21100  -0.44964 1.01698  -1.06597 119 DG A P     
147 O OP1   . DG A 8  ? 8.36793 8.05109 6.21015  -0.50029 1.07653  -1.15370 119 DG A OP1   
148 O OP2   . DG A 8  ? 8.02035 7.83963 6.09231  -0.57198 0.96384  -0.96248 119 DG A OP2   
149 O "O5'" . DG A 8  ? 7.63790 8.01848 6.26802  -0.49874 1.03583  -0.97407 119 DG A "O5'" 
150 C "C5'" . DG A 8  ? 7.61692 8.19001 6.21983  -0.71521 1.07789  -0.88455 119 DG A "C5'" 
151 C "C4'" . DG A 8  ? 7.36602 8.17765 6.13632  -0.87077 1.03752  -0.71925 119 DG A "C4'" 
152 O "O4'" . DG A 8  ? 7.05720 8.03935 6.18783  -0.72691 0.97928  -0.69009 119 DG A "O4'" 
153 C "C3'" . DG A 8  ? 7.55912 8.13564 6.00088  -1.00588 1.00620  -0.66261 119 DG A "C3'" 
154 O "O3'" . DG A 8  ? 7.74623 8.29677 5.91725  -1.23589 1.05108  -0.61075 119 DG A "O3'" 
155 C "C2'" . DG A 8  ? 7.23349 8.04921 5.96314  -1.02115 0.94159  -0.53691 119 DG A "C2'" 
156 C "C1'" . DG A 8  ? 6.90886 8.00677 6.09040  -0.85360 0.93171  -0.55391 119 DG A "C1'" 
157 N N9    . DG A 8  ? 6.72589 7.82837 6.11436  -0.69150 0.86165  -0.55093 119 DG A N9    
158 C C8    . DG A 8  ? 6.88907 7.67920 6.09556  -0.56885 0.82429  -0.62278 119 DG A C8    
159 N N7    . DG A 8  ? 6.65641 7.53955 6.12398  -0.43663 0.76267  -0.59942 119 DG A N7    
160 C C5    . DG A 8  ? 6.32368 7.59901 6.16397  -0.47518 0.75554  -0.50474 119 DG A C5    
161 C C6    . DG A 8  ? 5.98393 7.50663 6.20819  -0.37748 0.69458  -0.44192 119 DG A C6    
162 O O6    . DG A 8  ? 5.89946 7.34981 6.21993  -0.23190 0.63549  -0.45807 119 DG A O6    
163 N N1    . DG A 8  ? 5.73291 7.61662 6.24147  -0.46553 0.70401  -0.35139 119 DG A N1    
164 C C2    . DG A 8  ? 5.79460 7.79415 6.23212  -0.62802 0.76746  -0.32491 119 DG A C2    
165 N N2    . DG A 8  ? 5.52444 7.87970 6.26993  -0.69449 0.76422  -0.23349 119 DG A N2    
166 N N3    . DG A 8  ? 6.10610 7.88285 6.18998  -0.71864 0.82728  -0.38408 119 DG A N3    
167 C C4    . DG A 8  ? 6.36127 7.77653 6.15831  -0.63364 0.81611  -0.47298 119 DG A C4    
168 P P     . DA A 9  ? 7.68562 8.62810 6.05718  -1.44281 1.07477  -0.46546 120 DA A P     
169 O OP1   . DA A 9  ? 7.28968 8.56094 6.06407  -1.35210 1.09452  -0.47051 120 DA A OP1   
170 O OP2   . DA A 9  ? 8.01078 8.80046 6.00666  -1.64092 1.12234  -0.45573 120 DA A OP2   
171 O "O5'" . DA A 9  ? 7.45786 8.53550 5.94123  -1.52523 1.00886  -0.32607 120 DA A "O5'" 
172 C "C5'" . DA A 9  ? 7.13544 8.54183 5.77581  -1.71201 1.01087  -0.17827 120 DA A "C5'" 
173 C "C4'" . DA A 9  ? 6.76956 8.55539 5.87500  -1.63625 1.00820  -0.14195 120 DA A "C4'" 
174 O "O4'" . DA A 9  ? 6.61607 8.38656 5.95805  -1.40401 0.95769  -0.19951 120 DA A "O4'" 
175 C "C3'" . DA A 9  ? 6.48266 8.61880 5.81807  -1.77979 0.98146  0.01980  120 DA A "C3'" 
176 O "O3'" . DA A 9  ? 6.23270 8.69334 5.91008  -1.76572 1.00253  0.04478  120 DA A "O3'" 
177 C "C2'" . DA A 9  ? 6.32232 8.45519 5.80553  -1.65514 0.90128  0.04895  120 DA A "C2'" 
178 C "C1'" . DA A 9  ? 6.30342 8.33359 5.93578  -1.40914 0.89661  -0.08284 120 DA A "C1'" 
179 N N9    . DA A 9  ? 6.29288 8.15201 5.93617  -1.24558 0.83353  -0.12067 120 DA A N9    
180 C C8    . DA A 9  ? 6.57542 8.06086 5.91150  -1.17081 0.82812  -0.21628 120 DA A C8    
181 N N7    . DA A 9  ? 6.53023 7.94263 5.96208  -1.02229 0.76561  -0.23054 120 DA A N7    
182 C C5    . DA A 9  ? 6.12583 7.88539 5.95315  -0.99484 0.72577  -0.13855 120 DA A C5    
183 C C6    . DA A 9  ? 5.88116 7.74843 5.97743  -0.85639 0.65236  -0.10559 120 DA A C6    
184 N N6    . DA A 9  ? 5.96527 7.59812 5.97243  -0.71685 0.60858  -0.16432 120 DA A N6    
185 N N1    . DA A 9  ? 5.55594 7.77607 6.01110  -0.86589 0.62293  -0.01008 120 DA A N1    
186 C C2    . DA A 9  ? 5.47938 7.93083 6.01965  -1.00816 0.66603  0.04893  120 DA A C2    
187 N N3    . DA A 9  ? 5.67963 8.07049 5.99787  -1.14838 0.73881  0.02701  120 DA A N3    
188 C C4    . DA A 9  ? 6.00378 8.03876 5.96494  -1.13145 0.76538  -0.06970 120 DA A C4    
189 P P     . DG A 10 ? 6.14467 9.00715 6.14866  -1.86611 0.96734  0.20106  121 DG A P     
190 O OP1   . DG A 10 ? 5.89191 9.01908 6.14395  -1.88232 1.00709  0.20554  121 DG A OP1   
191 O OP2   . DG A 10 ? 6.23621 9.08842 6.01014  -2.07204 0.96249  0.30717  121 DG A OP2   
192 O "O5'" . DG A 10 ? 5.89380 8.81294 6.17807  -1.67440 0.88432  0.20864  121 DG A "O5'" 
193 C "C5'" . DG A 10 ? 5.42449 8.68590 6.09531  -1.65627 0.83851  0.30417  121 DG A "C5'" 
194 C "C4'" . DG A 10 ? 5.29126 8.63556 5.97991  -1.71453 0.77280  0.42088  121 DG A "C4'" 
195 O "O4'" . DG A 10 ? 5.45357 8.56294 6.06171  -1.56153 0.72267  0.36414  121 DG A "O4'" 
196 C "C3'" . DG A 10 ? 5.46317 8.78907 5.85948  -1.94900 0.79846  0.50743  121 DG A "C3'" 
197 O "O3'" . DG A 10 ? 5.15323 8.77368 5.73414  -2.04105 0.75403  0.64951  121 DG A "O3'" 
198 C "C2'" . DG A 10 ? 5.84099 8.83275 5.92484  -1.91014 0.77818  0.45643  121 DG A "C2'" 
199 C "C1'" . DG A 10 ? 5.65287 8.65510 5.99103  -1.68785 0.70664  0.42781  121 DG A "C1'" 
200 N N9    . DG A 10 ? 5.98796 8.65056 6.10559  -1.56851 0.68689  0.33493  121 DG A N9    
201 C C8    . DG A 10 ? 6.44067 8.76798 6.19575  -1.59087 0.73214  0.23878  121 DG A C8    
202 N N7    . DG A 10 ? 6.66625 8.73137 6.29101  -1.46286 0.69648  0.17030  121 DG A N7    
203 C C5    . DG A 10 ? 6.33693 8.58175 6.26106  -1.34816 0.62479  0.22490  121 DG A C5    
204 C C6    . DG A 10 ? 6.37735 8.48439 6.32940  -1.18543 0.56146  0.19162  121 DG A C6    
205 O O6    . DG A 10 ? 6.72492 8.51129 6.43352  -1.11120 0.55659  0.10495  121 DG A O6    
206 N N1    . DG A 10 ? 5.96811 8.34540 6.26718  -1.10632 0.49670  0.26996  121 DG A N1    
207 C C2    . DG A 10 ? 5.57681 8.30472 6.15434  -1.17626 0.49088  0.36840  121 DG A C2    
208 N N2    . DG A 10 ? 5.23101 8.16835 6.11123  -1.07732 0.41809  0.43249  121 DG A N2    
209 N N3    . DG A 10 ? 5.53398 8.39377 6.08948  -1.33161 0.54994  0.40154  121 DG A N3    
210 C C4    . DG A 10 ? 5.92144 8.53040 6.14741  -1.40995 0.61612  0.32625  121 DG A C4    
211 P P     . DT A 11 ? 5.67419 9.40958 6.05895  -2.30333 0.78142  0.76899  122 DT A P     
212 O OP1   . DT A 11 ? 5.59127 9.55787 6.11476  -2.41126 0.83183  0.80345  122 DT A OP1   
213 O OP2   . DT A 11 ? 6.03339 9.45887 5.99326  -2.39172 0.80871  0.73175  122 DT A OP2   
214 O "O5'" . DT A 11 ? 5.43392 9.39302 5.99896  -2.30387 0.69996  0.89480  122 DT A "O5'" 
215 C "C5'" . DT A 11 ? 5.15821 9.27538 6.08544  -2.12468 0.63382  0.90147  122 DT A "C5'" 
216 C "C4'" . DT A 11 ? 5.13914 9.13902 6.04569  -1.99645 0.56134  0.89883  122 DT A "C4'" 
217 O "O4'" . DT A 11 ? 5.39325 9.03418 6.05627  -1.90440 0.58234  0.77391  122 DT A "O4'" 
218 C "C3'" . DT A 11 ? 5.14695 9.22176 5.89723  -2.13331 0.52831  1.01518  122 DT A "C3'" 
219 O "O3'" . DT A 11 ? 4.89226 9.15624 5.90101  -2.02322 0.44187  1.08311  122 DT A "O3'" 
220 C "C2'" . DT A 11 ? 5.44383 9.17026 5.82822  -2.13619 0.54149  0.94568  122 DT A "C2'" 
221 C "C1'" . DT A 11 ? 5.48806 9.00786 5.96389  -1.91403 0.53861  0.80631  122 DT A "C1'" 
222 N N1    . DT A 11 ? 5.95778 9.09126 6.08444  -1.89377 0.57152  0.69623  122 DT A N1    
223 C C2    . DT A 11 ? 6.09094 9.02327 6.17708  -1.73355 0.52188  0.63741  122 DT A C2    
224 O O2    . DT A 11 ? 5.84308 8.89930 6.16599  -1.60526 0.45339  0.66980  122 DT A O2    
225 N N3    . DT A 11 ? 6.53438 9.10779 6.28466  -1.72743 0.55257  0.53866  122 DT A N3    
226 C C4    . DT A 11 ? 6.85931 9.25159 6.31036  -1.85887 0.62441  0.49185  122 DT A C4    
227 O O4    . DT A 11 ? 7.26545 9.31938 6.41325  -1.83698 0.64138  0.40098  122 DT A O4    
228 C C5    . DT A 11 ? 6.69544 9.31831 6.20938  -2.02208 0.67523  0.55689  122 DT A C5    
229 C C7    . DT A 11 ? 7.02257 9.47785 6.22786  -2.17111 0.75331  0.51337  122 DT A C7    
230 C C6    . DT A 11 ? 6.25457 9.23565 6.10112  -2.03399 0.64744  0.65606  122 DT A C6    
231 P P     . DG A 12 ? 5.20292 9.71597 6.20690  -2.15673 0.39771  1.23614  123 DG A P     
232 O OP1   . DG A 12 ? 4.87554 9.65288 6.25215  -2.03609 0.32332  1.29503  123 DG A OP1   
233 O OP2   . DG A 12 ? 5.37390 9.84543 6.14074  -2.33693 0.44098  1.26312  123 DG A OP2   
234 O "O5'" . DG A 12 ? 5.30417 9.61740 6.06546  -2.12560 0.35992  1.22890  123 DG A "O5'" 
235 C "C5'" . DG A 12 ? 5.13849 9.63247 5.90404  -2.17026 0.29873  1.34385  123 DG A "C5'" 
236 C "C4'" . DG A 12 ? 5.09283 9.45228 5.86567  -1.99327 0.22999  1.30662  123 DG A "C4'" 
237 O "O4'" . DG A 12 ? 5.19735 9.30565 6.01797  -1.81615 0.24225  1.16725  123 DG A "O4'" 
238 C "C3'" . DG A 12 ? 5.27674 9.47159 5.70000  -2.08888 0.22656  1.32650  123 DG A "C3'" 
239 O "O3'" . DG A 12 ? 5.08640 9.53671 5.54740  -2.14836 0.16965  1.45492  123 DG A "O3'" 
240 C "C2'" . DG A 12 ? 5.41658 9.33881 5.82157  -1.88623 0.19426  1.21612  123 DG A "C2'" 
241 C "C1'" . DG A 12 ? 5.50442 9.32177 6.06795  -1.76993 0.23407  1.10416  123 DG A "C1'" 
242 N N9    . DG A 12 ? 5.89981 9.43591 6.18035  -1.84953 0.31307  1.01264  123 DG A N9    
243 C C8    . DG A 12 ? 5.94785 9.51331 6.17404  -1.98296 0.38679  1.00563  123 DG A C8    
244 N N7    . DG A 12 ? 6.34687 9.61422 6.29391  -2.01865 0.44403  0.91097  123 DG A N7    
245 C C5    . DG A 12 ? 6.58223 9.59992 6.38825  -1.90319 0.40541  0.85113  123 DG A C5    
246 C C6    . DG A 12 ? 7.02703 9.66390 6.52006  -1.87870 0.43308  0.74141  123 DG A C6    
247 O O6    . DG A 12 ? 7.31020 9.74942 6.57913  -1.95318 0.49847  0.67237  123 DG A O6    
248 N N1    . DG A 12 ? 7.13888 9.62200 6.58080  -1.75257 0.37351  0.71435  123 DG A N1    
249 C C2    . DG A 12 ? 6.84001 9.52012 6.51079  -1.65653 0.29754  0.78298  123 DG A C2    
250 N N2    . DG A 12 ? 7.00035 9.49109 6.58153  -1.53888 0.24824  0.74229  123 DG A N2    
251 N N3    . DG A 12 ? 6.41059 9.44648 6.37269  -1.67244 0.26922  0.88426  123 DG A N3    
252 C C4    . DG A 12 ? 6.30745 9.49052 6.31910  -1.79934 0.32600  0.91304  123 DG A C4    
253 P P     . DC A 13 ? 5.11025 9.53612 5.21145  -2.35244 0.17907  1.53392  124 DC A P     
254 O OP1   . DC A 13 ? 4.90560 9.50770 5.10044  -2.27547 0.07556  1.60756  124 DC A OP1   
255 O OP2   . DC A 13 ? 5.34869 9.61759 5.23063  -2.47918 0.21821  1.49222  124 DC A OP2   
256 O "O5'" . DC A 13 ? 5.36923 9.42034 5.21168  -2.27802 0.17502  1.43402  124 DC A "O5'" 
257 C "C5'" . DC A 13 ? 5.28569 9.30277 5.21611  -2.09948 0.09893  1.41897  124 DC A "C5'" 
258 C "C4'" . DC A 13 ? 5.70331 9.32804 5.44008  -2.00067 0.11056  1.29015  124 DC A "C4'" 
259 O "O4'" . DC A 13 ? 5.94841 9.37099 5.62181  -2.01577 0.18584  1.18894  124 DC A "O4'" 
260 C "C3'" . DC A 13 ? 6.00666 9.43518 5.34470  -2.13535 0.11162  1.30795  124 DC A "C3'" 
261 O "O3'" . DC A 13 ? 6.24869 9.42556 5.53451  -1.96770 0.07280  1.22128  124 DC A "O3'" 
262 C "C2'" . DC A 13 ? 6.28794 9.50706 5.35506  -2.29849 0.19740  1.25933  124 DC A "C2'" 
263 C "C1'" . DC A 13 ? 6.35424 9.45701 5.63393  -2.11833 0.22276  1.13699  124 DC A "C1'" 
264 N N1    . DC A 13 ? 6.55970 9.52582 5.70768  -2.21914 0.30697  1.07620  124 DC A N1    
265 C C2    . DC A 13 ? 7.00469 9.58673 5.88775  -2.18973 0.34162  0.95516  124 DC A C2    
266 O O2    . DC A 13 ? 7.20800 9.57616 5.97572  -2.08743 0.30136  0.90554  124 DC A O2    
267 N N3    . DC A 13 ? 7.20666 9.65934 5.95972  -2.27117 0.41590  0.89510  124 DC A N3    
268 C C4    . DC A 13 ? 6.97017 9.66967 5.85874  -2.38215 0.45698  0.95362  124 DC A C4    
269 N N4    . DC A 13 ? 7.18463 9.74921 5.93639  -2.45606 0.52995  0.88936  124 DC A N4    
270 C C5    . DC A 13 ? 6.50964 9.60241 5.67456  -2.41792 0.42279  1.07911  124 DC A C5    
271 C C6    . DC A 13 ? 6.32125 9.53238 5.60524  -2.33103 0.34711  1.13555  124 DC A C6    
272 P P     . DA A 14 ? 6.16426 9.07126 5.04144  -2.06123 0.06207  1.21439  125 DA A P     
273 O OP1   . DA A 14 ? 6.29643 9.04313 5.23816  -1.84725 0.00433  1.14293  125 DA A OP1   
274 O OP2   . DA A 14 ? 6.01501 9.14669 4.74306  -2.27662 0.05264  1.35579  125 DA A OP2   
275 O "O5'" . DA A 14 ? 6.55502 9.10643 5.12430  -2.15697 0.13984  1.11449  125 DA A "O5'" 
276 C "C5'" . DA A 14 ? 6.91065 9.21086 5.04619  -2.32260 0.15187  1.11915  125 DA A "C5'" 
277 C "C4'" . DA A 14 ? 7.30064 9.28533 5.18656  -2.39326 0.22480  1.01994  125 DA A "C4'" 
278 O "O4'" . DA A 14 ? 7.13100 9.31324 5.15996  -2.47863 0.28259  1.04665  125 DA A "O4'" 
279 C "C3'" . DA A 14 ? 7.62723 9.37773 5.04621  -2.60986 0.24138  1.04299  125 DA A "C3'" 
280 O "O3'" . DA A 14 ? 8.05777 9.42519 5.24053  -2.59422 0.28786  0.91578  125 DA A "O3'" 
281 C "C2'" . DA A 14 ? 7.39321 9.43144 4.79884  -2.83739 0.27611  1.16613  125 DA A "C2'" 
282 C "C1'" . DA A 14 ? 7.16143 9.38906 4.91864  -2.74250 0.31611  1.13472  125 DA A "C1'" 
283 N N9    . DA A 14 ? 6.71193 9.36968 4.71665  -2.82222 0.30917  1.26351  125 DA A N9    
284 C C8    . DA A 14 ? 6.38960 9.33410 4.53631  -2.81738 0.24663  1.37434  125 DA A C8    
285 N N7    . DA A 14 ? 6.08236 9.34336 4.46954  -2.84794 0.23224  1.44236  125 DA A N7    
286 C C5    . DA A 14 ? 6.17796 9.37516 4.56631  -2.90189 0.30018  1.38976  125 DA A C5    
287 C C6    . DA A 14 ? 6.04009 9.40665 4.63428  -2.90499 0.29745  1.38845  125 DA A C6    
288 N N6    . DA A 14 ? 5.78156 9.40523 4.60352  -2.85122 0.21988  1.44123  125 DA A N6    
289 N N1    . DA A 14 ? 6.19906 9.44430 4.72932  -2.96108 0.37599  1.32795  125 DA A N1    
290 C C2    . DA A 14 ? 6.47990 9.45049 4.74742  -3.01198 0.45392  1.26967  125 DA A C2    
291 N N3    . DA A 14 ? 6.72163 9.43112 4.79702  -2.94495 0.43127  1.21880  125 DA A N3    
292 C C4    . DA A 14 ? 6.52874 9.38702 4.67018  -2.91083 0.36151  1.29670  125 DA A C4    
293 P P     . DC B 1  ? 5.48707 5.05326 8.61199  -1.51872 -0.01760 -0.33006 131 DC B P     
294 O OP1   . DC B 1  ? 5.65159 5.15544 8.76206  -1.54751 -0.12160 -0.33411 131 DC B OP1   
295 O OP2   . DC B 1  ? 5.54437 5.06904 8.57595  -1.45372 0.03893  -0.36719 131 DC B OP2   
296 O "O5'" . DC B 1  ? 5.40486 5.09344 8.61924  -1.54761 0.01298  -0.27593 131 DC B "O5'" 
297 C "C5'" . DC B 1  ? 5.23803 4.99834 8.47594  -1.52667 0.11242  -0.26396 131 DC B "C5'" 
298 C "C4'" . DC B 1  ? 5.34540 5.10541 8.51561  -1.47784 0.14532  -0.26938 131 DC B "C4'" 
299 O "O4'" . DC B 1  ? 5.37374 5.21461 8.59979  -1.50256 0.12414  -0.22408 131 DC B "O4'" 
300 C "C3'" . DC B 1  ? 5.22320 5.00810 8.36958  -1.43692 0.25751  -0.28060 131 DC B "C3'" 
301 O "O3'" . DC B 1  ? 5.37787 5.09674 8.41356  -1.37798 0.27561  -0.31195 131 DC B "O3'" 
302 C "C2'" . DC B 1  ? 5.10610 5.00746 8.33937  -1.46238 0.29955  -0.22824 131 DC B "C2'" 
303 C "C1'" . DC B 1  ? 5.26843 5.18257 8.51232  -1.48228 0.21363  -0.20257 131 DC B "C1'" 
304 N N1    . DC B 1  ? 5.16267 5.18727 8.51953  -1.53370 0.20805  -0.14858 131 DC B N1    
305 C C2    . DC B 1  ? 5.27532 5.35291 8.64248  -1.53327 0.18394  -0.11942 131 DC B C2    
306 O O2    . DC B 1  ? 5.46324 5.49405 8.74281  -1.48783 0.16776  -0.13855 131 DC B O2    
307 N N3    . DC B 1  ? 5.17833 5.35913 8.65050  -1.58098 0.17956  -0.07179 131 DC B N3    
308 C C4    . DC B 1  ? 4.97785 5.20409 8.53959  -1.62749 0.19823  -0.05233 131 DC B C4    
309 N N4    . DC B 1  ? 4.88987 5.21676 8.55317  -1.67419 0.19364  -0.00541 131 DC B N4    
310 C C5    . DC B 1  ? 4.86286 5.03533 8.41276  -1.62606 0.22278  -0.08113 131 DC B C5    
311 C C6    . DC B 1  ? 4.96133 5.03593 8.40933  -1.57892 0.22616  -0.12915 131 DC B C6    
312 P P     . DA B 2  ? 4.74176 4.46187 7.72603  -1.32842 0.39283  -0.33288 132 DA B P     
313 O OP1   . DA B 2  ? 4.85323 4.46778 7.71204  -1.27273 0.38811  -0.37997 132 DA B OP1   
314 O OP2   . DA B 2  ? 4.64481 4.40873 7.69384  -1.34959 0.45390  -0.33759 132 DA B OP2   
315 O "O5'" . DA B 2  ? 4.69523 4.49894 7.70860  -1.32517 0.43466  -0.28713 132 DA B "O5'" 
316 C "C5'" . DA B 2  ? 4.74990 4.52167 7.67051  -1.26857 0.48314  -0.29766 132 DA B "C5'" 
317 C "C4'" . DA B 2  ? 4.81132 4.59228 7.71271  -1.26176 0.41524  -0.27190 132 DA B "C4'" 
318 O "O4'" . DA B 2  ? 4.75016 4.61620 7.76413  -1.32198 0.35730  -0.22809 132 DA B "O4'" 
319 C "C3'" . DA B 2  ? 4.81680 4.62519 7.67340  -1.21926 0.47914  -0.25235 132 DA B "C3'" 
320 O "O3'" . DA B 2  ? 4.91390 4.69321 7.71071  -1.19318 0.40872  -0.25033 132 DA B "O3'" 
321 C "C2'" . DA B 2  ? 4.69806 4.62765 7.67401  -1.26515 0.50505  -0.20005 132 DA B "C2'" 
322 C "C1'" . DA B 2  ? 4.69661 4.65008 7.74864  -1.32118 0.39624  -0.18502 132 DA B "C1'" 
323 N N9    . DA B 2  ? 4.58141 4.63328 7.76275  -1.38239 0.40096  -0.14547 132 DA B N9    
324 C C8    . DA B 2  ? 4.51504 4.57762 7.76118  -1.42086 0.41215  -0.15068 132 DA B C8    
325 N N7    . DA B 2  ? 4.41942 4.57678 7.77810  -1.47266 0.41156  -0.10840 132 DA B N7    
326 C C5    . DA B 2  ? 4.42177 4.63678 7.79289  -1.46952 0.39758  -0.07373 132 DA B C5    
327 C C6    . DA B 2  ? 4.34444 4.66762 7.81473  -1.51058 0.39015  -0.02291 132 DA B C6    
328 N N6    . DA B 2  ? 4.24652 4.63732 7.82541  -1.56610 0.39706  0.00371  132 DA B N6    
329 N N1    . DA B 2  ? 4.37367 4.73379 7.82535  -1.49033 0.37536  -0.00122 132 DA B N1    
330 C C2    . DA B 2  ? 4.47581 4.76614 7.81437  -1.43139 0.36876  -0.02799 132 DA B C2    
331 N N3    . DA B 2  ? 4.55627 4.74003 7.79383  -1.38955 0.37526  -0.07487 132 DA B N3    
332 C C4    . DA B 2  ? 4.52231 4.67419 7.78404  -1.41275 0.38980  -0.09615 132 DA B C4    
333 P P     . DC B 3  ? 4.91368 4.63207 7.57943  -1.11653 0.45316  -0.26670 133 DC B P     
334 O OP1   . DC B 3  ? 5.00932 4.70671 7.63364  -1.10136 0.35588  -0.26650 133 DC B OP1   
335 O OP2   . DC B 3  ? 4.94656 4.57622 7.53017  -1.08067 0.51928  -0.31393 133 DC B OP2   
336 O "O5'" . DC B 3  ? 4.83986 4.64451 7.53860  -1.10835 0.53797  -0.22335 133 DC B "O5'" 
337 C "C5'" . DC B 3  ? 4.78730 4.69434 7.57468  -1.14275 0.49682  -0.17451 133 DC B "C5'" 
338 C "C4'" . DC B 3  ? 4.72539 4.69885 7.52609  -1.12560 0.59084  -0.13913 133 DC B "C4'" 
339 O "O4'" . DC B 3  ? 4.60177 4.68673 7.53972  -1.18839 0.59296  -0.09769 133 DC B "O4'" 
340 C "C3'" . DC B 3  ? 4.71183 4.63921 7.45267  -1.09104 0.71268  -0.16128 133 DC B "C3'" 
341 O "O3'" . DC B 3  ? 4.72171 4.66890 7.41469  -1.04810 0.78445  -0.13700 133 DC B "O3'" 
342 C "C2'" . DC B 3  ? 4.58274 4.57935 7.44184  -1.15051 0.74939  -0.14922 133 DC B "C2'" 
343 C "C1'" . DC B 3  ? 4.51725 4.62396 7.48091  -1.19293 0.70110  -0.09550 133 DC B "C1'" 
344 N N1    . DC B 3  ? 4.40406 4.58568 7.49972  -1.26305 0.68768  -0.07656 133 DC B N1    
345 C C2    . DC B 3  ? 4.31986 4.61242 7.51962  -1.30375 0.67665  -0.02551 133 DC B C2    
346 O O2    . DC B 3  ? 4.34162 4.66989 7.52183  -1.27970 0.67600  0.00165  133 DC B O2    
347 N N3    . DC B 3  ? 4.22010 4.57736 7.53654  -1.36632 0.66641  -0.00780 133 DC B N3    
348 C C4    . DC B 3  ? 4.20531 4.52019 7.53319  -1.38511 0.66713  -0.03939 133 DC B C4    
349 N N4    . DC B 3  ? 4.11095 4.48977 7.55023  -1.44338 0.65732  -0.01999 133 DC B N4    
350 C C5    . DC B 3  ? 4.28929 4.49440 7.51268  -1.34303 0.67779  -0.09278 133 DC B C5    
351 C C6    . DC B 3  ? 4.38513 4.52700 7.49639  -1.28436 0.68871  -0.10941 133 DC B C6    
352 P P     . DA B 4  ? 5.51690 5.39651 8.10987  -0.99543 0.91305  -0.16174 134 DA B P     
353 O OP1   . DA B 4  ? 5.79151 5.57563 8.24251  -0.92587 0.90004  -0.18395 134 DA B OP1   
354 O OP2   . DA B 4  ? 5.35297 5.21157 7.97655  -1.02271 0.96090  -0.19589 134 DA B OP2   
355 O "O5'" . DA B 4  ? 5.41362 5.38107 8.05166  -0.99726 0.99524  -0.11369 134 DA B "O5'" 
356 C "C5'" . DA B 4  ? 5.54577 5.55978 8.17522  -0.97577 0.96207  -0.07364 134 DA B "C5'" 
357 C "C4'" . DA B 4  ? 5.37906 5.51428 8.12185  -1.01594 0.99747  -0.02251 134 DA B "C4'" 
358 O "O4'" . DA B 4  ? 5.15332 5.35627 8.03048  -1.09107 0.95361  -0.01544 134 DA B "O4'" 
359 C "C3'" . DA B 4  ? 5.29826 5.43860 8.02244  -0.99925 1.13614  -0.01512 134 DA B "C3'" 
360 O "O3'" . DA B 4  ? 5.32127 5.54313 8.07818  -0.99436 1.16105  0.03564  134 DA B "O3'" 
361 C "C2'" . DA B 4  ? 5.02709 5.21192 7.85974  -1.06196 1.16346  -0.02439 134 DA B "C2'" 
362 C "C1'" . DA B 4  ? 4.94827 5.21112 7.89468  -1.11858 1.04794  0.00164  134 DA B "C1'" 
363 N N9    . DA B 4  ? 4.73258 5.01989 7.77313  -1.17737 1.02919  -0.01280 134 DA B N9    
364 C C8    . DA B 4  ? 4.69685 4.90958 7.70439  -1.17730 1.02857  -0.06208 134 DA B C8    
365 N N7    . DA B 4  ? 4.54030 4.79852 7.64888  -1.23287 1.01072  -0.06337 134 DA B N7    
366 C C5    . DA B 4  ? 4.44931 4.81806 7.66539  -1.27412 1.00017  -0.01080 134 DA B C5    
367 C C6    . DA B 4  ? 4.33639 4.79445 7.68550  -1.33894 0.98129  0.01490  134 DA B C6    
368 N N6    . DA B 4  ? 4.29757 4.74558 7.69216  -1.37179 0.96885  -0.01024 134 DA B N6    
369 N N1    . DA B 4  ? 4.26781 4.82555 7.69884  -1.36657 0.97587  0.06729  134 DA B N1    
370 C C2    . DA B 4  ? 4.31005 4.87902 7.69215  -1.32962 0.98769  0.09144  134 DA B C2    
371 N N3    . DA B 4  ? 4.48613 4.97639 7.74203  -1.26533 1.00541  0.07179  134 DA B N3    
372 C C4    . DA B 4  ? 4.53014 4.92014 7.70765  -1.24129 1.01131  0.02034  134 DA B C4    
373 P P     . DC B 5  ? 5.63815 5.81713 8.26823  -0.91591 1.19064  0.04921  135 DC B P     
374 O OP1   . DC B 5  ? 5.63680 5.92600 8.33940  -0.92931 1.16036  0.10307  135 DC B OP1   
375 O OP2   . DC B 5  ? 5.83221 5.91052 8.35044  -0.86937 1.12738  0.01220  135 DC B OP2   
376 O "O5'" . DC B 5  ? 5.66809 5.79437 8.22520  -0.88247 1.34200  0.03886  135 DC B "O5'" 
377 C "C5'" . DC B 5  ? 5.71875 5.72509 8.16647  -0.84706 1.39613  -0.01292 135 DC B "C5'" 
378 C "C4'" . DC B 5  ? 5.93734 5.86712 8.24570  -0.77459 1.49666  -0.01301 135 DC B "C4'" 
379 O "O4'" . DC B 5  ? 6.08041 5.87965 8.25891  -0.72789 1.50846  -0.06407 135 DC B "O4'" 
380 C "C3'" . DC B 5  ? 6.15181 6.09624 8.40390  -0.72461 1.45821  0.02446  135 DC B "C3'" 
381 O "O3'" . DC B 5  ? 6.32206 6.20229 8.45614  -0.66360 1.57184  0.02952  135 DC B "O3'" 
382 C "C2'" . DC B 5  ? 6.30015 6.17347 8.47907  -0.69387 1.35451  -0.00637 135 DC B "C2'" 
383 C "C1'" . DC B 5  ? 6.30768 6.06802 8.40987  -0.68182 1.41518  -0.06232 135 DC B "C1'" 
384 N N1    . DC B 5  ? 6.28626 6.01210 8.40562  -0.70556 1.31852  -0.10113 135 DC B N1    
385 C C2    . DC B 5  ? 6.36856 5.97758 8.38911  -0.67723 1.35186  -0.15472 135 DC B C2    
386 O O2    . DC B 5  ? 6.46360 5.99868 8.38280  -0.63362 1.46107  -0.16968 135 DC B O2    
387 N N3    . DC B 5  ? 6.35172 5.92912 8.38745  -0.69821 1.26482  -0.18943 135 DC B N3    
388 C C4    . DC B 5  ? 6.25940 5.91267 8.40192  -0.74694 1.15227  -0.17253 135 DC B C4    
389 N N4    . DC B 5  ? 6.25594 5.86822 8.40465  -0.76555 1.07216  -0.20811 135 DC B N4    
390 C C5    . DC B 5  ? 6.17514 5.94737 8.42072  -0.77909 1.11849  -0.11923 135 DC B C5    
391 C C6    . DC B 5  ? 6.18900 5.99565 8.42037  -0.75657 1.20256  -0.08522 135 DC B C6    
392 P P     . DC B 6  ? 6.50968 6.44200 8.62054  -0.62480 1.59464  0.08382  136 DC B P     
393 O OP1   . DC B 6  ? 6.30949 6.30706 8.49528  -0.66044 1.69718  0.11041  136 DC B OP1   
394 O OP2   . DC B 6  ? 6.59480 6.60215 8.75875  -0.63063 1.46045  0.10838  136 DC B OP2   
395 O "O5'" . DC B 6  ? 6.79567 6.59212 8.71022  -0.53049 1.66103  0.06628  136 DC B "O5'" 
396 C "C5'" . DC B 6  ? 6.86376 6.53517 8.67801  -0.50622 1.69126  0.01203  136 DC B "C5'" 
397 C "C4'" . DC B 6  ? 7.13101 6.71613 8.81126  -0.43379 1.62492  -0.00302 136 DC B "C4'" 
398 O "O4'" . DC B 6  ? 7.07291 6.62589 8.77057  -0.45716 1.53306  -0.04484 136 DC B "O4'" 
399 C "C3'" . DC B 6  ? 7.27344 6.92967 8.96070  -0.40455 1.53528  0.03881  136 DC B "C3'" 
400 O "O3'" . DC B 6  ? 7.58239 7.13950 9.09932  -0.31168 1.55071  0.03328  136 DC B "O3'" 
401 C "C2'" . DC B 6  ? 7.19109 6.89949 8.97171  -0.45140 1.39197  0.02421  136 DC B "C2'" 
402 C "C1'" . DC B 6  ? 7.21296 6.79842 8.91096  -0.43852 1.40601  -0.03264 136 DC B "C1'" 
403 N N1    . DC B 6  ? 7.09586 6.70061 8.87748  -0.49284 1.29727  -0.06099 136 DC B N1    
404 C C2    . DC B 6  ? 7.10877 6.60899 8.82656  -0.48633 1.30474  -0.11386 136 DC B C2    
405 O O2    . DC B 6  ? 7.21350 6.60948 8.80992  -0.43814 1.40034  -0.13745 136 DC B O2    
406 N N3    . DC B 6  ? 7.01999 6.53199 8.80593  -0.53172 1.20693  -0.13889 136 DC B N3    
407 C C4    . DC B 6  ? 6.92169 6.54112 8.83429  -0.58459 1.10761  -0.11355 136 DC B C4    
408 N N4    . DC B 6  ? 6.84741 6.46607 8.81757  -0.62805 1.01709  -0.13998 136 DC B N4    
409 C C5    . DC B 6  ? 6.90474 6.63439 8.88756  -0.59487 1.09818  -0.06089 136 DC B C5    
410 C C6    . DC B 6  ? 6.99323 6.71297 8.90744  -0.54690 1.19284  -0.03614 136 DC B C6    
411 P P     . DG B 7  ? 7.90493 7.50083 9.36586  -0.24926 1.55412  0.08133  137 DG B P     
412 O OP1   . DG B 7  ? 7.85197 7.44417 9.29746  -0.24446 1.69217  0.10693  137 DG B OP1   
413 O OP2   . DG B 7  ? 7.85864 7.58674 9.43906  -0.28306 1.42474  0.10771  137 DG B OP2   
414 O "O5'" . DG B 7  ? 8.24389 7.70873 9.51137  -0.14986 1.54584  0.05714  137 DG B "O5'" 
415 C "C5'" . DG B 7  ? 8.37017 7.68838 9.49272  -0.10295 1.65892  0.02727  137 DG B "C5'" 
416 C "C4'" . DG B 7  ? 8.54704 7.75200 9.54613  -0.05057 1.60497  -0.01645 137 DG B "C4'" 
417 O "O4'" . DG B 7  ? 8.37320 7.60931 9.47238  -0.11366 1.50554  -0.04833 137 DG B "O4'" 
418 C "C3'" . DG B 7  ? 8.83617 8.03005 9.73545  0.03033  1.52819  -0.00363 137 DG B "C3'" 
419 O "O3'" . DG B 7  ? 9.04752 8.08836 9.77184  0.10300  1.55959  -0.04024 137 DG B "O3'" 
420 C "C2'" . DG B 7  ? 8.73846 8.03963 9.76737  -0.02121 1.37178  -0.00727 137 DG B "C2'" 
421 C "C1'" . DG B 7  ? 8.49497 7.77408 9.60260  -0.09550 1.36759  -0.04640 137 DG B "C1'" 
422 N N9    . DG B 7  ? 8.25715 7.66426 9.54936  -0.18585 1.27669  -0.03724 137 DG B N9    
423 C C8    . DG B 7  ? 8.06241 7.59181 9.49397  -0.24557 1.29102  0.00172  137 DG B C8    
424 N N7    . DG B 7  ? 7.87352 7.49256 9.45112  -0.32222 1.20176  0.00054  137 DG B N7    
425 C C5    . DG B 7  ? 7.94363 7.49465 9.47750  -0.31461 1.12442  -0.04269 137 DG B C5    
426 C C6    . DG B 7  ? 7.82374 7.41551 9.45926  -0.37699 1.01518  -0.06291 137 DG B C6    
427 O O6    . DG B 7  ? 7.62785 7.32464 9.41435  -0.45297 0.96565  -0.04576 137 DG B O6    
428 N N1    . DG B 7  ? 7.96187 7.45398 9.50342  -0.34320 0.96466  -0.10731 137 DG B N1    
429 C C2    . DG B 7  ? 8.18557 7.55493 9.55649  -0.25923 1.01310  -0.12930 137 DG B C2    
430 N N2    . DG B 7  ? 8.29140 7.57856 9.59437  -0.23862 0.95045  -0.17220 137 DG B N2    
431 N N3    . DG B 7  ? 8.30507 7.63124 9.57541  -0.19905 1.11760  -0.11031 137 DG B N3    
432 C C4    . DG B 7  ? 8.17412 7.59617 9.53464  -0.23156 1.16837  -0.06698 137 DG B C4    
433 P P     . DT B 8  ? 8.20825 7.20617 8.80900  0.19010  1.46827  -0.04739 138 DT B P     
434 O OP1   . DT B 8  ? 8.41911 7.25150 8.82038  0.27444  1.56503  -0.06816 138 DT B OP1   
435 O OP2   . DT B 8  ? 8.30217 7.42186 8.95360  0.20722  1.40178  -0.00280 138 DT B OP2   
436 O "O5'" . DT B 8  ? 8.12080 7.12803 8.78819  0.14428  1.34522  -0.08920 138 DT B "O5'" 
437 C "C5'" . DT B 8  ? 8.34898 7.27222 8.89627  0.20786  1.27952  -0.12078 138 DT B "C5'" 
438 C "C4'" . DT B 8  ? 8.39649 7.42758 9.01926  0.19964  1.12652  -0.11398 138 DT B "C4'" 
439 O "O4'" . DT B 8  ? 8.11612 7.25142 8.92382  0.09558  1.05904  -0.11617 138 DT B "O4'" 
440 C "C3'" . DT B 8  ? 8.51588 7.64721 9.15121  0.23546  1.10469  -0.06722 138 DT B "C3'" 
441 O "O3'" . DT B 8  ? 8.84269 7.89624 9.30389  0.34506  1.10901  -0.06901 138 DT B "O3'" 
442 C "C2'" . DT B 8  ? 8.41673 7.68788 9.20656  0.17326  0.95957  -0.06533 138 DT B "C2'" 
443 C "C1'" . DT B 8  ? 8.14292 7.41013 9.04495  0.07888  0.94576  -0.09327 138 DT B "C1'" 
444 N N1    . DT B 8  ? 7.85965 7.25531 8.94601  -0.01589 0.94231  -0.06427 138 DT B N1    
445 C C2    . DT B 8  ? 7.65673 7.10171 8.87514  -0.10171 0.86563  -0.08305 138 DT B C2    
446 O O2    . DT B 8  ? 7.69535 7.08398 8.88903  -0.10556 0.80056  -0.12274 138 DT B O2    
447 N N3    . DT B 8  ? 7.41088 6.97085 8.78902  -0.18218 0.86910  -0.05325 138 DT B N3    
448 C C4    . DT B 8  ? 7.34459 6.97690 8.76598  -0.18653 0.93935  -0.00783 138 DT B C4    
449 O O4    . DT B 8  ? 7.11832 6.85282 8.68639  -0.26175 0.93644  0.01631  138 DT B O4    
450 C C5    . DT B 8  ? 7.56793 7.14396 8.84608  -0.09475 1.01714  0.00965  138 DT B C5    
451 C C7    . DT B 8  ? 7.52831 7.17173 8.83560  -0.09001 1.09780  0.05874  138 DT B C7    
452 C C6    . DT B 8  ? 7.81485 7.27457 8.93220  -0.01402 1.01586  -0.01886 138 DT B C6    
453 P P     . DG C 1  ? 5.26636 3.60917 7.99868  0.13290  -1.27068 1.01064  197 DG D P     
454 O OP1   . DG C 1  ? 5.22961 3.49075 7.90621  0.14754  -1.23696 0.94081  197 DG D OP1   
455 O OP2   . DG C 1  ? 5.23922 3.61061 8.05186  0.12459  -1.29021 1.01196  197 DG D OP2   
456 O "O5'" . DG C 1  ? 5.40314 3.83474 8.26980  0.11849  -1.33436 1.11268  197 DG D "O5'" 
457 C "C5'" . DG C 1  ? 5.47880 3.90900 8.39121  0.13198  -1.33848 1.12446  197 DG D "C5'" 
458 C "C4'" . DG C 1  ? 5.61661 4.14682 8.66896  0.11440  -1.40222 1.23385  197 DG D "C4'" 
459 O "O4'" . DG C 1  ? 5.62296 4.23547 8.73648  0.08480  -1.44506 1.29676  197 DG D "O4'" 
460 C "C3'" . DG C 1  ? 5.69202 4.28744 8.87756  0.11507  -1.43726 1.28457  197 DG D "C3'" 
461 O "O3'" . DG C 1  ? 5.83210 4.48434 9.09686  0.11248  -1.47077 1.36596  197 DG D "O3'" 
462 C "C2'" . DG C 1  ? 5.66843 4.35218 8.94712  0.08939  -1.47744 1.33154  197 DG D "C2'" 
463 C "C1'" . DG C 1  ? 5.68131 4.40087 8.94294  0.06760  -1.49654 1.37324  197 DG D "C1'" 
464 N N9    . DG C 1  ? 5.62988 4.39985 8.91486  0.04499  -1.51681 1.39088  197 DG D N9    
465 C C8    . DG C 1  ? 5.52091 4.22809 8.73273  0.05094  -1.48425 1.31683  197 DG D C8    
466 N N7    . DG C 1  ? 5.51162 4.28432 8.76462  0.02739  -1.51369 1.35811  197 DG D N7    
467 C C5    . DG C 1  ? 5.61470 4.51085 8.97375  0.00259  -1.56893 1.46744  197 DG D C5    
468 C C6    . DG C 1  ? 5.65468 4.67484 9.08958  -0.03034 -1.61708 1.55531  197 DG D C6    
469 O O6    . DG C 1  ? 5.60801 4.65100 9.03462  -0.04329 -1.62373 1.55568  197 DG D O6    
470 N N1    . DG C 1  ? 5.76819 4.89392 9.28783  -0.04848 -1.65684 1.65045  197 DG D N1    
471 C C2    . DG C 1  ? 5.84159 4.94443 9.37332  -0.03435 -1.65160 1.65931  197 DG D C2    
472 N N2    . DG C 1  ? 5.95920 5.16821 9.57017  -0.05433 -1.68903 1.75506  197 DG D N2    
473 N N3    . DG C 1  ? 5.80878 4.79415 9.27242  -0.00244 -1.60955 1.58004  197 DG D N3    
474 C C4    . DG C 1  ? 5.69083 4.58266 9.06985  0.01348  -1.56984 1.48705  197 DG D C4    
475 P P     . DG C 2  ? 5.07095 3.76731 8.43984  0.12643  -1.49060 1.41141  198 DG D P     
476 O OP1   . DG C 2  ? 5.12549 3.77428 8.45483  0.14573  -1.47512 1.41624  198 DG D OP1   
477 O OP2   . DG C 2  ? 5.04791 3.70871 8.40713  0.13920  -1.46893 1.34807  198 DG D OP2   
478 O "O5'" . DG C 2  ? 5.06146 3.91311 8.58923  0.09917  -1.55454 1.53367  198 DG D "O5'" 
479 C "C5'" . DG C 2  ? 5.09099 4.00711 8.66394  0.08548  -1.58417 1.61769  198 DG D "C5'" 
480 C "C4'" . DG C 2  ? 5.44807 4.52735 9.16264  0.05963  -1.63705 1.72975  198 DG D "C4'" 
481 O "O4'" . DG C 2  ? 5.35665 4.48021 9.07056  0.03105  -1.65195 1.73189  198 DG D "O4'" 
482 C "C3'" . DG C 2  ? 5.48087 4.63605 9.29649  0.07103  -1.65129 1.76615  198 DG D "C3'" 
483 O "O3'" . DG C 2  ? 5.63511 4.85419 9.51981  0.08327  -1.66678 1.84441  198 DG D "O3'" 
484 C "C2'" . DG C 2  ? 5.43844 4.72794 9.33704  0.04039  -1.68675 1.82495  198 DG D "C2'" 
485 C "C1'" . DG C 2  ? 5.33369 4.55803 9.14143  0.02168  -1.67566 1.77045  198 DG D "C1'" 
486 N N9    . DG C 2  ? 5.19789 4.32973 8.93837  0.03022  -1.64664 1.67414  198 DG D N9    
487 C C8    . DG C 2  ? 4.96644 3.95920 8.61503  0.05939  -1.59984 1.56989  198 DG D C8    
488 N N7    . DG C 2  ? 4.93623 3.86773 8.52963  0.06052  -1.57664 1.49586  198 DG D N7    
489 C C5    . DG C 2  ? 4.91639 3.94866 8.57181  0.03114  -1.61289 1.55616  198 DG D C5    
490 C C6    . DG C 2  ? 4.89164 3.90915 8.52294  0.02036  -1.60777 1.52000  198 DG D C6    
491 O O6    . DG C 2  ? 4.86206 3.76534 8.40801  0.03510  -1.56555 1.42060  198 DG D O6    
492 N N1    . DG C 2  ? 4.95189 4.10698 8.66173  -0.01064 -1.65384 1.61197  198 DG D N1    
493 C C2    . DG C 2  ? 5.05294 4.34747 8.84619  -0.03041 -1.69513 1.72141  198 DG D C2    
494 N N2    . DG C 2  ? 5.06795 4.49865 8.91474  -0.06073 -1.73143 1.79704  198 DG D N2    
495 N N3    . DG C 2  ? 5.14126 4.44213 8.95486  -0.02060 -1.69677 1.75262  198 DG D N3    
496 C C4    . DG C 2  ? 5.11532 4.27873 8.85953  0.01105  -1.65624 1.66706  198 DG D C4    
497 P P     . DT C 3  ? 6.12915 5.26693 9.99056  0.12451  -1.63912 1.80951  199 DT D P     
498 O OP1   . DT C 3  ? 6.14816 5.14875 9.88905  0.13790  -1.60538 1.74536  199 DT D OP1   
499 O OP2   . DT C 3  ? 6.03503 5.15880 9.91083  0.13781  -1.62783 1.76017  199 DT D OP2   
500 O "O5'" . DT C 3  ? 6.30157 5.56820 10.27347 0.13197  -1.66833 1.92747  199 DT D "O5'" 
501 C "C5'" . DT C 3  ? 6.33092 5.70126 10.39839 0.14720  -1.68143 1.97588  199 DT D "C5'" 
502 C "C4'" . DT C 3  ? 6.33105 5.89781 10.50713 0.11880  -1.72048 2.07648  199 DT D "C4'" 
503 O "O4'" . DT C 3  ? 6.20279 5.76473 10.34801 0.08370  -1.72838 2.04753  199 DT D "O4'" 
504 C "C3'" . DT C 3  ? 6.30925 6.00585 10.57647 0.12970  -1.73276 2.11318  199 DT D "C3'" 
505 O "O3'" . DT C 3  ? 6.46171 6.27603 10.80122 0.15214  -1.74191 2.20330  199 DT D "O3'" 
506 C "C2'" . DT C 3  ? 6.22436 6.06350 10.54117 0.09118  -1.76019 2.15535  199 DT D "C2'" 
507 C "C1'" . DT C 3  ? 6.14199 5.85345 10.36702 0.06624  -1.75210 2.09196  199 DT D "C1'" 
508 N N1    . DT C 3  ? 5.98140 5.59466 10.15182 0.06136  -1.73742 1.99619  199 DT D N1    
509 C C2    . DT C 3  ? 5.89697 5.60276 10.09448 0.03172  -1.75788 2.01532  199 DT D C2    
510 O O2    . DT C 3  ? 5.94258 5.82153 10.20431 0.00726  -1.78690 2.10675  199 DT D O2    
511 N N3    . DT C 3  ? 5.76231 5.35443 9.90038  0.03256  -1.73955 1.92060  199 DT D N3    
512 C C4    . DT C 3  ? 5.49357 4.89847 9.54229  0.05784  -1.69954 1.80729  199 DT D C4    
513 O O4    . DT C 3  ? 5.09083 4.40256 9.08113  0.05718  -1.67947 1.72355  199 DT D O4    
514 C C5    . DT C 3  ? 5.72997 5.06067 9.74928  0.08601  -1.67896 1.79260  199 DT D C5    
515 C C7    . DT C 3  ? 5.47024 4.62030 9.38038  0.11379  -1.63138 1.67295  199 DT D C7    
516 C C6    . DT C 3  ? 5.92651 5.35970 10.01010 0.08722  -1.70020 1.88792  199 DT D C6    
517 P P     . DG C 4  ? 7.63127 7.43654 11.99438 0.19777  -1.72669 2.19229  200 DG D P     
518 O OP1   . DG C 4  ? 7.79977 7.58978 12.16012 0.22631  -1.71927 2.24011  200 DG D OP1   
519 O OP2   . DG C 4  ? 7.50117 7.13871 11.79008 0.20690  -1.70143 2.07221  200 DG D OP2   
520 O "O5'" . DG C 4  ? 7.63345 7.68228 12.11096 0.19445  -1.75119 2.27272  200 DG D "O5'" 
521 C "C5'" . DG C 4  ? 7.73472 7.99609 12.28662 0.18333  -1.77217 2.38863  200 DG D "C5'" 
522 C "C4'" . DG C 4  ? 7.63764 8.06582 12.22983 0.14071  -1.79460 2.41887  200 DG D "C4'" 
523 O "O4'" . DG C 4  ? 7.49720 7.76418 12.02145 0.11812  -1.79060 2.32847  200 DG D "O4'" 
524 C "C3'" . DG C 4  ? 7.58266 8.22944 12.25167 0.14384  -1.80372 2.44567  200 DG D "C3'" 
525 O "O3'" . DG C 4  ? 7.66396 8.58703 12.39861 0.12664  -1.81710 2.54899  200 DG D "O3'" 
526 C "C2'" . DG C 4  ? 7.40544 8.01115 12.05384 0.11752  -1.80956 2.37135  200 DG D "C2'" 
527 C "C1'" . DG C 4  ? 7.36761 7.74924 11.92705 0.09876  -1.80329 2.31611  200 DG D "C1'" 
528 N N9    . DG C 4  ? 7.23891 7.41358 11.73261 0.10390  -1.78718 2.20097  200 DG D N9    
529 C C8    . DG C 4  ? 7.24171 7.20029 11.66811 0.13399  -1.75846 2.11557  200 DG D C8    
530 N N7    . DG C 4  ? 7.11053 6.92229 11.47618 0.13004  -1.74295 2.01458  200 DG D N7    
531 C C5    . DG C 4  ? 7.01963 6.95173 11.42226 0.09802  -1.76639 2.03888  200 DG D C5    
532 C C6    . DG C 4  ? 6.87587 6.73136 11.24169 0.08308  -1.76258 1.96402  200 DG D C6    
533 O O6    . DG C 4  ? 6.79642 6.45134 11.08133 0.09465  -1.73238 1.85387  200 DG D O6    
534 N N1    . DG C 4  ? 6.83166 6.87881 11.25403 0.05144  -1.79330 2.02398  200 DG D N1    
535 C C2    . DG C 4  ? 6.91307 7.20639 11.40731 0.03232  -1.81871 2.13521  200 DG D C2    
536 N N2    . DG C 4  ? 6.85492 7.33456 11.38159 -0.00277 -1.84054 2.16915  200 DG D N2    
537 N N3    . DG C 4  ? 7.04851 7.40570 11.57145 0.04590  -1.81795 2.20279  200 DG D N3    
538 C C4    . DG C 4  ? 7.09558 7.26029 11.57472 0.08009  -1.79368 2.15233  200 DG D C4    
539 P P     . DC C 5  ? 6.77464 7.83910 11.51075 0.07287  -1.83411 2.58612  201 DC D P     
540 O OP1   . DC C 5  ? 6.76428 7.61318 11.42860 0.05363  -1.83614 2.54448  201 DC D OP1   
541 O OP2   . DC C 5  ? 6.90251 8.21046 11.69134 0.06842  -1.83655 2.68818  201 DC D OP2   
542 O "O5'" . DC C 5  ? 6.60275 7.81192 11.36229 0.04822  -1.84060 2.54376  201 DC D "O5'" 
543 C "C5'" . DC C 5  ? 6.52660 7.89782 11.28379 -0.00148 -1.85178 2.56184  201 DC D "C5'" 
544 C "C4'" . DC C 5  ? 6.38293 7.86713 11.15588 -0.02527 -1.85421 2.49962  201 DC D "C4'" 
545 O "O4'" . DC C 5  ? 6.26793 7.48287 11.00062 -0.00776 -1.85436 2.40645  201 DC D "O4'" 
546 C "C3'" . DC C 5  ? 6.38029 8.11738 11.22060 -0.02230 -1.84438 2.50218  201 DC D "C3'" 
547 O "O3'" . DC C 5  ? 6.31225 8.33093 11.16686 -0.07960 -1.84011 2.49438  201 DC D "O3'" 
548 C "C2'" . DC C 5  ? 6.28208 7.82860 11.12344 0.00865  -1.84327 2.41387  201 DC D "C2'" 
549 C "C1'" . DC C 5  ? 6.17668 7.49772 10.95533 -0.00632 -1.85234 2.35405  201 DC D "C1'" 
550 N N1    . DC C 5  ? 6.10351 7.12069 10.84366 0.02928  -1.84639 2.26323  201 DC D N1    
551 C C2    . DC C 5  ? 5.95112 6.90189 10.67890 0.01454  -1.85105 2.17897  201 DC D C2    
552 O O2    . DC C 5  ? 5.87640 7.04225 10.63216 -0.03294 -1.86131 2.18021  201 DC D O2    
553 N N3    . DC C 5  ? 5.89721 6.55075 10.57327 0.04911  -1.83758 2.09012  201 DC D N3    
554 C C4    . DC C 5  ? 5.98461 6.43468 10.61653 0.08775  -1.81661 2.07735  201 DC D C4    
555 N N4    . DC C 5  ? 5.93237 6.10102 10.49060 0.11197  -1.79107 1.97384  201 DC D N4    
556 C C5    . DC C 5  ? 6.13444 6.66856 10.78720 0.10016  -1.81504 2.16166  201 DC D C5    
557 C C6    . DC C 5  ? 6.19047 6.99744 10.89926 0.07342  -1.83133 2.25510  201 DC D C6    
558 P P     . DA C 6  ? 6.07444 8.44838 10.98403 -0.10545 -1.81766 2.49567  202 DA D P     
559 O OP1   . DA C 6  ? 6.19260 8.80277 11.09868 -0.13060 -1.80626 2.57555  202 DA D OP1   
560 O OP2   . DA C 6  ? 6.09558 8.41363 11.04574 -0.05714 -1.81319 2.48015  202 DA D OP2   
561 O "O5'" . DA C 6  ? 5.91895 8.41393 10.82397 -0.16852 -1.80868 2.40158  202 DA D "O5'" 
562 C "C5'" . DA C 6  ? 5.81636 8.09829 10.68168 -0.17833 -1.82619 2.34764  202 DA D "C5'" 
563 C "C4'" . DA C 6  ? 5.65925 7.97653 10.53022 -0.21861 -1.80931 2.23142  202 DA D "C4'" 
564 O "O4'" . DA C 6  ? 5.63894 7.57861 10.43298 -0.17020 -1.79468 2.14849  202 DA D "O4'" 
565 C "C3'" . DA C 6  ? 5.68173 8.24611 10.54194 -0.25809 -1.75293 2.17713  202 DA D "C3'" 
566 O "O3'" . DA C 6  ? 5.63731 8.22115 10.35291 -0.33476 -1.67468 2.02941  202 DA D "O3'" 
567 C "C2'" . DA C 6  ? 5.70064 8.04180 10.56280 -0.19047 -1.75151 2.15245  202 DA D "C2'" 
568 C "C1'" . DA C 6  ? 5.64343 7.59306 10.40282 -0.16848 -1.74544 2.06920  202 DA D "C1'" 
569 N N9    . DA C 6  ? 5.65853 7.31157 10.43965 -0.08726 -1.77152 2.07892  202 DA D N9    
570 C C8    . DA C 6  ? 5.72803 7.37234 10.63814 -0.01594 -1.83271 2.20715  202 DA D C8    
571 N N7    . DA C 6  ? 5.73441 7.06934 10.62414 0.04564  -1.83898 2.17867  202 DA D N7    
572 C C5    . DA C 6  ? 5.65292 6.78819 10.40215 0.01473  -1.78297 2.02512  202 DA D C5    
573 C C6    . DA C 6  ? 5.61373 6.40279 10.28122 0.04983  -1.76078 1.92596  202 DA D C6    
574 N N6    . DA C 6  ? 5.65261 6.23072 10.37753 0.12634  -1.79776 1.97112  202 DA D N6    
575 N N1    . DA C 6  ? 5.42273 6.08979 9.94589  0.00348  -1.69728 1.77841  202 DA D N1    
576 C C2    . DA C 6  ? 5.41232 6.28584 9.87360  -0.07328 -1.65740 1.73290  202 DA D C2    
577 N N3    . DA C 6  ? 5.54379 6.74599 10.07090 -0.11477 -1.67323 1.81419  202 DA D N3    
578 C C4    . DA C 6  ? 5.61085 6.93254 10.28549 -0.06672 -1.73818 1.96101  202 DA D C4    
579 P P     . DC C 7  ? 5.59396 8.55877 10.30102 -0.42809 -1.63918 2.02106  203 DC D P     
580 O OP1   . DC C 7  ? 5.57062 8.54000 10.28206 -0.44710 -1.67325 2.06866  203 DC D OP1   
581 O OP2   . DC C 7  ? 5.65351 8.94550 10.48139 -0.42718 -1.65348 2.11106  203 DC D OP2   
582 O "O5'" . DC C 7  ? 5.56348 8.46657 10.09416 -0.49463 -1.53913 1.83344  203 DC D "O5'" 
583 C "C5'" . DC C 7  ? 5.58475 8.44708 10.07337 -0.48712 -1.49410 1.75457  203 DC D "C5'" 
584 C "C4'" . DC C 7  ? 5.53614 8.07172 9.85782  -0.49474 -1.43272 1.59220  203 DC D "C4'" 
585 O "O4'" . DC C 7  ? 5.52062 7.71250 9.86389  -0.40612 -1.47544 1.61189  203 DC D "O4'" 
586 C "C3'" . DC C 7  ? 5.55279 8.13573 9.77830  -0.53661 -1.35463 1.46526  203 DC D "C3'" 
587 O "O3'" . DC C 7  ? 5.51102 7.86649 9.56388  -0.57381 -1.28569 1.30948  203 DC D "O3'" 
588 C "C2'" . DC C 7  ? 5.56906 7.99470 9.86266  -0.45202 -1.39074 1.50325  203 DC D "C2'" 
589 C "C1'" . DC C 7  ? 5.52613 7.60562 9.82609  -0.38497 -1.44005 1.53223  203 DC D "C1'" 
590 N N1    . DC C 7  ? 5.55023 7.49145 9.96834  -0.28967 -1.50897 1.63571  203 DC D N1    
591 C C2    . DC C 7  ? 5.51866 7.09169 9.88763  -0.23133 -1.51065 1.57683  203 DC D C2    
592 O O2    . DC C 7  ? 5.46680 6.83975 9.69611  -0.25853 -1.45445 1.43970  203 DC D O2    
593 N N3    . DC C 7  ? 5.55182 6.99852 10.02719 -0.14644 -1.57215 1.67259  203 DC D N3    
594 C C4    . DC C 7  ? 5.61620 7.28402 10.23688 -0.11752 -1.62822 1.82111  203 DC D C4    
595 N N4    . DC C 7  ? 5.66019 7.18540 10.37617 -0.03290 -1.68425 1.91187  203 DC D N4    
596 C C5    . DC C 7  ? 5.64372 7.68920 10.31814 -0.17386 -1.62767 1.88409  203 DC D C5    
597 C C6    . DC C 7  ? 5.60733 7.77830 10.17954 -0.25961 -1.56864 1.78821  203 DC D C6    
598 P P     . DT C 8  ? 5.42138 7.85945 9.33036  -0.65340 -1.18520 1.15203  204 DT D P     
599 O OP1   . DT C 8  ? 5.41169 7.92802 9.21186  -0.73590 -1.13081 1.08083  204 DT D OP1   
600 O OP2   . DT C 8  ? 5.48281 8.20738 9.47556  -0.66200 -1.18767 1.19987  204 DT D OP2   
601 O "O5'" . DT C 8  ? 5.38637 7.42849 9.18512  -0.61060 -1.15411 1.03192  204 DT D "O5'" 
602 C "C5'" . DT C 8  ? 5.39221 7.23947 9.27566  -0.51775 -1.21033 1.08909  204 DT D "C5'" 
603 C "C4'" . DT C 8  ? 5.35052 6.86092 9.11021  -0.49628 -1.16484 0.95154  204 DT D "C4'" 
604 O "O4'" . DT C 8  ? 5.33537 6.59984 9.17919  -0.39842 -1.22870 1.01565  204 DT D "O4'" 
605 C "C3'" . DT C 8  ? 5.37353 6.96971 9.05763  -0.53641 -1.10065 0.84656  204 DT D "C3'" 
606 O "O3'" . DT C 8  ? 5.32907 6.63385 8.85540  -0.54730 -1.03767 0.69076  204 DT D "O3'" 
607 C "C2'" . DT C 8  ? 5.40726 7.01477 9.22335  -0.45901 -1.16077 0.94107  204 DT D "C2'" 
608 C "C1'" . DT C 8  ? 5.36744 6.67132 9.24736  -0.37108 -1.22839 1.01063  204 DT D "C1'" 
609 N N1    . DT C 8  ? 5.40863 6.79821 9.46626  -0.29848 -1.31500 1.17876  204 DT D N1    
610 C C2    . DT C 8  ? 5.40244 6.51221 9.51404  -0.20948 -1.36458 1.21820  204 DT D C2    
611 O O2    . DT C 8  ? 5.21075 6.01019 9.23684  -0.18634 -1.34273 1.12203  204 DT D O2    
612 N N3    . DT C 8  ? 5.45581 6.66184 9.72542  -0.14835 -1.43946 1.37595  204 DT D N3    
613 C C4    . DT C 8  ? 5.50827 7.05946 9.88738  -0.16498 -1.46940 1.49673  204 DT D C4    
614 O O4    . DT C 8  ? 5.56096 7.16828 10.07626 -0.10384 -1.53473 1.63609  204 DT D O4    
615 C C5    . DT C 8  ? 5.50276 7.34318 9.82331  -0.25981 -1.41619 1.44757  204 DT D C5    
616 C C7    . DT C 8  ? 5.55354 7.78849 9.98706  -0.28656 -1.44183 1.56866  204 DT D C7    
617 C C6    . DT C 8  ? 5.45655 7.20110 9.61962  -0.32233 -1.34217 1.29237  204 DT D C6    
618 P P     . DC C 9  ? 4.80025 6.14992 8.19842  -0.60672 -0.95269 0.54420  205 DC D P     
619 O OP1   . DC C 9  ? 4.56287 5.65624 7.78346  -0.64060 -0.88003 0.39099  205 DC D OP1   
620 O OP2   . DC C 9  ? 5.16371 6.92012 8.59365  -0.67803 -0.93213 0.57692  205 DC D OP2   
621 O "O5'" . DC C 9  ? 4.78163 5.98585 8.24479  -0.52674 -0.99043 0.56248  205 DC D "O5'" 
622 C "C5'" . DC C 9  ? 4.57035 5.42580 8.06134  -0.43972 -1.03517 0.57795  205 DC D "C5'" 
623 C "C4'" . DC C 9  ? 4.65216 5.44471 8.22303  -0.36995 -1.07377 0.61367  205 DC D "C4'" 
624 O "O4'" . DC C 9  ? 5.07164 5.96339 8.81854  -0.30475 -1.16121 0.78683  205 DC D "O4'" 
625 C "C3'" . DC C 9  ? 4.84535 5.86366 8.38241  -0.41478 -1.02973 0.55962  205 DC D "C3'" 
626 O "O3'" . DC C 9  ? 4.59586 5.37331 8.04160  -0.39645 -0.99552 0.44017  205 DC D "O3'" 
627 C "C2'" . DC C 9  ? 5.34378 6.59192 9.05347  -0.36400 -1.09949 0.71826  205 DC D "C2'" 
628 C "C1'" . DC C 9  ? 5.30864 6.34210 9.12830  -0.27570 -1.17922 0.83062  205 DC D "C1'" 
629 N N1    . DC C 9  ? 5.35590 6.62688 9.34401  -0.24051 -1.24998 1.00905  205 DC D N1    
630 C C2    . DC C 9  ? 5.37118 6.48792 9.48253  -0.14388 -1.32658 1.12476  205 DC D C2    
631 O O2    . DC C 9  ? 5.34292 6.13577 9.42618  -0.08980 -1.33583 1.07815  205 DC D O2    
632 N N3    . DC C 9  ? 5.42298 6.75236 9.68154  -0.11245 -1.38721 1.28594  205 DC D N3    
633 C C4    . DC C 9  ? 5.44972 7.13638 9.73953  -0.17270 -1.37533 1.33321  205 DC D C4    
634 N N4    . DC C 9  ? 5.50106 7.38741 9.93903  -0.13695 -1.43618 1.49457  205 DC D N4    
635 C C5    . DC C 9  ? 5.43097 7.28544 9.60008  -0.27321 -1.29856 1.21682  205 DC D C5    
636 C C6    . DC C 9  ? 5.38832 7.02300 9.40703  -0.30402 -1.23740 1.05744  205 DC D C6    
637 P P     . DT C 10 ? 4.82116 5.72675 8.13367  -0.47500 -0.91134 0.30074  206 DT D P     
638 O OP1   . DT C 10 ? 4.86572 5.60133 8.00417  -0.53738 -0.83368 0.15046  206 DT D OP1   
639 O OP2   . DT C 10 ? 4.78112 6.10125 8.15739  -0.52239 -0.91115 0.37292  206 DT D OP2   
640 O "O5'" . DT C 10 ? 4.84685 5.56009 8.17191  -0.40651 -0.92950 0.26918  206 DT D "O5'" 
641 C "C5'" . DT C 10 ? 4.87842 5.20469 8.19220  -0.33605 -0.95216 0.23665  206 DT D "C5'" 
642 C "C4'" . DT C 10 ? 4.86831 5.11472 8.32087  -0.23587 -1.02871 0.34093  206 DT D "C4'" 
643 O "O4'" . DT C 10 ? 5.08944 5.54252 8.69844  -0.20320 -1.09618 0.51318  206 DT D "O4'" 
644 C "C3'" . DT C 10 ? 4.87588 5.21587 8.32116  -0.22898 -1.01637 0.30530  206 DT D "C3'" 
645 O "O3'" . DT C 10 ? 4.90470 4.92757 8.35546  -0.15323 -1.04076 0.27211  206 DT D "O3'" 
646 C "C2'" . DT C 10 ? 5.40860 6.06676 9.00462  -0.20286 -1.07036 0.46444  206 DT D "C2'" 
647 C "C1'" . DT C 10 ? 5.57756 6.16264 9.28679  -0.15324 -1.13520 0.59345  206 DT D "C1'" 
648 N N1    . DT C 10 ? 5.69581 6.62426 9.52646  -0.16094 -1.17218 0.74011  206 DT D N1    
649 C C2    . DT C 10 ? 5.72967 6.65220 9.71652  -0.07693 -1.25232 0.89784  206 DT D C2    
650 O O2    . DT C 10 ? 5.72119 6.37056 9.75281  0.00312  -1.29507 0.92471  206 DT D O2    
651 N N3    . DT C 10 ? 5.77990 7.03216 9.86783  -0.09189 -1.27873 1.02349  206 DT D N3    
652 C C4    . DT C 10 ? 5.79477 7.37858 9.84658  -0.18203 -1.23436 1.00615  206 DT D C4    
653 O O4    . DT C 10 ? 5.83766 7.70955 9.99110  -0.18877 -1.26268 1.12571  206 DT D O4    
654 C C5    . DT C 10 ? 5.76172 7.32888 9.64616  -0.26915 -1.15027 0.83689  206 DT D C5    
655 C C7    . DT C 10 ? 5.78476 7.69277 9.61291  -0.37462 -1.09362 0.80194  206 DT D C7    
656 C C6    . DT C 10 ? 5.71621 6.95785 9.49791  -0.25392 -1.12331 0.71406  206 DT D C6    
657 P P     . DG C 11 ? 4.81091 4.80668 8.19950  -0.14991 -1.01183 0.17681  207 DG D P     
658 O OP1   . DG C 11 ? 4.84991 4.46468 8.15418  -0.12209 -0.99353 0.06146  207 DG D OP1   
659 O OP2   . DG C 11 ? 4.80539 5.10995 8.10723  -0.24558 -0.94794 0.11258  207 DG D OP2   
660 O "O5'" . DG C 11 ? 4.79156 4.86473 8.34093  -0.05929 -1.08887 0.32062  207 DG D "O5'" 
661 C "C5'" . DG C 11 ? 4.78477 4.70491 8.46401  0.02570  -1.16342 0.44697  207 DG D "C5'" 
662 C "C4'" . DG C 11 ? 5.02473 5.16796 8.85358  0.08177  -1.22313 0.60549  207 DG D "C4'" 
663 O "O4'" . DG C 11 ? 5.25626 5.73477 9.13171  0.03179  -1.22277 0.69049  207 DG D "O4'" 
664 C "C3'" . DG C 11 ? 5.02195 5.29666 8.84448  0.09523  -1.21273 0.58355  207 DG D "C3'" 
665 O "O3'" . DG C 11 ? 5.01131 5.17566 8.95288  0.19934  -1.27898 0.68843  207 DG D "O3'" 
666 C "C2'" . DG C 11 ? 5.29895 6.00666 9.13848  0.03205  -1.19083 0.63482  207 DG D "C2'" 
667 C "C1'" . DG C 11 ? 5.46660 6.24989 9.40086  0.03675  -1.22983 0.75715  207 DG D "C1'" 
668 N N9    . DG C 11 ? 5.60610 6.74583 9.52858  -0.04800 -1.19713 0.77682  207 DG D N9    
669 C C8    . DG C 11 ? 5.47521 6.75141 9.26353  -0.15231 -1.12060 0.65154  207 DG D C8    
670 N N7    . DG C 11 ? 5.65504 7.25908 9.47009  -0.21249 -1.10756 0.70623  207 DG D N7    
671 C C5    . DG C 11 ? 5.91989 7.61144 9.89894  -0.14182 -1.18129 0.87989  207 DG D C5    
672 C C6    . DG C 11 ? 6.17603 8.19203 10.25670 -0.16006 -1.20472 1.00770  207 DG D C6    
673 O O6    . DG C 11 ? 6.18541 8.48982 10.23290 -0.24611 -1.16414 0.99205  207 DG D O6    
674 N N1    . DG C 11 ? 6.20984 8.19348 10.44449 -0.06640 -1.28296 1.16723  207 DG D N1    
675 C C2    . DG C 11 ? 6.21243 7.88811 10.49409 0.02999  -1.33072 1.19816  207 DG D C2    
676 N N2    . DG C 11 ? 6.26246 7.95051 10.69013 0.10909  -1.40067 1.35880  207 DG D N2    
677 N N3    . DG C 11 ? 6.10869 7.48466 10.29982 0.04697  -1.31011 1.07961  207 DG D N3    
678 C C4    . DG C 11 ? 5.89527 7.29932 9.93856  -0.04096 -1.23574 0.92467  207 DG D C4    
679 P P     . DT C 12 ? 4.72282 4.62011 8.62887  0.25633  -1.28205 0.60894  208 DT D P     
680 O OP1   . DT C 12 ? 4.74498 4.26268 8.67401  0.31399  -1.31557 0.60686  208 DT D OP1   
681 O OP2   . DT C 12 ? 4.73036 4.69377 8.49111  0.18177  -1.21057 0.45212  208 DT D OP2   
682 O "O5'" . DT C 12 ? 4.72017 4.77636 8.75024  0.33446  -1.33351 0.74278  208 DT D "O5'" 
683 C "C5'" . DT C 12 ? 4.88938 5.34432 8.95434  0.30315  -1.32418 0.81296  208 DT D "C5'" 
684 C "C4'" . DT C 12 ? 5.21748 5.79068 9.44431  0.37775  -1.39054 1.00429  208 DT D "C4'" 
685 O "O4'" . DT C 12 ? 5.35892 6.04563 9.62545  0.33850  -1.39833 1.07077  208 DT D "O4'" 
686 C "C3'" . DT C 12 ? 5.40748 6.33036 9.69025  0.39249  -1.39400 1.08839  208 DT D "C3'" 
687 O "O3'" . DT C 12 ? 5.38964 6.19466 9.70018  0.47566  -1.41932 1.10312  208 DT D "O3'" 
688 C "C2'" . DT C 12 ? 5.72466 6.82208 10.14305 0.42212  -1.44063 1.26210  208 DT D "C2'" 
689 C "C1'" . DT C 12 ? 5.67168 6.67744 10.05162 0.35885  -1.42767 1.22146  208 DT D "C1'" 
690 N N1    . DT C 12 ? 5.77311 7.11197 10.10794 0.25692  -1.38106 1.19709  208 DT D N1    
691 C C2    . DT C 12 ? 6.05483 7.63972 10.49177 0.25325  -1.40886 1.33200  208 DT D C2    
692 O O2    . DT C 12 ? 6.22818 7.77338 10.78911 0.32959  -1.46943 1.47271  208 DT D O2    
693 N N3    . DT C 12 ? 6.12965 8.01111 10.51685 0.15503  -1.36178 1.29610  208 DT D N3    
694 C C4    . DT C 12 ? 5.95880 7.90784 10.20177 0.06023  -1.28869 1.14114  208 DT D C4    
695 O O4    . DT C 12 ? 6.05291 8.27402 10.25938 -0.02694 -1.24848 1.12066  208 DT D O4    
696 C C5    . DT C 12 ? 5.66368 7.33789 9.80043  0.06937  -1.26190 1.00442  208 DT D C5    
697 C C7    . DT C 12 ? 5.45871 7.16980 9.42928  -0.02975 -1.18110 0.82953  208 DT D C7    
698 C C6    . DT C 12 ? 5.58375 6.97208 9.77360  0.16675  -1.30999 1.03882  208 DT D C6    
699 P P     . DG C 13 ? 4.23099 4.62641 8.59943  0.57591  -1.47374 1.13467  209 DG D P     
700 O OP1   . DG C 13 ? 4.23137 4.58827 8.71820  0.61921  -1.52638 1.27910  209 DG D OP1   
701 O OP2   . DG C 13 ? 4.24807 4.33376 8.50075  0.54778  -1.44250 0.97021  209 DG D OP2   
702 O "O5'" . DG C 13 ? 4.25352 4.70115 8.67290  0.65933  -1.49830 1.19289  209 DG D "O5'" 
703 C "C5'" . DG C 13 ? 4.23525 5.01426 8.61808  0.62697  -1.46421 1.17715  209 DG D "C5'" 
704 C "C4'" . DG C 13 ? 4.24683 4.91897 8.50142  0.59571  -1.42182 1.01236  209 DG D "C4'" 
705 O "O4'" . DG C 13 ? 4.23509 4.82715 8.36803  0.49675  -1.36935 0.86554  209 DG D "O4'" 
706 C "C3'" . DG C 13 ? 4.28630 4.59183 8.55009  0.68061  -1.45466 0.98299  209 DG D "C3'" 
707 O "O3'" . DG C 13 ? 4.29750 4.70641 8.54843  0.71892  -1.45294 0.97627  209 DG D "O3'" 
708 C "C2'" . DG C 13 ? 4.29036 4.31905 8.43353  0.62076  -1.41708 0.81163  209 DG D "C2'" 
709 C "C1'" . DG C 13 ? 4.26019 4.55815 8.30363  0.50256  -1.35316 0.72939  209 DG D "C1'" 
710 N N9    . DG C 13 ? 4.25950 4.36403 8.21136  0.43405  -1.31741 0.61271  209 DG D N9    
711 C C8    . DG C 13 ? 4.23855 4.44430 8.17905  0.36782  -1.29765 0.62230  209 DG D C8    
712 N N7    . DG C 13 ? 4.24796 4.22604 8.09383  0.32098  -1.26445 0.50304  209 DG D N7    
713 C C5    . DG C 13 ? 4.27459 3.98370 8.06894  0.35774  -1.26241 0.40787  209 DG D C5    
714 C C6    . DG C 13 ? 4.29434 3.68862 7.98568  0.33676  -1.23157 0.26418  209 DG D C6    
715 O O6    . DG C 13 ? 4.29588 3.58102 7.91433  0.28134  -1.19687 0.19040  209 DG D O6    
716 N N1    . DG C 13 ? 4.31428 3.51405 7.98942  0.38982  -1.24295 0.20703  209 DG D N1    
717 C C2    . DG C 13 ? 4.31723 3.61380 8.06384  0.45610  -1.27976 0.28063  209 DG D C2    
718 N N2    . DG C 13 ? 4.33610 3.41477 8.05412  0.50079  -1.28695 0.20851  209 DG D N2    
719 N N3    . DG C 13 ? 4.30285 3.89212 8.14202  0.47877  -1.30674 0.41665  209 DG D N3    
720 C C4    . DG C 13 ? 4.28092 4.06392 8.14081  0.42698  -1.29639 0.47381  209 DG D C4    
721 P P     . DC D 1  ? 6.69872 4.78381 9.24107  1.32135  -3.57840 -1.82734 105 DC X P     
722 O OP1   . DC D 1  ? 6.62005 4.66046 9.07117  1.32589  -3.51602 -1.80190 105 DC X OP1   
723 O OP2   . DC D 1  ? 6.46113 4.76076 9.21474  1.25959  -3.44881 -1.84381 105 DC X OP2   
724 O "O5'" . DC D 1  ? 7.02411 4.89595 9.23623  1.35969  -3.72485 -1.81236 105 DC X "O5'" 
725 C "C5'" . DC D 1  ? 7.33187 5.01414 9.28620  1.41819  -3.81029 -1.79695 105 DC X "C5'" 
726 C "C4'" . DC D 1  ? 7.44228 5.05690 9.15542  1.40844  -3.83859 -1.78667 105 DC X "C4'" 
727 O "O4'" . DC D 1  ? 7.17908 5.05468 9.09960  1.36262  -3.70056 -1.79946 105 DC X "O4'" 
728 C "C3'" . DC D 1  ? 7.61755 5.34261 8.97530  1.18039  -3.75501 -1.73405 105 DC X "C3'" 
729 O "O3'" . DC D 1  ? 7.90332 5.41777 8.82265  1.14920  -3.81246 -1.70723 105 DC X "O3'" 
730 C "C2'" . DC D 1  ? 7.38517 5.51572 8.86958  1.03733  -3.58370 -1.70258 105 DC X "C2'" 
731 C "C1'" . DC D 1  ? 7.17929 5.35872 8.91434  1.17330  -3.58312 -1.72455 105 DC X "C1'" 
732 N N1    . DC D 1  ? 6.83031 5.38519 8.86804  1.09567  -3.42058 -1.70149 105 DC X N1    
733 C C2    . DC D 1  ? 6.61046 5.43839 8.62790  1.02622  -3.31835 -1.64583 105 DC X C2    
734 O O2    . DC D 1  ? 6.82535 5.56765 8.58732  1.03772  -3.36948 -1.63159 105 DC X O2    
735 N N3    . DC D 1  ? 6.17453 5.35577 8.44564  0.94847  -3.16105 -1.60009 105 DC X N3    
736 C C4    . DC D 1  ? 5.96716 5.22552 8.48947  0.93283  -3.10072 -1.61330 105 DC X C4    
737 N N4    . DC D 1  ? 5.55828 5.16059 8.28893  0.84988  -2.93559 -1.55017 105 DC X N4    
738 C C5    . DC D 1  ? 6.17935 5.17002 8.73553  0.99838  -3.20196 -1.68168 105 DC X C5    
739 C C6    . DC D 1  ? 6.60442 5.25280 8.92221  1.08229  -3.36260 -1.72111 105 DC X C6    
740 P P     . DC D 2  ? 8.56080 6.01413 9.01585  0.92645  -3.73786 -1.67455 106 DC X P     
741 O OP1   . DC D 2  ? 8.96293 6.01974 9.10091  0.98595  -3.85863 -1.67358 106 DC X OP1   
742 O OP2   . DC D 2  ? 8.16863 5.82195 8.76740  0.78781  -3.62167 -1.68377 106 DC X OP2   
743 O "O5'" . DC D 2  ? 8.71988 6.38027 8.94904  0.80304  -3.64270 -1.62737 106 DC X "O5'" 
744 C "C5'" . DC D 2  ? 8.70825 6.74036 8.99142  0.62337  -3.48456 -1.59606 106 DC X "C5'" 
745 C "C4'" . DC D 2  ? 8.50400 6.84798 8.98886  0.65120  -3.42882 -1.56567 106 DC X "C4'" 
746 O "O4'" . DC D 2  ? 8.02243 6.62862 8.97818  0.69367  -3.37013 -1.57583 106 DC X "O4'" 
747 C "C3'" . DC D 2  ? 8.19983 6.81799 8.44113  0.45318  -3.29785 -1.50252 106 DC X "C3'" 
748 O "O3'" . DC D 2  ? 8.51191 7.01787 8.47098  0.48230  -3.33773 -1.48171 106 DC X "O3'" 
749 C "C2'" . DC D 2  ? 7.48164 6.53731 8.12263  0.43140  -3.18672 -1.47052 106 DC X "C2'" 
750 C "C1'" . DC D 2  ? 7.50029 6.48891 8.57360  0.61384  -3.24681 -1.52085 106 DC X "C1'" 
751 N N1    . DC D 2  ? 6.44058 5.73868 7.86796  0.54918  -3.12967 -1.50520 106 DC X N1    
752 C C2    . DC D 2  ? 6.31149 6.02729 7.89820  0.45135  -2.98236 -1.43434 106 DC X C2    
753 O O2    . DC D 2  ? 6.47555 6.30915 7.92142  0.41848  -2.95391 -1.39066 106 DC X O2    
754 N N3    . DC D 2  ? 5.96425 5.94747 7.84806  0.39068  -2.86718 -1.40858 106 DC X N3    
755 C C4    . DC D 2  ? 5.80073 5.65428 7.83420  0.42690  -2.89639 -1.46005 106 DC X C4    
756 N N4    . DC D 2  ? 5.42048 5.54872 7.73150  0.36166  -2.76889 -1.42812 106 DC X N4    
757 C C5    . DC D 2  ? 5.91948 5.35616 7.81476  0.53009  -3.05108 -1.53879 106 DC X C5    
758 C C6    . DC D 2  ? 6.21787 5.38792 7.80919  0.58847  -3.16236 -1.55368 106 DC X C6    
759 P P     . DC D 3  ? 7.63936 6.12629 7.08341  0.29181  -3.26319 -1.43375 107 DC X P     
760 O OP1   . DC D 3  ? 7.71618 6.36594 7.09859  0.30170  -3.23579 -1.39658 107 DC X OP1   
761 O OP2   . DC D 3  ? 8.00097 6.06889 7.11007  0.29879  -3.34183 -1.45621 107 DC X OP2   
762 O "O5'" . DC D 3  ? 7.15812 5.95716 6.62601  0.08217  -3.11250 -1.40406 107 DC X "O5'" 
763 C "C5'" . DC D 3  ? 7.01645 6.10254 6.30211  -0.08548 -2.98594 -1.34398 107 DC X "C5'" 
764 C "C4'" . DC D 3  ? 6.68588 6.19503 6.36982  -0.07000 -2.91859 -1.31007 107 DC X "C4'" 
765 O "O4'" . DC D 3  ? 6.35545 5.96263 6.46013  -0.00959 -2.92021 -1.33588 107 DC X "O4'" 
766 C "C3'" . DC D 3  ? 6.41841 6.30447 6.01059  -0.27592 -2.76449 -1.24474 107 DC X "C3'" 
767 O "O3'" . DC D 3  ? 6.65076 6.62970 6.06725  -0.28658 -2.74148 -1.20517 107 DC X "O3'" 
768 C "C2'" . DC D 3  ? 5.83280 6.09044 5.91817  -0.27165 -2.69413 -1.21960 107 DC X "C2'" 
769 C "C1'" . DC D 3  ? 5.87381 5.92045 6.27568  -0.07452 -2.80170 -1.28033 107 DC X "C1'" 
770 N N1    . DC D 3  ? 5.62689 5.80994 6.34526  -0.10658 -2.74841 -1.29116 107 DC X N1    
771 C C2    . DC D 3  ? 5.26967 5.88600 6.25782  -0.21118 -2.60459 -1.22498 107 DC X C2    
772 O O2    . DC D 3  ? 5.15433 6.04077 6.11825  -0.28166 -2.52499 -1.15635 107 DC X O2    
773 N N3    . DC D 3  ? 5.10339 5.82830 6.36552  -0.23541 -2.54995 -1.23214 107 DC X N3    
774 C C4    . DC D 3  ? 5.27026 5.69745 6.55956  -0.15703 -2.63832 -1.30918 107 DC X C4    
775 N N4    . DC D 3  ? 5.09876 5.65155 6.66243  -0.18524 -2.57331 -1.31569 107 DC X N4    
776 C C5    . DC D 3  ? 5.62725 5.61311 6.65683  -0.04734 -2.79024 -1.37583 107 DC X C5    
777 C C6    . DC D 3  ? 5.79393 5.67362 6.54341  -0.02623 -2.83723 -1.36031 107 DC X C6    
778 P P     . DT D 4  ? 6.83204 6.82532 5.75311  -0.47255 -2.64640 -1.16813 108 DT X P     
779 O OP1   . DT D 4  ? 7.06026 6.79564 5.70163  -0.38896 -2.71589 -1.17524 108 DT X OP1   
780 O OP2   . DT D 4  ? 7.17719 7.07488 5.90898  -0.60850 -2.59273 -1.18207 108 DT X OP2   
781 O "O5'" . DT D 4  ? 6.25903 6.74018 5.32675  -0.58499 -2.51672 -1.10293 108 DT X "O5'" 
782 C "C5'" . DT D 4  ? 5.86024 6.65896 5.39980  -0.56333 -2.48231 -1.07534 108 DT X "C5'" 
783 C "C4'" . DT D 4  ? 5.36873 6.56160 4.93008  -0.76415 -2.33004 -1.02156 108 DT X "C4'" 
784 O "O4'" . DT D 4  ? 5.14033 6.45625 5.03215  -0.78749 -2.30144 -1.01885 108 DT X "O4'" 
785 C "C3'" . DT D 4  ? 5.55229 6.69002 4.67998  -0.89584 -2.25069 -1.05662 108 DT X "C3'" 
786 O "O3'" . DT D 4  ? 5.36974 6.71746 4.55481  -0.91068 -2.16618 -1.03573 108 DT X "O3'" 
787 C "C2'" . DT D 4  ? 5.62324 6.59938 4.76944  -0.94819 -2.25927 -1.08919 108 DT X "C2'" 
788 C "C1'" . DT D 4  ? 5.24381 6.53277 4.90689  -0.93726 -2.23662 -1.05391 108 DT X "C1'" 
789 N N1    . DT D 4  ? 5.26601 6.37555 5.12137  -0.89430 -2.29067 -1.09404 108 DT X N1    
790 C C2    . DT D 4  ? 4.96214 6.37012 5.16767  -0.96516 -2.20344 -1.06164 108 DT X C2    
791 O O2    . DT D 4  ? 4.68671 6.47576 5.03937  -1.07340 -2.08414 -0.97647 108 DT X O2    
792 N N3    . DT D 4  ? 5.00336 6.22956 5.37642  -0.90540 -2.25153 -1.11579 108 DT X N3    
793 C C4    . DT D 4  ? 5.31024 6.09299 5.54397  -0.78413 -2.38234 -1.19792 108 DT X C4    
794 O O4    . DT D 4  ? 5.31696 5.97565 5.73329  -0.73547 -2.41358 -1.24654 108 DT X O4    
795 C C5    . DT D 4  ? 5.62394 6.10407 5.48370  -0.71983 -2.47013 -1.21521 108 DT X C5    
796 C C7    . DT D 4  ? 5.97604 5.96802 5.65626  -0.59104 -2.60667 -1.28496 108 DT X C7    
797 C C6    . DT D 4  ? 5.58818 6.24560 5.27521  -0.77948 -2.41671 -1.16198 108 DT X C6    
798 P P     . DG D 5  ? 5.86054 7.03346 4.55458  -1.00413 -2.06952 -0.94582 109 DG X P     
799 O OP1   . DG D 5  ? 5.94323 7.17626 4.65862  -0.88917 -2.12091 -0.95836 109 DG X OP1   
800 O OP2   . DG D 5  ? 6.10800 6.96835 4.39816  -1.05781 -2.06437 -0.97223 109 DG X OP2   
801 O "O5'" . DG D 5  ? 5.46032 6.89158 4.21273  -1.19475 -1.85243 -0.80589 109 DG X "O5'" 
802 C "C5'" . DG D 5  ? 5.34685 6.72099 3.85583  -1.36252 -1.71249 -0.75800 109 DG X "C5'" 
803 C "C4'" . DG D 5  ? 4.90414 6.57085 3.75040  -1.46032 -1.60268 -0.71285 109 DG X "C4'" 
804 O "O4'" . DG D 5  ? 4.88587 6.52493 4.08428  -1.34004 -1.76252 -0.80610 109 DG X "O4'" 
805 C "C3'" . DG D 5  ? 4.99441 6.62845 3.61141  -1.64124 -1.44798 -0.66789 109 DG X "C3'" 
806 O "O3'" . DG D 5  ? 4.89583 6.75073 3.39236  -1.79083 -1.23018 -0.54638 109 DG X "O3'" 
807 C "C2'" . DG D 5  ? 4.76045 6.55991 3.76970  -1.64868 -1.45212 -0.69624 109 DG X "C2'" 
808 C "C1'" . DG D 5  ? 4.66724 6.42365 4.02381  -1.44446 -1.66856 -0.78967 109 DG X "C1'" 
809 N N9    . DG D 5  ? 4.82677 6.32435 4.21269  -1.37154 -1.82964 -0.90707 109 DG X N9    
810 C C8    . DG D 5  ? 5.15914 6.31232 4.29711  -1.26934 -1.99182 -1.00551 109 DG X C8    
811 N N7    . DG D 5  ? 5.20461 6.21015 4.45504  -1.22556 -2.08841 -1.09921 109 DG X N7    
812 C C5    . DG D 5  ? 4.92340 6.17414 4.52811  -1.29242 -2.00840 -1.07016 109 DG X C5    
813 C C6    . DG D 5  ? 4.84861 6.09330 4.72388  -1.28369 -2.04521 -1.14254 109 DG X C6    
814 O O6    . DG D 5  ? 5.05114 6.00959 4.86703  -1.22950 -2.14415 -1.20710 109 DG X O6    
815 N N1    . DG D 5  ? 4.53983 6.08413 4.74454  -1.35982 -1.91247 -1.06148 109 DG X N1    
816 C C2    . DG D 5  ? 4.32408 6.17279 4.57523  -1.43949 -1.73069 -0.93223 109 DG X C2    
817 N N2    . DG D 5  ? 4.04419 6.16568 4.61322  -1.49165 -1.58451 -0.86766 109 DG X N2    
818 N N3    . DG D 5  ? 4.38394 6.26026 4.38544  -1.45764 -1.68599 -0.87222 109 DG X N3    
819 C C4    . DG D 5  ? 4.68875 6.25009 4.37735  -1.38155 -1.83839 -0.94519 109 DG X C4    
820 P P     . DT D 6  ? 5.73453 7.39871 3.75621  -1.93053 -1.09549 -0.48884 110 DT X P     
821 O OP1   . DT D 6  ? 5.35507 7.34445 3.42708  -2.10784 -0.85879 -0.36887 110 DT X OP1   
822 O OP2   . DT D 6  ? 6.19141 7.58830 3.94143  -1.82398 -1.19238 -0.51577 110 DT X OP2   
823 O "O5'" . DT D 6  ? 5.84233 7.24681 3.72838  -1.96330 -1.14353 -0.55596 110 DT X "O5'" 
824 C "C5'" . DT D 6  ? 5.57099 7.08583 3.41818  -2.13916 -0.97115 -0.50235 110 DT X "C5'" 
825 C "C4'" . DT D 6  ? 5.20646 7.04852 3.47734  -2.16203 -0.93426 -0.50369 110 DT X "C4'" 
826 O "O4'" . DT D 6  ? 5.19811 6.92277 3.72768  -1.99997 -1.14540 -0.61895 110 DT X "O4'" 
827 C "C3'" . DT D 6  ? 5.17434 7.10047 3.42628  -2.32302 -0.78380 -0.47756 110 DT X "C3'" 
828 O "O3'" . DT D 6  ? 4.81177 7.14661 3.39766  -2.37433 -0.65028 -0.41174 110 DT X "O3'" 
829 C "C2'" . DT D 6  ? 5.32582 6.98383 3.63808  -2.23799 -0.95223 -0.60408 110 DT X "C2'" 
830 C "C1'" . DT D 6  ? 5.17273 6.87609 3.82845  -2.04811 -1.13778 -0.66740 110 DT X "C1'" 
831 N N1    . DT D 6  ? 5.38756 6.74417 4.04398  -1.90964 -1.36519 -0.80011 110 DT X N1    
832 C C2    . DT D 6  ? 5.28106 6.65076 4.25503  -1.87538 -1.43109 -0.87610 110 DT X C2    
833 O O2    . DT D 6  ? 5.02209 6.67080 4.27816  -1.94474 -1.30840 -0.83849 110 DT X O2    
834 N N3    . DT D 6  ? 5.51528 6.55042 4.46948  -1.74819 -1.63972 -0.99623 110 DT X N3    
835 C C4    . DT D 6  ? 5.96763 6.66723 4.61591  -1.64679 -1.77980 -1.04247 110 DT X C4    
836 O O4    . DT D 6  ? 6.24088 6.65416 4.89931  -1.53134 -1.94889 -1.14423 110 DT X O4    
837 C C5    . DT D 6  ? 6.09895 6.81201 4.42973  -1.68048 -1.69678 -0.95602 110 DT X C5    
838 C C7    . DT D 6  ? 6.57610 6.96312 4.58235  -1.56844 -1.81703 -0.99086 110 DT X C7    
839 C C6    . DT D 6  ? 5.78319 6.81676 4.13844  -1.81043 -1.49860 -0.84202 110 DT X C6    
840 P P     . DG D 7  ? 5.06510 7.68098 3.52877  -2.57198 -0.38046 -0.27768 111 DG X P     
841 O OP1   . DG D 7  ? 4.74424 7.71280 3.51083  -2.51971 -0.30415 -0.21319 111 DG X OP1   
842 O OP2   . DG D 7  ? 5.29620 7.75140 3.41617  -2.65787 -0.32588 -0.22804 111 DG X OP2   
843 O "O5'" . DG D 7  ? 4.99919 7.59103 3.41304  -2.68610 -0.28958 -0.29803 111 DG X "O5'" 
844 C "C5'" . DG D 7  ? 5.31908 7.58865 3.41073  -2.76661 -0.30162 -0.33689 111 DG X "C5'" 
845 C "C4'" . DG D 7  ? 5.36209 7.53474 3.55507  -2.76400 -0.34194 -0.42580 111 DG X "C4'" 
846 O "O4'" . DG D 7  ? 5.38431 7.38593 3.80261  -2.58140 -0.57171 -0.54206 111 DG X "O4'" 
847 C "C3'" . DG D 7  ? 5.68743 7.54122 3.54111  -2.85990 -0.32041 -0.45827 111 DG X "C3'" 
848 O "O3'" . DG D 7  ? 5.62495 7.66859 3.37180  -3.05483 -0.09043 -0.36671 111 DG X "O3'" 
849 C "C2'" . DG D 7  ? 5.72058 7.43196 3.77316  -2.77638 -0.45061 -0.58422 111 DG X "C2'" 
850 C "C1'" . DG D 7  ? 5.58863 7.31757 3.94466  -2.58465 -0.64377 -0.64093 111 DG X "C1'" 
851 N N9    . DG D 7  ? 5.90722 7.22842 4.07637  -2.45609 -0.85520 -0.73080 111 DG X N9    
852 C C8    . DG D 7  ? 6.23958 7.35229 4.08200  -2.41465 -0.90394 -0.70259 111 DG X C8    
853 N N7    . DG D 7  ? 6.62080 7.37371 4.35229  -2.27846 -1.10076 -0.79671 111 DG X N7    
854 C C5    . DG D 7  ? 6.53721 7.24751 4.54222  -2.23585 -1.19116 -0.89674 111 DG X C5    
855 C C6    . DG D 7  ? 6.83332 7.20751 4.87598  -2.10154 -1.39821 -1.02195 111 DG X C6    
856 O O6    . DG D 7  ? 7.24521 7.28708 5.06367  -1.98899 -1.54414 -1.06661 111 DG X O6    
857 N N1    . DG D 7  ? 6.61221 7.06553 5.00609  -2.10025 -1.41912 -1.09381 111 DG X N1    
858 C C2    . DG D 7  ? 6.15819 6.97984 4.83269  -2.20670 -1.25514 -1.04658 111 DG X C2    
859 N N2    . DG D 7  ? 6.00349 6.85145 5.02142  -2.17423 -1.29625 -1.12653 111 DG X N2    
860 N N3    . DG D 7  ? 5.88251 7.02280 4.51143  -2.32821 -1.05836 -0.92509 111 DG X N3    
861 C C4    . DG D 7  ? 6.09443 7.15519 4.38258  -2.34074 -1.04044 -0.85799 111 DG X C4    
# 
